data_2DKX
#
_entry.id   2DKX
#
_cell.length_a   1.000
_cell.length_b   1.000
_cell.length_c   1.000
_cell.angle_alpha   90.00
_cell.angle_beta   90.00
_cell.angle_gamma   90.00
#
_symmetry.space_group_name_H-M   'P 1'
#
_entity_poly.entity_id   1
_entity_poly.type   'polypeptide(L)'
_entity_poly.pdbx_seq_one_letter_code
;GSSGSSGLKDIETACKLLNITADPMDWSPSNVQKWLLWTEHQYRLPPMGKAFQELAGKELCAMSEEQFRQRSPLGGDVLH
AHLDIWKSAASGPSSG
;
_entity_poly.pdbx_strand_id   A
#
# COMPACT_ATOMS: atom_id res chain seq x y z
N GLY A 1 1.95 -7.03 21.67
CA GLY A 1 1.47 -8.16 20.90
C GLY A 1 1.19 -7.81 19.45
N SER A 2 -0.07 -7.50 19.15
CA SER A 2 -0.46 -7.14 17.79
C SER A 2 -0.16 -5.68 17.51
N SER A 3 -0.74 -4.79 18.31
CA SER A 3 -0.54 -3.35 18.14
C SER A 3 0.88 -2.96 18.53
N GLY A 4 1.42 -1.96 17.84
CA GLY A 4 2.77 -1.50 18.12
C GLY A 4 2.81 -0.02 18.45
N SER A 5 3.57 0.72 17.65
CA SER A 5 3.70 2.16 17.86
C SER A 5 2.70 2.93 17.02
N SER A 6 2.30 4.10 17.50
CA SER A 6 1.34 4.93 16.78
C SER A 6 1.68 5.01 15.30
N GLY A 7 0.68 5.37 14.49
CA GLY A 7 0.90 5.47 13.05
C GLY A 7 0.13 4.42 12.28
N LEU A 8 0.47 3.16 12.49
CA LEU A 8 -0.20 2.07 11.81
C LEU A 8 -1.62 1.86 12.35
N LYS A 9 -1.89 2.45 13.50
CA LYS A 9 -3.21 2.34 14.12
C LYS A 9 -4.32 2.55 13.10
N ASP A 10 -4.05 3.42 12.12
CA ASP A 10 -5.03 3.71 11.08
C ASP A 10 -4.95 2.67 9.96
N ILE A 11 -3.77 2.07 9.80
CA ILE A 11 -3.55 1.07 8.76
C ILE A 11 -4.46 -0.14 8.98
N GLU A 12 -4.42 -0.70 10.18
CA GLU A 12 -5.23 -1.86 10.52
C GLU A 12 -6.69 -1.63 10.13
N THR A 13 -7.18 -0.42 10.39
CA THR A 13 -8.56 -0.06 10.07
C THR A 13 -8.85 -0.24 8.59
N ALA A 14 -7.80 -0.16 7.78
CA ALA A 14 -7.94 -0.30 6.34
C ALA A 14 -7.75 -1.76 5.92
N CYS A 15 -7.24 -2.57 6.82
CA CYS A 15 -7.02 -3.98 6.54
C CYS A 15 -8.17 -4.84 7.05
N LYS A 16 -9.05 -4.23 7.83
CA LYS A 16 -10.20 -4.92 8.39
C LYS A 16 -11.24 -5.20 7.31
N LEU A 17 -11.65 -4.15 6.61
CA LEU A 17 -12.65 -4.29 5.55
C LEU A 17 -12.01 -4.85 4.28
N LEU A 18 -10.70 -4.98 4.30
CA LEU A 18 -9.97 -5.52 3.15
C LEU A 18 -9.53 -6.96 3.40
N ASN A 19 -9.51 -7.34 4.67
CA ASN A 19 -9.11 -8.70 5.04
C ASN A 19 -7.69 -9.00 4.57
N ILE A 20 -6.80 -8.02 4.72
CA ILE A 20 -5.41 -8.18 4.31
C ILE A 20 -4.47 -7.99 5.49
N THR A 21 -3.17 -8.05 5.21
CA THR A 21 -2.15 -7.89 6.25
C THR A 21 -1.61 -6.46 6.26
N ALA A 22 -1.49 -5.89 7.45
CA ALA A 22 -0.98 -4.53 7.59
C ALA A 22 0.30 -4.34 6.80
N ASP A 23 1.07 -5.41 6.66
CA ASP A 23 2.33 -5.36 5.91
C ASP A 23 2.08 -5.42 4.41
N PRO A 24 2.49 -4.36 3.70
CA PRO A 24 2.32 -4.28 2.24
C PRO A 24 3.21 -5.26 1.50
N MET A 25 4.39 -5.53 2.06
CA MET A 25 5.33 -6.47 1.44
C MET A 25 4.83 -7.90 1.56
N ASP A 26 3.73 -8.09 2.28
CA ASP A 26 3.14 -9.41 2.46
C ASP A 26 1.88 -9.57 1.62
N TRP A 27 1.45 -8.48 1.00
CA TRP A 27 0.24 -8.50 0.17
C TRP A 27 0.31 -9.62 -0.86
N SER A 28 -0.44 -10.69 -0.60
CA SER A 28 -0.45 -11.84 -1.50
C SER A 28 -1.67 -12.72 -1.24
N PRO A 29 -2.06 -13.50 -2.25
CA PRO A 29 -1.38 -13.53 -3.55
C PRO A 29 -1.59 -12.23 -4.34
N SER A 30 -2.84 -11.79 -4.41
CA SER A 30 -3.17 -10.57 -5.14
C SER A 30 -3.82 -9.54 -4.21
N ASN A 31 -3.36 -9.51 -2.96
CA ASN A 31 -3.90 -8.58 -1.98
C ASN A 31 -3.72 -7.13 -2.44
N VAL A 32 -2.63 -6.88 -3.16
CA VAL A 32 -2.35 -5.54 -3.67
C VAL A 32 -3.59 -4.90 -4.25
N GLN A 33 -4.33 -5.65 -5.05
CA GLN A 33 -5.55 -5.15 -5.67
C GLN A 33 -6.47 -4.53 -4.63
N LYS A 34 -6.51 -5.13 -3.45
CA LYS A 34 -7.35 -4.64 -2.36
C LYS A 34 -6.87 -3.27 -1.89
N TRP A 35 -5.58 -3.18 -1.58
CA TRP A 35 -4.99 -1.93 -1.11
C TRP A 35 -5.09 -0.85 -2.17
N LEU A 36 -5.29 -1.26 -3.42
CA LEU A 36 -5.41 -0.32 -4.53
C LEU A 36 -6.82 0.27 -4.59
N LEU A 37 -7.78 -0.56 -4.94
CA LEU A 37 -9.18 -0.12 -5.04
C LEU A 37 -9.60 0.63 -3.79
N TRP A 38 -8.92 0.34 -2.68
CA TRP A 38 -9.23 0.99 -1.41
C TRP A 38 -8.97 2.50 -1.49
N THR A 39 -7.70 2.88 -1.51
CA THR A 39 -7.32 4.28 -1.58
C THR A 39 -7.72 4.88 -2.93
N GLU A 40 -7.68 4.06 -3.97
CA GLU A 40 -8.03 4.51 -5.31
C GLU A 40 -9.40 5.19 -5.32
N HIS A 41 -10.27 4.76 -4.42
CA HIS A 41 -11.61 5.32 -4.31
C HIS A 41 -11.63 6.51 -3.36
N GLN A 42 -10.59 6.63 -2.55
CA GLN A 42 -10.48 7.73 -1.60
C GLN A 42 -9.74 8.92 -2.21
N TYR A 43 -9.07 8.68 -3.34
CA TYR A 43 -8.33 9.73 -4.02
C TYR A 43 -8.83 9.92 -5.44
N ARG A 44 -9.84 9.14 -5.82
CA ARG A 44 -10.41 9.21 -7.15
C ARG A 44 -9.36 8.90 -8.21
N LEU A 45 -8.59 7.85 -7.98
CA LEU A 45 -7.54 7.44 -8.91
C LEU A 45 -8.08 6.44 -9.93
N PRO A 46 -7.40 6.36 -11.09
CA PRO A 46 -7.80 5.44 -12.16
C PRO A 46 -7.54 3.97 -11.79
N PRO A 47 -8.05 3.06 -12.63
CA PRO A 47 -7.88 1.62 -12.42
C PRO A 47 -6.44 1.16 -12.64
N MET A 48 -5.73 0.92 -11.54
CA MET A 48 -4.35 0.48 -11.61
C MET A 48 -4.26 -1.03 -11.47
N GLY A 49 -5.25 -1.63 -10.83
CA GLY A 49 -5.27 -3.07 -10.64
C GLY A 49 -4.76 -3.82 -11.87
N LYS A 50 -5.06 -3.28 -13.04
CA LYS A 50 -4.62 -3.91 -14.30
C LYS A 50 -3.13 -3.72 -14.51
N ALA A 51 -2.62 -2.55 -14.13
CA ALA A 51 -1.21 -2.24 -14.28
C ALA A 51 -0.38 -2.93 -13.21
N PHE A 52 -0.98 -3.13 -12.04
CA PHE A 52 -0.29 -3.80 -10.93
C PHE A 52 -0.77 -5.24 -10.79
N GLN A 53 -1.68 -5.64 -11.65
CA GLN A 53 -2.22 -7.00 -11.62
C GLN A 53 -1.09 -8.02 -11.43
N GLU A 54 0.04 -7.76 -12.05
CA GLU A 54 1.19 -8.66 -11.95
C GLU A 54 2.04 -8.33 -10.72
N LEU A 55 1.98 -7.07 -10.29
CA LEU A 55 2.73 -6.62 -9.12
C LEU A 55 2.18 -7.24 -7.84
N ALA A 56 3.04 -7.41 -6.85
CA ALA A 56 2.64 -7.99 -5.58
C ALA A 56 3.05 -7.09 -4.42
N GLY A 57 2.79 -7.55 -3.19
CA GLY A 57 3.14 -6.78 -2.01
C GLY A 57 4.60 -6.37 -2.00
N LYS A 58 5.48 -7.35 -2.13
CA LYS A 58 6.93 -7.09 -2.13
C LYS A 58 7.29 -6.09 -3.21
N GLU A 59 6.94 -6.41 -4.45
CA GLU A 59 7.24 -5.54 -5.57
C GLU A 59 6.88 -4.08 -5.25
N LEU A 60 5.59 -3.82 -5.10
CA LEU A 60 5.11 -2.49 -4.78
C LEU A 60 6.06 -1.77 -3.84
N CYS A 61 6.29 -2.37 -2.67
CA CYS A 61 7.19 -1.80 -1.67
C CYS A 61 8.63 -1.76 -2.20
N ALA A 62 8.95 -2.70 -3.07
CA ALA A 62 10.29 -2.78 -3.65
C ALA A 62 10.45 -1.81 -4.81
N MET A 63 9.35 -1.19 -5.23
CA MET A 63 9.37 -0.25 -6.33
C MET A 63 9.70 1.16 -5.83
N SER A 64 9.71 2.12 -6.75
CA SER A 64 10.03 3.50 -6.41
C SER A 64 8.96 4.45 -6.94
N GLU A 65 8.74 5.56 -6.23
CA GLU A 65 7.75 6.54 -6.63
C GLU A 65 7.64 6.63 -8.16
N GLU A 66 8.75 7.01 -8.79
CA GLU A 66 8.78 7.13 -10.25
C GLU A 66 8.18 5.90 -10.91
N GLN A 67 8.52 4.73 -10.40
CA GLN A 67 8.01 3.48 -10.94
C GLN A 67 6.48 3.45 -10.90
N PHE A 68 5.92 3.81 -9.75
CA PHE A 68 4.47 3.82 -9.58
C PHE A 68 3.82 4.79 -10.56
N ARG A 69 4.58 5.78 -11.01
CA ARG A 69 4.07 6.77 -11.95
C ARG A 69 4.24 6.29 -13.39
N GLN A 70 5.13 5.33 -13.58
CA GLN A 70 5.38 4.77 -14.91
C GLN A 70 4.19 3.95 -15.39
N ARG A 71 3.40 3.44 -14.45
CA ARG A 71 2.23 2.63 -14.76
C ARG A 71 0.95 3.43 -14.58
N SER A 72 0.98 4.37 -13.65
CA SER A 72 -0.19 5.20 -13.37
C SER A 72 0.21 6.67 -13.25
N PRO A 73 0.00 7.43 -14.34
CA PRO A 73 0.33 8.86 -14.37
C PRO A 73 -0.59 9.70 -13.49
N LEU A 74 -1.89 9.47 -13.61
CA LEU A 74 -2.88 10.20 -12.83
C LEU A 74 -2.70 9.93 -11.34
N GLY A 75 -2.08 8.79 -11.02
CA GLY A 75 -1.85 8.43 -9.63
C GLY A 75 -0.37 8.33 -9.30
N GLY A 76 0.21 7.16 -9.55
CA GLY A 76 1.62 6.97 -9.26
C GLY A 76 2.01 7.48 -7.90
N ASP A 77 2.48 8.72 -7.85
CA ASP A 77 2.89 9.34 -6.60
C ASP A 77 1.93 8.96 -5.47
N VAL A 78 0.65 8.89 -5.79
CA VAL A 78 -0.38 8.55 -4.80
C VAL A 78 -0.09 7.19 -4.18
N LEU A 79 0.14 6.19 -5.03
CA LEU A 79 0.42 4.84 -4.56
C LEU A 79 1.67 4.82 -3.69
N HIS A 80 2.81 5.19 -4.29
CA HIS A 80 4.07 5.21 -3.57
C HIS A 80 3.96 6.04 -2.30
N ALA A 81 2.98 6.94 -2.26
CA ALA A 81 2.76 7.79 -1.10
C ALA A 81 1.95 7.07 -0.03
N HIS A 82 0.68 6.80 -0.34
CA HIS A 82 -0.20 6.12 0.60
C HIS A 82 0.40 4.79 1.04
N LEU A 83 1.42 4.34 0.31
CA LEU A 83 2.08 3.07 0.63
C LEU A 83 3.18 3.28 1.68
N ASP A 84 3.96 4.34 1.50
CA ASP A 84 5.04 4.65 2.43
C ASP A 84 4.59 4.43 3.88
N ILE A 85 3.39 4.90 4.20
CA ILE A 85 2.85 4.76 5.54
C ILE A 85 2.81 3.30 5.97
N TRP A 86 2.48 2.42 5.02
CA TRP A 86 2.40 0.99 5.31
C TRP A 86 3.79 0.39 5.43
N LYS A 87 4.53 0.38 4.32
CA LYS A 87 5.89 -0.17 4.31
C LYS A 87 6.69 0.33 5.49
N SER A 88 6.54 1.62 5.80
CA SER A 88 7.26 2.22 6.92
C SER A 88 6.89 1.55 8.23
N ALA A 89 5.60 1.31 8.43
CA ALA A 89 5.11 0.65 9.63
C ALA A 89 5.42 -0.84 9.62
N ALA A 90 5.55 -1.40 8.43
CA ALA A 90 5.84 -2.81 8.28
C ALA A 90 7.32 -3.09 8.45
N SER A 91 8.13 -2.04 8.35
CA SER A 91 9.58 -2.17 8.49
C SER A 91 10.00 -1.98 9.94
N GLY A 92 9.17 -2.48 10.86
CA GLY A 92 9.47 -2.37 12.27
C GLY A 92 9.17 -1.00 12.82
N PRO A 93 8.81 -0.93 14.12
CA PRO A 93 8.48 0.33 14.79
C PRO A 93 9.71 1.20 14.99
N SER A 94 10.81 0.59 15.41
CA SER A 94 12.05 1.32 15.66
C SER A 94 13.15 0.84 14.71
N SER A 95 13.39 -0.46 14.69
CA SER A 95 14.42 -1.04 13.83
C SER A 95 13.87 -2.23 13.05
N GLY A 96 14.11 -2.23 11.75
CA GLY A 96 13.62 -3.31 10.90
C GLY A 96 14.00 -3.12 9.44
N GLY A 1 1.87 -1.94 26.68
CA GLY A 1 1.67 -2.94 25.65
C GLY A 1 2.24 -2.53 24.31
N SER A 2 2.87 -3.48 23.63
CA SER A 2 3.48 -3.21 22.33
C SER A 2 2.53 -2.39 21.45
N SER A 3 1.33 -2.92 21.23
CA SER A 3 0.34 -2.23 20.41
C SER A 3 -0.36 -1.13 21.21
N GLY A 4 0.20 0.07 21.14
CA GLY A 4 -0.38 1.20 21.86
C GLY A 4 0.28 2.52 21.49
N SER A 5 0.59 2.69 20.21
CA SER A 5 1.23 3.91 19.74
C SER A 5 0.86 4.18 18.28
N SER A 6 0.81 5.45 17.91
CA SER A 6 0.47 5.85 16.55
C SER A 6 1.31 5.07 15.53
N GLY A 7 1.01 5.27 14.26
CA GLY A 7 1.75 4.60 13.20
C GLY A 7 0.84 3.83 12.26
N LEU A 8 0.58 2.57 12.59
CA LEU A 8 -0.28 1.73 11.76
C LEU A 8 -1.69 1.67 12.34
N LYS A 9 -1.92 2.40 13.42
CA LYS A 9 -3.23 2.44 14.05
C LYS A 9 -4.34 2.64 13.02
N ASP A 10 -4.04 3.42 12.00
CA ASP A 10 -5.01 3.70 10.93
C ASP A 10 -4.90 2.66 9.82
N ILE A 11 -3.72 2.05 9.69
CA ILE A 11 -3.50 1.04 8.67
C ILE A 11 -4.39 -0.18 8.90
N GLU A 12 -4.37 -0.70 10.11
CA GLU A 12 -5.17 -1.86 10.46
C GLU A 12 -6.63 -1.65 10.07
N THR A 13 -7.15 -0.47 10.38
CA THR A 13 -8.53 -0.14 10.08
C THR A 13 -8.82 -0.30 8.59
N ALA A 14 -7.78 -0.18 7.78
CA ALA A 14 -7.91 -0.31 6.33
C ALA A 14 -7.68 -1.75 5.89
N CYS A 15 -7.14 -2.57 6.80
CA CYS A 15 -6.87 -3.96 6.49
C CYS A 15 -8.00 -4.86 6.99
N LYS A 16 -8.90 -4.28 7.78
CA LYS A 16 -10.03 -5.03 8.32
C LYS A 16 -11.07 -5.31 7.24
N LEU A 17 -11.57 -4.25 6.63
CA LEU A 17 -12.58 -4.39 5.58
C LEU A 17 -11.94 -4.89 4.28
N LEU A 18 -10.62 -5.04 4.30
CA LEU A 18 -9.89 -5.52 3.12
C LEU A 18 -9.48 -6.97 3.31
N ASN A 19 -9.41 -7.42 4.56
CA ASN A 19 -9.01 -8.78 4.88
C ASN A 19 -7.59 -9.07 4.41
N ILE A 20 -6.70 -8.11 4.64
CA ILE A 20 -5.30 -8.26 4.25
C ILE A 20 -4.37 -8.05 5.43
N THR A 21 -3.07 -8.18 5.19
CA THR A 21 -2.07 -8.01 6.24
C THR A 21 -1.54 -6.58 6.26
N ALA A 22 -1.39 -6.02 7.46
CA ALA A 22 -0.89 -4.66 7.61
C ALA A 22 0.42 -4.46 6.84
N ASP A 23 1.12 -5.56 6.58
CA ASP A 23 2.38 -5.50 5.85
C ASP A 23 2.13 -5.57 4.35
N PRO A 24 2.57 -4.52 3.63
CA PRO A 24 2.42 -4.45 2.17
C PRO A 24 3.31 -5.45 1.44
N MET A 25 4.47 -5.73 2.01
CA MET A 25 5.41 -6.67 1.41
C MET A 25 4.89 -8.09 1.51
N ASP A 26 3.77 -8.26 2.21
CA ASP A 26 3.16 -9.58 2.39
C ASP A 26 1.90 -9.71 1.55
N TRP A 27 1.50 -8.62 0.92
CA TRP A 27 0.30 -8.61 0.09
C TRP A 27 0.37 -9.72 -0.97
N SER A 28 -0.42 -10.77 -0.76
CA SER A 28 -0.44 -11.89 -1.69
C SER A 28 -1.62 -12.81 -1.40
N PRO A 29 -1.99 -13.64 -2.39
CA PRO A 29 -1.31 -13.67 -3.69
C PRO A 29 -1.57 -12.41 -4.51
N SER A 30 -2.76 -11.84 -4.35
CA SER A 30 -3.14 -10.63 -5.08
C SER A 30 -3.82 -9.63 -4.15
N ASN A 31 -3.27 -9.49 -2.94
CA ASN A 31 -3.82 -8.57 -1.96
C ASN A 31 -3.66 -7.12 -2.43
N VAL A 32 -2.62 -6.87 -3.21
CA VAL A 32 -2.36 -5.53 -3.73
C VAL A 32 -3.62 -4.92 -4.33
N GLN A 33 -4.30 -5.69 -5.17
CA GLN A 33 -5.53 -5.23 -5.81
C GLN A 33 -6.47 -4.59 -4.80
N LYS A 34 -6.43 -5.09 -3.57
CA LYS A 34 -7.29 -4.56 -2.51
C LYS A 34 -6.78 -3.20 -2.04
N TRP A 35 -5.55 -3.16 -1.55
CA TRP A 35 -4.96 -1.92 -1.07
C TRP A 35 -5.08 -0.81 -2.12
N LEU A 36 -5.34 -1.21 -3.36
CA LEU A 36 -5.48 -0.26 -4.46
C LEU A 36 -6.90 0.32 -4.50
N LEU A 37 -7.87 -0.53 -4.83
CA LEU A 37 -9.26 -0.11 -4.91
C LEU A 37 -9.66 0.65 -3.64
N TRP A 38 -8.88 0.47 -2.58
CA TRP A 38 -9.17 1.14 -1.31
C TRP A 38 -8.90 2.64 -1.41
N THR A 39 -7.62 3.01 -1.45
CA THR A 39 -7.23 4.41 -1.56
C THR A 39 -7.63 4.99 -2.91
N GLU A 40 -7.57 4.16 -3.95
CA GLU A 40 -7.91 4.59 -5.29
C GLU A 40 -9.29 5.26 -5.32
N HIS A 41 -10.15 4.85 -4.40
CA HIS A 41 -11.50 5.41 -4.31
C HIS A 41 -11.53 6.60 -3.36
N GLN A 42 -10.49 6.72 -2.54
CA GLN A 42 -10.41 7.82 -1.57
C GLN A 42 -9.65 9.01 -2.17
N TYR A 43 -9.03 8.79 -3.32
CA TYR A 43 -8.27 9.84 -3.99
C TYR A 43 -8.77 10.04 -5.42
N ARG A 44 -9.75 9.25 -5.81
CA ARG A 44 -10.31 9.35 -7.16
C ARG A 44 -9.27 9.00 -8.21
N LEU A 45 -8.50 7.95 -7.95
CA LEU A 45 -7.46 7.51 -8.88
C LEU A 45 -8.01 6.49 -9.87
N PRO A 46 -7.35 6.39 -11.03
CA PRO A 46 -7.75 5.47 -12.09
C PRO A 46 -7.50 4.01 -11.71
N PRO A 47 -8.02 3.08 -12.53
CA PRO A 47 -7.87 1.64 -12.30
C PRO A 47 -6.44 1.17 -12.52
N MET A 48 -5.69 1.04 -11.42
CA MET A 48 -4.31 0.60 -11.49
C MET A 48 -4.22 -0.92 -11.35
N GLY A 49 -5.19 -1.51 -10.66
CA GLY A 49 -5.20 -2.94 -10.47
C GLY A 49 -4.77 -3.70 -11.71
N LYS A 50 -5.26 -3.26 -12.86
CA LYS A 50 -4.93 -3.90 -14.13
C LYS A 50 -3.45 -3.73 -14.45
N ALA A 51 -2.89 -2.59 -14.06
CA ALA A 51 -1.48 -2.31 -14.31
C ALA A 51 -0.60 -2.87 -13.19
N PHE A 52 -1.23 -3.23 -12.07
CA PHE A 52 -0.51 -3.77 -10.93
C PHE A 52 -0.84 -5.25 -10.73
N GLN A 53 -1.63 -5.80 -11.65
CA GLN A 53 -2.03 -7.20 -11.57
C GLN A 53 -0.81 -8.10 -11.42
N GLU A 54 0.26 -7.78 -12.14
CA GLU A 54 1.49 -8.56 -12.08
C GLU A 54 2.30 -8.21 -10.84
N LEU A 55 2.09 -7.00 -10.32
CA LEU A 55 2.80 -6.54 -9.13
C LEU A 55 2.25 -7.21 -7.87
N ALA A 56 3.11 -7.36 -6.86
CA ALA A 56 2.70 -7.98 -5.61
C ALA A 56 3.10 -7.12 -4.42
N GLY A 57 2.84 -7.62 -3.21
CA GLY A 57 3.18 -6.89 -2.01
C GLY A 57 4.64 -6.47 -1.98
N LYS A 58 5.53 -7.43 -2.16
CA LYS A 58 6.97 -7.16 -2.14
C LYS A 58 7.33 -6.13 -3.21
N GLU A 59 7.02 -6.44 -4.46
CA GLU A 59 7.32 -5.54 -5.57
C GLU A 59 6.95 -4.09 -5.20
N LEU A 60 5.66 -3.85 -5.03
CA LEU A 60 5.17 -2.52 -4.69
C LEU A 60 6.13 -1.83 -3.71
N CYS A 61 6.33 -2.44 -2.55
CA CYS A 61 7.22 -1.88 -1.54
C CYS A 61 8.65 -1.80 -2.06
N ALA A 62 8.99 -2.69 -3.00
CA ALA A 62 10.32 -2.72 -3.57
C ALA A 62 10.44 -1.77 -4.75
N MET A 63 9.32 -1.17 -5.13
CA MET A 63 9.29 -0.23 -6.24
C MET A 63 9.61 1.18 -5.77
N SER A 64 9.69 2.13 -6.71
CA SER A 64 9.99 3.51 -6.39
C SER A 64 8.90 4.44 -6.93
N GLU A 65 8.71 5.57 -6.25
CA GLU A 65 7.71 6.54 -6.67
C GLU A 65 7.60 6.59 -8.18
N GLU A 66 8.69 6.95 -8.85
CA GLU A 66 8.71 7.04 -10.30
C GLU A 66 8.12 5.78 -10.93
N GLN A 67 8.47 4.62 -10.37
CA GLN A 67 7.97 3.35 -10.88
C GLN A 67 6.44 3.31 -10.85
N PHE A 68 5.87 3.76 -9.74
CA PHE A 68 4.42 3.77 -9.58
C PHE A 68 3.77 4.74 -10.58
N ARG A 69 4.53 5.73 -11.01
CA ARG A 69 4.04 6.71 -11.97
C ARG A 69 4.18 6.20 -13.40
N GLN A 70 5.05 5.21 -13.59
CA GLN A 70 5.28 4.64 -14.90
C GLN A 70 4.06 3.85 -15.38
N ARG A 71 3.29 3.34 -14.41
CA ARG A 71 2.11 2.56 -14.73
C ARG A 71 0.84 3.38 -14.49
N SER A 72 0.92 4.31 -13.54
CA SER A 72 -0.22 5.16 -13.22
C SER A 72 0.19 6.63 -13.19
N PRO A 73 -0.05 7.33 -14.32
CA PRO A 73 0.29 8.75 -14.46
C PRO A 73 -0.61 9.63 -13.60
N LEU A 74 -1.92 9.43 -13.73
CA LEU A 74 -2.89 10.22 -12.97
C LEU A 74 -2.71 10.00 -11.47
N GLY A 75 -2.12 8.87 -11.10
CA GLY A 75 -1.89 8.56 -9.71
C GLY A 75 -0.43 8.42 -9.36
N GLY A 76 0.11 7.22 -9.57
CA GLY A 76 1.52 6.98 -9.28
C GLY A 76 1.92 7.53 -7.93
N ASP A 77 2.41 8.77 -7.92
CA ASP A 77 2.85 9.41 -6.69
C ASP A 77 1.90 9.06 -5.53
N VAL A 78 0.61 9.02 -5.82
CA VAL A 78 -0.39 8.70 -4.82
C VAL A 78 -0.12 7.34 -4.18
N LEU A 79 0.12 6.34 -5.02
CA LEU A 79 0.40 4.99 -4.55
C LEU A 79 1.65 4.97 -3.67
N HIS A 80 2.79 5.27 -4.27
CA HIS A 80 4.05 5.28 -3.55
C HIS A 80 3.93 6.09 -2.26
N ALA A 81 2.96 7.00 -2.22
CA ALA A 81 2.73 7.84 -1.05
C ALA A 81 1.90 7.10 0.00
N HIS A 82 0.64 6.84 -0.33
CA HIS A 82 -0.26 6.16 0.58
C HIS A 82 0.33 4.83 1.03
N LEU A 83 1.37 4.37 0.32
CA LEU A 83 2.03 3.11 0.63
C LEU A 83 3.10 3.32 1.70
N ASP A 84 3.86 4.40 1.57
CA ASP A 84 4.92 4.71 2.52
C ASP A 84 4.45 4.46 3.96
N ILE A 85 3.23 4.91 4.25
CA ILE A 85 2.66 4.75 5.58
C ILE A 85 2.65 3.28 6.00
N TRP A 86 2.36 2.40 5.05
CA TRP A 86 2.32 0.97 5.32
C TRP A 86 3.73 0.41 5.47
N LYS A 87 4.47 0.38 4.36
CA LYS A 87 5.84 -0.13 4.36
C LYS A 87 6.61 0.39 5.56
N SER A 88 6.46 1.69 5.84
CA SER A 88 7.15 2.32 6.96
C SER A 88 6.78 1.64 8.27
N ALA A 89 5.50 1.37 8.45
CA ALA A 89 5.02 0.71 9.66
C ALA A 89 5.31 -0.79 9.64
N ALA A 90 5.45 -1.33 8.43
CA ALA A 90 5.72 -2.75 8.27
C ALA A 90 7.22 -3.04 8.39
N SER A 91 8.03 -1.99 8.23
CA SER A 91 9.47 -2.12 8.31
C SER A 91 9.96 -1.93 9.74
N GLY A 92 9.19 -2.43 10.70
CA GLY A 92 9.56 -2.28 12.10
C GLY A 92 9.39 -0.87 12.61
N PRO A 93 10.10 -0.53 13.70
CA PRO A 93 10.05 0.79 14.30
C PRO A 93 10.70 1.86 13.43
N SER A 94 10.11 3.05 13.41
CA SER A 94 10.63 4.15 12.62
C SER A 94 11.02 5.33 13.50
N SER A 95 12.32 5.58 13.60
CA SER A 95 12.82 6.69 14.43
C SER A 95 13.09 7.92 13.57
N GLY A 96 12.14 8.85 13.55
CA GLY A 96 12.29 10.06 12.78
C GLY A 96 12.08 11.31 13.62
N GLY A 1 4.87 -5.29 20.61
CA GLY A 1 5.33 -5.00 19.27
C GLY A 1 4.77 -3.70 18.72
N SER A 2 5.43 -2.59 19.05
CA SER A 2 4.99 -1.27 18.59
C SER A 2 3.70 -0.87 19.30
N SER A 3 3.63 -1.13 20.60
CA SER A 3 2.45 -0.79 21.38
C SER A 3 2.59 0.60 22.01
N GLY A 4 1.93 1.58 21.42
CA GLY A 4 2.00 2.94 21.92
C GLY A 4 2.32 3.95 20.85
N SER A 5 3.23 3.59 19.96
CA SER A 5 3.63 4.48 18.86
C SER A 5 2.51 4.63 17.85
N SER A 6 1.94 5.84 17.77
CA SER A 6 0.86 6.11 16.84
C SER A 6 1.37 6.16 15.41
N GLY A 7 0.55 5.69 14.47
CA GLY A 7 0.92 5.69 13.08
C GLY A 7 0.16 4.66 12.26
N LEU A 8 0.40 3.39 12.54
CA LEU A 8 -0.27 2.31 11.84
C LEU A 8 -1.68 2.09 12.38
N LYS A 9 -1.96 2.67 13.55
CA LYS A 9 -3.27 2.55 14.17
C LYS A 9 -4.38 2.73 13.15
N ASP A 10 -4.10 3.50 12.10
CA ASP A 10 -5.08 3.74 11.04
C ASP A 10 -4.96 2.69 9.94
N ILE A 11 -3.76 2.16 9.76
CA ILE A 11 -3.52 1.14 8.74
C ILE A 11 -4.39 -0.09 8.98
N GLU A 12 -4.37 -0.59 10.21
CA GLU A 12 -5.16 -1.77 10.56
C GLU A 12 -6.62 -1.57 10.20
N THR A 13 -7.12 -0.36 10.42
CA THR A 13 -8.51 -0.04 10.11
C THR A 13 -8.79 -0.17 8.61
N ALA A 14 -7.74 -0.07 7.81
CA ALA A 14 -7.87 -0.19 6.36
C ALA A 14 -7.69 -1.63 5.90
N CYS A 15 -7.18 -2.47 6.80
CA CYS A 15 -6.96 -3.88 6.48
C CYS A 15 -8.11 -4.74 6.97
N LYS A 16 -9.00 -4.15 7.76
CA LYS A 16 -10.15 -4.86 8.29
C LYS A 16 -11.17 -5.12 7.20
N LEU A 17 -11.57 -4.07 6.49
CA LEU A 17 -12.54 -4.18 5.42
C LEU A 17 -11.91 -4.79 4.17
N LEU A 18 -10.60 -4.91 4.18
CA LEU A 18 -9.86 -5.49 3.05
C LEU A 18 -9.52 -6.94 3.31
N ASN A 19 -9.46 -7.32 4.58
CA ASN A 19 -9.14 -8.69 4.95
C ASN A 19 -7.72 -9.07 4.54
N ILE A 20 -6.83 -8.08 4.60
CA ILE A 20 -5.43 -8.30 4.22
C ILE A 20 -4.51 -8.08 5.41
N THR A 21 -3.20 -8.15 5.17
CA THR A 21 -2.21 -7.96 6.22
C THR A 21 -1.71 -6.52 6.25
N ALA A 22 -1.46 -6.01 7.45
CA ALA A 22 -0.98 -4.64 7.62
C ALA A 22 0.30 -4.41 6.83
N ASP A 23 1.09 -5.47 6.66
CA ASP A 23 2.34 -5.38 5.92
C ASP A 23 2.09 -5.46 4.42
N PRO A 24 2.52 -4.42 3.69
CA PRO A 24 2.35 -4.35 2.23
C PRO A 24 3.23 -5.36 1.50
N MET A 25 4.42 -5.61 2.04
CA MET A 25 5.35 -6.56 1.44
C MET A 25 4.82 -7.99 1.56
N ASP A 26 3.71 -8.15 2.27
CA ASP A 26 3.10 -9.46 2.45
C ASP A 26 1.84 -9.61 1.62
N TRP A 27 1.42 -8.51 1.00
CA TRP A 27 0.22 -8.52 0.17
C TRP A 27 0.29 -9.62 -0.87
N SER A 28 -0.42 -10.71 -0.61
CA SER A 28 -0.44 -11.85 -1.52
C SER A 28 -1.61 -12.78 -1.21
N PRO A 29 -1.98 -13.63 -2.19
CA PRO A 29 -1.29 -13.67 -3.49
C PRO A 29 -1.57 -12.43 -4.33
N SER A 30 -2.77 -11.87 -4.19
CA SER A 30 -3.15 -10.69 -4.94
C SER A 30 -3.81 -9.66 -4.03
N ASN A 31 -3.26 -9.50 -2.83
CA ASN A 31 -3.79 -8.55 -1.86
C ASN A 31 -3.65 -7.12 -2.37
N VAL A 32 -2.54 -6.84 -3.05
CA VAL A 32 -2.28 -5.51 -3.59
C VAL A 32 -3.54 -4.91 -4.19
N GLN A 33 -4.23 -5.69 -5.02
CA GLN A 33 -5.46 -5.23 -5.67
C GLN A 33 -6.37 -4.55 -4.66
N LYS A 34 -6.49 -5.15 -3.48
CA LYS A 34 -7.34 -4.59 -2.42
C LYS A 34 -6.84 -3.22 -1.99
N TRP A 35 -5.57 -3.15 -1.59
CA TRP A 35 -4.97 -1.91 -1.15
C TRP A 35 -5.08 -0.83 -2.23
N LEU A 36 -5.33 -1.27 -3.47
CA LEU A 36 -5.47 -0.34 -4.58
C LEU A 36 -6.88 0.24 -4.64
N LEU A 37 -7.84 -0.60 -4.99
CA LEU A 37 -9.24 -0.17 -5.08
C LEU A 37 -9.66 0.57 -3.82
N TRP A 38 -8.94 0.33 -2.73
CA TRP A 38 -9.24 0.98 -1.46
C TRP A 38 -9.03 2.48 -1.55
N THR A 39 -7.76 2.90 -1.58
CA THR A 39 -7.41 4.31 -1.67
C THR A 39 -7.77 4.88 -3.03
N GLU A 40 -7.63 4.06 -4.07
CA GLU A 40 -7.94 4.48 -5.43
C GLU A 40 -9.30 5.17 -5.50
N HIS A 41 -10.19 4.78 -4.58
CA HIS A 41 -11.53 5.36 -4.53
C HIS A 41 -11.57 6.55 -3.57
N GLN A 42 -10.59 6.62 -2.68
CA GLN A 42 -10.52 7.70 -1.70
C GLN A 42 -9.76 8.90 -2.27
N TYR A 43 -9.14 8.70 -3.43
CA TYR A 43 -8.37 9.77 -4.07
C TYR A 43 -8.84 9.97 -5.51
N ARG A 44 -9.84 9.20 -5.92
CA ARG A 44 -10.37 9.29 -7.28
C ARG A 44 -9.30 8.95 -8.31
N LEU A 45 -8.56 7.88 -8.05
CA LEU A 45 -7.51 7.44 -8.96
C LEU A 45 -8.04 6.44 -9.97
N PRO A 46 -7.37 6.35 -11.13
CA PRO A 46 -7.75 5.44 -12.20
C PRO A 46 -7.50 3.97 -11.83
N PRO A 47 -8.02 3.06 -12.67
CA PRO A 47 -7.87 1.62 -12.46
C PRO A 47 -6.43 1.15 -12.66
N MET A 48 -5.71 0.94 -11.56
CA MET A 48 -4.34 0.49 -11.62
C MET A 48 -4.24 -1.03 -11.48
N GLY A 49 -5.25 -1.62 -10.84
CA GLY A 49 -5.27 -3.05 -10.66
C GLY A 49 -4.77 -3.80 -11.88
N LYS A 50 -5.09 -3.29 -13.06
CA LYS A 50 -4.67 -3.92 -14.31
C LYS A 50 -3.17 -3.74 -14.53
N ALA A 51 -2.65 -2.58 -14.14
CA ALA A 51 -1.23 -2.28 -14.29
C ALA A 51 -0.41 -2.98 -13.21
N PHE A 52 -1.00 -3.13 -12.03
CA PHE A 52 -0.32 -3.80 -10.92
C PHE A 52 -0.76 -5.25 -10.80
N GLN A 53 -1.69 -5.65 -11.65
CA GLN A 53 -2.20 -7.03 -11.64
C GLN A 53 -1.06 -8.03 -11.48
N GLU A 54 0.09 -7.71 -12.08
CA GLU A 54 1.25 -8.59 -12.01
C GLU A 54 2.10 -8.27 -10.78
N LEU A 55 1.96 -7.04 -10.27
CA LEU A 55 2.71 -6.61 -9.10
C LEU A 55 2.16 -7.26 -7.84
N ALA A 56 3.02 -7.41 -6.84
CA ALA A 56 2.63 -8.01 -5.57
C ALA A 56 3.03 -7.14 -4.39
N GLY A 57 2.80 -7.63 -3.18
CA GLY A 57 3.15 -6.88 -1.99
C GLY A 57 4.62 -6.48 -1.97
N LYS A 58 5.50 -7.45 -2.16
CA LYS A 58 6.93 -7.18 -2.17
C LYS A 58 7.29 -6.15 -3.24
N GLU A 59 6.92 -6.44 -4.48
CA GLU A 59 7.20 -5.54 -5.59
C GLU A 59 6.87 -4.10 -5.22
N LEU A 60 5.59 -3.83 -5.01
CA LEU A 60 5.15 -2.49 -4.66
C LEU A 60 6.14 -1.81 -3.73
N CYS A 61 6.39 -2.43 -2.58
CA CYS A 61 7.34 -1.90 -1.60
C CYS A 61 8.74 -1.85 -2.17
N ALA A 62 9.04 -2.77 -3.09
CA ALA A 62 10.36 -2.83 -3.71
C ALA A 62 10.47 -1.85 -4.87
N MET A 63 9.34 -1.22 -5.22
CA MET A 63 9.32 -0.25 -6.31
C MET A 63 9.65 1.15 -5.80
N SER A 64 9.68 2.11 -6.72
CA SER A 64 9.99 3.50 -6.37
C SER A 64 8.92 4.44 -6.90
N GLU A 65 8.69 5.53 -6.18
CA GLU A 65 7.70 6.52 -6.58
C GLU A 65 7.61 6.63 -8.10
N GLU A 66 8.74 6.98 -8.73
CA GLU A 66 8.79 7.11 -10.17
C GLU A 66 8.18 5.89 -10.86
N GLN A 67 8.51 4.71 -10.35
CA GLN A 67 7.98 3.46 -10.92
C GLN A 67 6.46 3.43 -10.85
N PHE A 68 5.92 3.84 -9.72
CA PHE A 68 4.47 3.86 -9.52
C PHE A 68 3.80 4.83 -10.50
N ARG A 69 4.56 5.82 -10.94
CA ARG A 69 4.05 6.81 -11.88
C ARG A 69 4.19 6.33 -13.32
N GLN A 70 5.10 5.40 -13.54
CA GLN A 70 5.33 4.85 -14.87
C GLN A 70 4.12 4.06 -15.35
N ARG A 71 3.39 3.48 -14.40
CA ARG A 71 2.21 2.69 -14.73
C ARG A 71 0.94 3.46 -14.43
N SER A 72 1.03 4.43 -13.53
CA SER A 72 -0.12 5.24 -13.16
C SER A 72 0.25 6.72 -13.11
N PRO A 73 0.03 7.43 -14.23
CA PRO A 73 0.33 8.86 -14.33
C PRO A 73 -0.60 9.72 -13.48
N LEU A 74 -1.90 9.48 -13.64
CA LEU A 74 -2.90 10.23 -12.89
C LEU A 74 -2.75 9.99 -11.38
N GLY A 75 -2.13 8.88 -11.03
CA GLY A 75 -1.92 8.56 -9.63
C GLY A 75 -0.45 8.40 -9.27
N GLY A 76 0.08 7.21 -9.50
CA GLY A 76 1.48 6.95 -9.19
C GLY A 76 1.87 7.45 -7.82
N ASP A 77 2.37 8.68 -7.75
CA ASP A 77 2.78 9.27 -6.49
C ASP A 77 1.80 8.92 -5.38
N VAL A 78 0.51 8.96 -5.71
CA VAL A 78 -0.54 8.65 -4.75
C VAL A 78 -0.31 7.27 -4.12
N LEU A 79 -0.08 6.28 -4.95
CA LEU A 79 0.14 4.92 -4.48
C LEU A 79 1.43 4.83 -3.66
N HIS A 80 2.55 5.18 -4.29
CA HIS A 80 3.84 5.15 -3.61
C HIS A 80 3.81 5.98 -2.33
N ALA A 81 2.90 6.94 -2.27
CA ALA A 81 2.76 7.81 -1.11
C ALA A 81 1.97 7.12 0.00
N HIS A 82 0.69 6.87 -0.26
CA HIS A 82 -0.18 6.22 0.72
C HIS A 82 0.42 4.89 1.16
N LEU A 83 1.35 4.37 0.37
CA LEU A 83 2.00 3.10 0.68
C LEU A 83 3.11 3.29 1.72
N ASP A 84 3.89 4.35 1.55
CA ASP A 84 4.98 4.65 2.47
C ASP A 84 4.55 4.41 3.92
N ILE A 85 3.36 4.88 4.26
CA ILE A 85 2.82 4.72 5.60
C ILE A 85 2.82 3.24 6.02
N TRP A 86 2.49 2.38 5.07
CA TRP A 86 2.43 0.94 5.34
C TRP A 86 3.84 0.36 5.42
N LYS A 87 4.53 0.32 4.28
CA LYS A 87 5.88 -0.21 4.21
C LYS A 87 6.70 0.27 5.40
N SER A 88 6.58 1.54 5.73
CA SER A 88 7.33 2.13 6.85
C SER A 88 6.97 1.42 8.15
N ALA A 89 5.68 1.17 8.36
CA ALA A 89 5.21 0.50 9.56
C ALA A 89 5.55 -0.99 9.53
N ALA A 90 5.70 -1.53 8.33
CA ALA A 90 6.02 -2.94 8.16
C ALA A 90 7.51 -3.18 8.33
N SER A 91 8.30 -2.12 8.23
CA SER A 91 9.76 -2.22 8.36
C SER A 91 10.18 -2.06 9.82
N GLY A 92 9.37 -2.62 10.72
CA GLY A 92 9.67 -2.53 12.14
C GLY A 92 9.97 -1.11 12.59
N PRO A 93 10.45 -0.97 13.83
CA PRO A 93 10.79 0.33 14.40
C PRO A 93 12.00 0.97 13.74
N SER A 94 11.86 2.23 13.35
CA SER A 94 12.95 2.96 12.70
C SER A 94 13.36 4.18 13.52
N SER A 95 14.64 4.23 13.88
CA SER A 95 15.16 5.34 14.67
C SER A 95 14.15 5.79 15.71
N GLY A 96 13.50 4.82 16.37
CA GLY A 96 12.51 5.13 17.38
C GLY A 96 12.12 3.92 18.20
N GLY A 1 -3.61 5.71 23.89
CA GLY A 1 -3.17 5.94 25.25
C GLY A 1 -2.01 6.91 25.32
N SER A 2 -1.02 6.59 26.13
CA SER A 2 0.15 7.45 26.30
C SER A 2 1.44 6.65 26.07
N SER A 3 1.44 5.83 25.04
CA SER A 3 2.61 5.01 24.72
C SER A 3 2.65 4.69 23.22
N GLY A 4 3.76 5.05 22.59
CA GLY A 4 3.92 4.80 21.17
C GLY A 4 3.33 5.91 20.31
N SER A 5 3.60 5.87 19.02
CA SER A 5 3.10 6.88 18.09
C SER A 5 1.89 6.35 17.31
N SER A 6 0.91 7.22 17.12
CA SER A 6 -0.31 6.84 16.39
C SER A 6 -0.10 6.93 14.89
N GLY A 7 0.41 5.85 14.30
CA GLY A 7 0.65 5.83 12.87
C GLY A 7 -0.13 4.74 12.17
N LEU A 8 0.30 3.49 12.35
CA LEU A 8 -0.37 2.35 11.73
C LEU A 8 -1.80 2.20 12.24
N LYS A 9 -2.12 2.96 13.29
CA LYS A 9 -3.45 2.91 13.87
C LYS A 9 -4.53 3.00 12.80
N ASP A 10 -4.21 3.71 11.71
CA ASP A 10 -5.16 3.87 10.61
C ASP A 10 -5.00 2.73 9.61
N ILE A 11 -3.84 2.10 9.59
CA ILE A 11 -3.57 1.00 8.68
C ILE A 11 -4.48 -0.18 8.97
N GLU A 12 -4.53 -0.60 10.23
CA GLU A 12 -5.36 -1.72 10.63
C GLU A 12 -6.78 -1.56 10.12
N THR A 13 -7.31 -0.35 10.23
CA THR A 13 -8.67 -0.05 9.79
C THR A 13 -8.81 -0.27 8.29
N ALA A 14 -7.68 -0.23 7.58
CA ALA A 14 -7.67 -0.43 6.13
C ALA A 14 -7.46 -1.90 5.78
N CYS A 15 -7.04 -2.68 6.77
CA CYS A 15 -6.80 -4.10 6.56
C CYS A 15 -8.02 -4.94 6.97
N LYS A 16 -8.96 -4.29 7.65
CA LYS A 16 -10.17 -4.96 8.10
C LYS A 16 -11.12 -5.22 6.94
N LEU A 17 -11.61 -4.15 6.33
CA LEU A 17 -12.52 -4.27 5.19
C LEU A 17 -11.88 -5.05 4.05
N LEU A 18 -10.55 -5.03 3.99
CA LEU A 18 -9.83 -5.74 2.94
C LEU A 18 -9.42 -7.13 3.43
N ASN A 19 -9.35 -7.31 4.73
CA ASN A 19 -8.97 -8.59 5.31
C ASN A 19 -7.57 -9.00 4.87
N ILE A 20 -6.66 -8.03 4.83
CA ILE A 20 -5.29 -8.29 4.42
C ILE A 20 -4.31 -8.08 5.58
N THR A 21 -3.03 -8.27 5.30
CA THR A 21 -2.00 -8.09 6.32
C THR A 21 -1.51 -6.65 6.37
N ALA A 22 -1.34 -6.13 7.58
CA ALA A 22 -0.87 -4.76 7.76
C ALA A 22 0.44 -4.52 7.02
N ASP A 23 1.10 -5.61 6.62
CA ASP A 23 2.36 -5.52 5.90
C ASP A 23 2.13 -5.56 4.39
N PRO A 24 2.53 -4.48 3.70
CA PRO A 24 2.38 -4.36 2.25
C PRO A 24 3.32 -5.30 1.50
N MET A 25 4.49 -5.54 2.07
CA MET A 25 5.47 -6.43 1.45
C MET A 25 5.01 -7.89 1.53
N ASP A 26 3.91 -8.12 2.22
CA ASP A 26 3.36 -9.47 2.38
C ASP A 26 2.12 -9.66 1.51
N TRP A 27 1.60 -8.55 0.98
CA TRP A 27 0.42 -8.59 0.13
C TRP A 27 0.53 -9.70 -0.90
N SER A 28 -0.28 -10.74 -0.75
CA SER A 28 -0.27 -11.87 -1.68
C SER A 28 -1.46 -12.79 -1.43
N PRO A 29 -1.88 -13.51 -2.48
CA PRO A 29 -1.25 -13.43 -3.80
C PRO A 29 -1.51 -12.09 -4.48
N SER A 30 -2.77 -11.69 -4.54
CA SER A 30 -3.15 -10.44 -5.17
C SER A 30 -3.75 -9.47 -4.15
N ASN A 31 -3.28 -9.58 -2.91
CA ASN A 31 -3.77 -8.71 -1.84
C ASN A 31 -3.59 -7.24 -2.20
N VAL A 32 -2.60 -6.96 -3.03
CA VAL A 32 -2.32 -5.59 -3.46
C VAL A 32 -3.58 -4.92 -3.98
N GLN A 33 -4.23 -5.55 -4.95
CA GLN A 33 -5.45 -5.02 -5.53
C GLN A 33 -6.37 -4.45 -4.46
N LYS A 34 -6.43 -5.14 -3.32
CA LYS A 34 -7.27 -4.71 -2.21
C LYS A 34 -6.82 -3.35 -1.68
N TRP A 35 -5.51 -3.17 -1.59
CA TRP A 35 -4.94 -1.92 -1.09
C TRP A 35 -5.07 -0.81 -2.14
N LEU A 36 -5.25 -1.21 -3.39
CA LEU A 36 -5.38 -0.26 -4.49
C LEU A 36 -6.79 0.32 -4.54
N LEU A 37 -7.78 -0.54 -4.74
CA LEU A 37 -9.16 -0.11 -4.80
C LEU A 37 -9.54 0.68 -3.56
N TRP A 38 -8.76 0.53 -2.50
CA TRP A 38 -9.02 1.25 -1.25
C TRP A 38 -8.68 2.72 -1.39
N THR A 39 -7.39 3.03 -1.51
CA THR A 39 -6.94 4.40 -1.66
C THR A 39 -7.41 5.00 -2.98
N GLU A 40 -7.66 4.14 -3.96
CA GLU A 40 -8.12 4.59 -5.27
C GLU A 40 -9.52 5.21 -5.18
N HIS A 41 -10.26 4.84 -4.14
CA HIS A 41 -11.60 5.36 -3.93
C HIS A 41 -11.59 6.54 -2.98
N GLN A 42 -10.43 6.78 -2.37
CA GLN A 42 -10.29 7.89 -1.43
C GLN A 42 -9.61 9.09 -2.09
N TYR A 43 -8.94 8.84 -3.21
CA TYR A 43 -8.25 9.89 -3.94
C TYR A 43 -8.78 10.00 -5.36
N ARG A 44 -9.79 9.21 -5.68
CA ARG A 44 -10.38 9.21 -7.01
C ARG A 44 -9.34 8.89 -8.08
N LEU A 45 -8.57 7.83 -7.84
CA LEU A 45 -7.53 7.41 -8.78
C LEU A 45 -8.08 6.39 -9.78
N PRO A 46 -7.43 6.30 -10.95
CA PRO A 46 -7.84 5.37 -12.01
C PRO A 46 -7.54 3.92 -11.63
N PRO A 47 -8.06 2.99 -12.44
CA PRO A 47 -7.87 1.55 -12.22
C PRO A 47 -6.43 1.11 -12.47
N MET A 48 -5.68 0.92 -11.39
CA MET A 48 -4.29 0.51 -11.48
C MET A 48 -4.16 -1.00 -11.36
N GLY A 49 -5.17 -1.63 -10.74
CA GLY A 49 -5.16 -3.07 -10.56
C GLY A 49 -4.66 -3.80 -11.79
N LYS A 50 -5.08 -3.33 -12.96
CA LYS A 50 -4.67 -3.94 -14.23
C LYS A 50 -3.18 -3.77 -14.45
N ALA A 51 -2.64 -2.63 -14.05
CA ALA A 51 -1.22 -2.34 -14.21
C ALA A 51 -0.40 -3.03 -13.13
N PHE A 52 -0.99 -3.20 -11.95
CA PHE A 52 -0.32 -3.84 -10.83
C PHE A 52 -0.80 -5.29 -10.67
N GLN A 53 -1.58 -5.75 -11.63
CA GLN A 53 -2.10 -7.12 -11.59
C GLN A 53 -0.97 -8.13 -11.42
N GLU A 54 0.15 -7.86 -12.07
CA GLU A 54 1.30 -8.75 -12.00
C GLU A 54 2.20 -8.38 -10.82
N LEU A 55 1.93 -7.24 -10.21
CA LEU A 55 2.71 -6.77 -9.07
C LEU A 55 2.21 -7.41 -7.77
N ALA A 56 3.11 -7.54 -6.80
CA ALA A 56 2.76 -8.11 -5.51
C ALA A 56 3.19 -7.20 -4.37
N GLY A 57 2.92 -7.63 -3.14
CA GLY A 57 3.28 -6.84 -1.98
C GLY A 57 4.74 -6.42 -1.99
N LYS A 58 5.62 -7.41 -2.08
CA LYS A 58 7.06 -7.14 -2.11
C LYS A 58 7.42 -6.16 -3.21
N GLU A 59 6.97 -6.47 -4.42
CA GLU A 59 7.24 -5.61 -5.58
C GLU A 59 6.90 -4.15 -5.27
N LEU A 60 5.61 -3.88 -5.05
CA LEU A 60 5.16 -2.53 -4.74
C LEU A 60 6.16 -1.82 -3.83
N CYS A 61 6.41 -2.40 -2.67
CA CYS A 61 7.34 -1.82 -1.71
C CYS A 61 8.77 -1.82 -2.26
N ALA A 62 9.04 -2.75 -3.19
CA ALA A 62 10.35 -2.86 -3.79
C ALA A 62 10.50 -1.90 -4.96
N MET A 63 9.39 -1.28 -5.36
CA MET A 63 9.39 -0.34 -6.47
C MET A 63 9.77 1.06 -6.00
N SER A 64 9.72 2.03 -6.92
CA SER A 64 10.06 3.40 -6.60
C SER A 64 8.97 4.36 -7.08
N GLU A 65 8.79 5.45 -6.34
CA GLU A 65 7.77 6.44 -6.68
C GLU A 65 7.64 6.57 -8.20
N GLU A 66 8.72 6.99 -8.85
CA GLU A 66 8.71 7.15 -10.30
C GLU A 66 8.11 5.93 -10.99
N GLN A 67 8.50 4.75 -10.52
CA GLN A 67 8.00 3.49 -11.09
C GLN A 67 6.48 3.42 -10.98
N PHE A 68 5.95 3.90 -9.85
CA PHE A 68 4.51 3.88 -9.62
C PHE A 68 3.79 4.84 -10.57
N ARG A 69 4.52 5.86 -11.04
CA ARG A 69 3.96 6.84 -11.94
C ARG A 69 4.08 6.38 -13.39
N GLN A 70 4.98 5.44 -13.64
CA GLN A 70 5.19 4.91 -14.97
C GLN A 70 3.98 4.11 -15.44
N ARG A 71 3.26 3.53 -14.49
CA ARG A 71 2.08 2.74 -14.80
C ARG A 71 0.79 3.51 -14.48
N SER A 72 0.90 4.45 -13.55
CA SER A 72 -0.25 5.26 -13.15
C SER A 72 0.10 6.74 -13.14
N PRO A 73 -0.18 7.42 -14.26
CA PRO A 73 0.10 8.86 -14.41
C PRO A 73 -0.81 9.72 -13.53
N LEU A 74 -2.11 9.44 -13.59
CA LEU A 74 -3.07 10.19 -12.80
C LEU A 74 -2.87 9.96 -11.31
N GLY A 75 -2.24 8.84 -10.98
CA GLY A 75 -1.99 8.50 -9.58
C GLY A 75 -0.51 8.40 -9.27
N GLY A 76 0.06 7.22 -9.51
CA GLY A 76 1.47 7.01 -9.24
C GLY A 76 1.88 7.49 -7.87
N ASP A 77 2.39 8.72 -7.80
CA ASP A 77 2.83 9.30 -6.53
C ASP A 77 1.87 8.92 -5.40
N VAL A 78 0.57 9.03 -5.68
CA VAL A 78 -0.45 8.70 -4.68
C VAL A 78 -0.24 7.30 -4.13
N LEU A 79 0.00 6.34 -5.03
CA LEU A 79 0.23 4.96 -4.63
C LEU A 79 1.48 4.82 -3.77
N HIS A 80 2.63 5.14 -4.35
CA HIS A 80 3.90 5.07 -3.64
C HIS A 80 3.84 5.85 -2.34
N ALA A 81 2.97 6.86 -2.30
CA ALA A 81 2.82 7.69 -1.10
C ALA A 81 1.97 6.98 -0.05
N HIS A 82 0.71 6.72 -0.38
CA HIS A 82 -0.20 6.05 0.54
C HIS A 82 0.37 4.71 0.98
N LEU A 83 1.41 4.25 0.28
CA LEU A 83 2.04 2.97 0.59
C LEU A 83 3.14 3.15 1.64
N ASP A 84 3.94 4.20 1.48
CA ASP A 84 5.02 4.48 2.40
C ASP A 84 4.56 4.29 3.85
N ILE A 85 3.36 4.76 4.16
CA ILE A 85 2.82 4.63 5.49
C ILE A 85 2.78 3.17 5.94
N TRP A 86 2.31 2.31 5.05
CA TRP A 86 2.22 0.88 5.35
C TRP A 86 3.61 0.26 5.51
N LYS A 87 4.37 0.25 4.43
CA LYS A 87 5.72 -0.31 4.45
C LYS A 87 6.51 0.23 5.65
N SER A 88 6.35 1.52 5.91
CA SER A 88 7.05 2.15 7.03
C SER A 88 6.65 1.51 8.35
N ALA A 89 5.36 1.21 8.50
CA ALA A 89 4.86 0.59 9.71
C ALA A 89 5.14 -0.90 9.73
N ALA A 90 5.42 -1.47 8.56
CA ALA A 90 5.71 -2.89 8.44
C ALA A 90 7.21 -3.16 8.61
N SER A 91 8.01 -2.12 8.45
CA SER A 91 9.46 -2.24 8.58
C SER A 91 9.89 -2.13 10.04
N GLY A 92 9.02 -2.60 10.93
CA GLY A 92 9.33 -2.55 12.35
C GLY A 92 8.59 -1.43 13.07
N PRO A 93 8.21 -1.68 14.34
CA PRO A 93 7.49 -0.70 15.15
C PRO A 93 8.37 0.49 15.53
N SER A 94 9.60 0.21 15.92
CA SER A 94 10.54 1.24 16.32
C SER A 94 11.70 1.35 15.33
N SER A 95 12.27 0.20 14.99
CA SER A 95 13.39 0.16 14.05
C SER A 95 13.25 1.22 12.98
N GLY A 96 12.11 1.21 12.28
CA GLY A 96 11.86 2.18 11.23
C GLY A 96 10.56 1.92 10.49
N GLY A 1 9.27 -2.94 24.04
CA GLY A 1 9.67 -1.91 24.99
C GLY A 1 9.15 -0.54 24.62
N SER A 2 9.97 0.23 23.92
CA SER A 2 9.59 1.57 23.50
C SER A 2 8.17 1.58 22.92
N SER A 3 7.24 2.18 23.65
CA SER A 3 5.86 2.26 23.21
C SER A 3 5.71 3.19 22.02
N GLY A 4 4.50 3.27 21.47
CA GLY A 4 4.25 4.13 20.33
C GLY A 4 2.77 4.40 20.12
N SER A 5 2.07 3.42 19.57
CA SER A 5 0.63 3.56 19.31
C SER A 5 0.38 4.69 18.31
N SER A 6 1.20 4.75 17.27
CA SER A 6 1.06 5.77 16.24
C SER A 6 1.66 5.31 14.92
N GLY A 7 0.98 5.60 13.83
CA GLY A 7 1.46 5.21 12.51
C GLY A 7 0.50 4.29 11.79
N LEU A 8 0.52 3.01 12.17
CA LEU A 8 -0.36 2.02 11.55
C LEU A 8 -1.78 2.11 12.13
N LYS A 9 -1.94 2.93 13.16
CA LYS A 9 -3.24 3.10 13.80
C LYS A 9 -4.35 3.17 12.76
N ASP A 10 -4.03 3.73 11.60
CA ASP A 10 -5.01 3.85 10.51
C ASP A 10 -4.91 2.67 9.56
N ILE A 11 -3.74 2.05 9.51
CA ILE A 11 -3.51 0.90 8.63
C ILE A 11 -4.44 -0.25 9.01
N GLU A 12 -4.52 -0.55 10.29
CA GLU A 12 -5.37 -1.64 10.78
C GLU A 12 -6.79 -1.49 10.25
N THR A 13 -7.31 -0.27 10.28
CA THR A 13 -8.66 0.00 9.80
C THR A 13 -8.78 -0.27 8.31
N ALA A 14 -7.65 -0.27 7.62
CA ALA A 14 -7.62 -0.52 6.19
C ALA A 14 -7.41 -2.01 5.89
N CYS A 15 -7.04 -2.76 6.92
CA CYS A 15 -6.80 -4.19 6.76
C CYS A 15 -8.04 -4.99 7.18
N LYS A 16 -8.99 -4.31 7.80
CA LYS A 16 -10.22 -4.95 8.26
C LYS A 16 -11.18 -5.19 7.09
N LEU A 17 -11.64 -4.11 6.48
CA LEU A 17 -12.55 -4.21 5.34
C LEU A 17 -11.92 -5.01 4.20
N LEU A 18 -10.61 -4.89 4.06
CA LEU A 18 -9.88 -5.60 3.00
C LEU A 18 -9.52 -7.01 3.46
N ASN A 19 -9.41 -7.19 4.78
CA ASN A 19 -9.07 -8.49 5.33
C ASN A 19 -7.67 -8.92 4.90
N ILE A 20 -6.76 -7.95 4.81
CA ILE A 20 -5.39 -8.22 4.41
C ILE A 20 -4.42 -8.01 5.57
N THR A 21 -3.13 -8.16 5.29
CA THR A 21 -2.11 -7.98 6.31
C THR A 21 -1.63 -6.53 6.36
N ALA A 22 -1.27 -6.07 7.55
CA ALA A 22 -0.79 -4.71 7.73
C ALA A 22 0.54 -4.49 6.99
N ASP A 23 1.14 -5.58 6.53
CA ASP A 23 2.39 -5.50 5.81
C ASP A 23 2.17 -5.56 4.29
N PRO A 24 2.60 -4.50 3.59
CA PRO A 24 2.46 -4.40 2.14
C PRO A 24 3.36 -5.39 1.40
N MET A 25 4.51 -5.68 1.98
CA MET A 25 5.46 -6.61 1.37
C MET A 25 4.95 -8.05 1.47
N ASP A 26 3.83 -8.23 2.17
CA ASP A 26 3.24 -9.54 2.34
C ASP A 26 1.96 -9.68 1.49
N TRP A 27 1.54 -8.57 0.89
CA TRP A 27 0.35 -8.57 0.06
C TRP A 27 0.42 -9.67 -0.99
N SER A 28 -0.43 -10.69 -0.84
CA SER A 28 -0.47 -11.81 -1.78
C SER A 28 -1.64 -12.72 -1.48
N PRO A 29 -2.03 -13.55 -2.47
CA PRO A 29 -1.36 -13.57 -3.78
C PRO A 29 -1.62 -12.30 -4.58
N SER A 30 -2.84 -11.78 -4.47
CA SER A 30 -3.22 -10.57 -5.19
C SER A 30 -3.86 -9.56 -4.26
N ASN A 31 -3.36 -9.51 -3.02
CA ASN A 31 -3.88 -8.58 -2.03
C ASN A 31 -3.72 -7.13 -2.49
N VAL A 32 -2.62 -6.87 -3.20
CA VAL A 32 -2.35 -5.53 -3.71
C VAL A 32 -3.61 -4.88 -4.26
N GLN A 33 -4.35 -5.63 -5.07
CA GLN A 33 -5.59 -5.13 -5.67
C GLN A 33 -6.48 -4.49 -4.60
N LYS A 34 -6.55 -5.13 -3.43
CA LYS A 34 -7.37 -4.62 -2.34
C LYS A 34 -6.87 -3.26 -1.87
N TRP A 35 -5.56 -3.17 -1.64
CA TRP A 35 -4.95 -1.92 -1.19
C TRP A 35 -5.02 -0.85 -2.28
N LEU A 36 -5.28 -1.28 -3.51
CA LEU A 36 -5.38 -0.36 -4.64
C LEU A 36 -6.75 0.32 -4.67
N LEU A 37 -7.79 -0.49 -4.79
CA LEU A 37 -9.15 0.02 -4.83
C LEU A 37 -9.50 0.77 -3.54
N TRP A 38 -8.74 0.50 -2.49
CA TRP A 38 -8.96 1.16 -1.21
C TRP A 38 -8.67 2.65 -1.29
N THR A 39 -7.39 3.00 -1.38
CA THR A 39 -6.99 4.40 -1.47
C THR A 39 -7.46 5.02 -2.77
N GLU A 40 -7.57 4.20 -3.82
CA GLU A 40 -8.00 4.67 -5.13
C GLU A 40 -9.43 5.19 -5.06
N HIS A 41 -10.17 4.77 -4.04
CA HIS A 41 -11.55 5.19 -3.86
C HIS A 41 -11.63 6.44 -3.00
N GLN A 42 -10.52 6.78 -2.35
CA GLN A 42 -10.47 7.95 -1.48
C GLN A 42 -9.75 9.11 -2.19
N TYR A 43 -8.99 8.78 -3.22
CA TYR A 43 -8.26 9.77 -3.98
C TYR A 43 -8.80 9.91 -5.40
N ARG A 44 -9.79 9.10 -5.72
CA ARG A 44 -10.40 9.12 -7.04
C ARG A 44 -9.37 8.81 -8.13
N LEU A 45 -8.60 7.75 -7.93
CA LEU A 45 -7.59 7.34 -8.89
C LEU A 45 -8.13 6.33 -9.88
N PRO A 46 -7.49 6.25 -11.06
CA PRO A 46 -7.89 5.31 -12.11
C PRO A 46 -7.60 3.86 -11.75
N PRO A 47 -8.12 2.93 -12.57
CA PRO A 47 -7.92 1.49 -12.35
C PRO A 47 -6.48 1.06 -12.59
N MET A 48 -5.74 0.86 -11.51
CA MET A 48 -4.35 0.44 -11.61
C MET A 48 -4.23 -1.07 -11.49
N GLY A 49 -5.21 -1.70 -10.86
CA GLY A 49 -5.20 -3.14 -10.70
C GLY A 49 -4.70 -3.86 -11.93
N LYS A 50 -5.06 -3.34 -13.11
CA LYS A 50 -4.64 -3.95 -14.36
C LYS A 50 -3.14 -3.76 -14.58
N ALA A 51 -2.63 -2.59 -14.20
CA ALA A 51 -1.21 -2.29 -14.35
C ALA A 51 -0.39 -3.00 -13.28
N PHE A 52 -0.98 -3.17 -12.10
CA PHE A 52 -0.31 -3.84 -10.99
C PHE A 52 -0.77 -5.28 -10.84
N GLN A 53 -1.61 -5.71 -11.77
CA GLN A 53 -2.14 -7.08 -11.75
C GLN A 53 -1.01 -8.09 -11.58
N GLU A 54 0.15 -7.77 -12.14
CA GLU A 54 1.31 -8.65 -12.06
C GLU A 54 2.15 -8.33 -10.82
N LEU A 55 2.06 -7.08 -10.36
CA LEU A 55 2.82 -6.65 -9.19
C LEU A 55 2.28 -7.30 -7.92
N ALA A 56 3.14 -7.43 -6.92
CA ALA A 56 2.75 -8.02 -5.65
C ALA A 56 3.16 -7.15 -4.47
N GLY A 57 2.91 -7.62 -3.26
CA GLY A 57 3.26 -6.86 -2.07
C GLY A 57 4.72 -6.46 -2.06
N LYS A 58 5.61 -7.44 -2.17
CA LYS A 58 7.04 -7.18 -2.17
C LYS A 58 7.41 -6.16 -3.25
N GLU A 59 7.03 -6.45 -4.48
CA GLU A 59 7.32 -5.56 -5.59
C GLU A 59 6.97 -4.12 -5.25
N LEU A 60 5.68 -3.86 -5.06
CA LEU A 60 5.21 -2.52 -4.72
C LEU A 60 6.17 -1.82 -3.76
N CYS A 61 6.40 -2.44 -2.61
CA CYS A 61 7.30 -1.87 -1.61
C CYS A 61 8.72 -1.80 -2.14
N ALA A 62 9.05 -2.73 -3.05
CA ALA A 62 10.39 -2.77 -3.64
C ALA A 62 10.51 -1.79 -4.81
N MET A 63 9.37 -1.20 -5.19
CA MET A 63 9.36 -0.24 -6.28
C MET A 63 9.67 1.17 -5.79
N SER A 64 9.73 2.11 -6.72
CA SER A 64 10.02 3.51 -6.38
C SER A 64 8.94 4.44 -6.92
N GLU A 65 8.70 5.54 -6.20
CA GLU A 65 7.70 6.51 -6.60
C GLU A 65 7.63 6.61 -8.12
N GLU A 66 8.76 6.94 -8.74
CA GLU A 66 8.81 7.08 -10.19
C GLU A 66 8.20 5.87 -10.88
N GLN A 67 8.52 4.68 -10.36
CA GLN A 67 8.01 3.43 -10.93
C GLN A 67 6.48 3.40 -10.86
N PHE A 68 5.94 3.83 -9.73
CA PHE A 68 4.50 3.84 -9.53
C PHE A 68 3.81 4.80 -10.51
N ARG A 69 4.57 5.80 -10.96
CA ARG A 69 4.05 6.78 -11.89
C ARG A 69 4.17 6.31 -13.33
N GLN A 70 5.09 5.36 -13.55
CA GLN A 70 5.32 4.81 -14.88
C GLN A 70 4.12 3.99 -15.34
N ARG A 71 3.39 3.43 -14.38
CA ARG A 71 2.21 2.62 -14.69
C ARG A 71 0.93 3.38 -14.40
N SER A 72 1.02 4.35 -13.49
CA SER A 72 -0.14 5.16 -13.12
C SER A 72 0.20 6.64 -13.13
N PRO A 73 -0.07 7.30 -14.26
CA PRO A 73 0.20 8.73 -14.43
C PRO A 73 -0.72 9.60 -13.59
N LEU A 74 -2.01 9.31 -13.63
CA LEU A 74 -2.99 10.07 -12.86
C LEU A 74 -2.82 9.82 -11.36
N GLY A 75 -2.22 8.69 -11.02
CA GLY A 75 -2.01 8.36 -9.63
C GLY A 75 -0.53 8.28 -9.27
N GLY A 76 0.09 7.13 -9.54
CA GLY A 76 1.49 6.96 -9.24
C GLY A 76 1.86 7.48 -7.87
N ASP A 77 2.36 8.70 -7.82
CA ASP A 77 2.76 9.33 -6.56
C ASP A 77 1.77 8.97 -5.45
N VAL A 78 0.49 8.93 -5.79
CA VAL A 78 -0.55 8.62 -4.82
C VAL A 78 -0.32 7.24 -4.20
N LEU A 79 -0.11 6.24 -5.05
CA LEU A 79 0.13 4.88 -4.59
C LEU A 79 1.41 4.80 -3.76
N HIS A 80 2.53 5.19 -4.36
CA HIS A 80 3.81 5.17 -3.68
C HIS A 80 3.74 5.95 -2.37
N ALA A 81 2.86 6.94 -2.33
CA ALA A 81 2.71 7.78 -1.14
C ALA A 81 1.91 7.04 -0.06
N HIS A 82 0.65 6.76 -0.35
CA HIS A 82 -0.22 6.06 0.60
C HIS A 82 0.43 4.76 1.05
N LEU A 83 1.37 4.25 0.26
CA LEU A 83 2.06 3.01 0.59
C LEU A 83 3.12 3.24 1.66
N ASP A 84 3.93 4.29 1.48
CA ASP A 84 4.97 4.61 2.44
C ASP A 84 4.49 4.41 3.86
N ILE A 85 3.25 4.82 4.13
CA ILE A 85 2.67 4.68 5.46
C ILE A 85 2.67 3.23 5.92
N TRP A 86 2.36 2.32 5.00
CA TRP A 86 2.33 0.90 5.31
C TRP A 86 3.74 0.35 5.45
N LYS A 87 4.48 0.30 4.35
CA LYS A 87 5.85 -0.21 4.36
C LYS A 87 6.61 0.32 5.57
N SER A 88 6.40 1.58 5.90
CA SER A 88 7.07 2.20 7.04
C SER A 88 6.67 1.51 8.34
N ALA A 89 5.37 1.26 8.49
CA ALA A 89 4.84 0.61 9.68
C ALA A 89 5.16 -0.88 9.68
N ALA A 90 5.40 -1.42 8.49
CA ALA A 90 5.72 -2.84 8.35
C ALA A 90 7.19 -3.11 8.62
N SER A 91 8.00 -2.05 8.58
CA SER A 91 9.43 -2.16 8.81
C SER A 91 9.81 -1.63 10.19
N GLY A 92 8.95 -1.89 11.17
CA GLY A 92 9.21 -1.41 12.52
C GLY A 92 8.54 -0.08 12.80
N PRO A 93 8.62 0.35 14.07
CA PRO A 93 8.02 1.63 14.50
C PRO A 93 8.76 2.84 13.94
N SER A 94 8.01 3.77 13.36
CA SER A 94 8.59 4.97 12.77
C SER A 94 8.54 6.13 13.76
N SER A 95 7.36 6.38 14.31
CA SER A 95 7.17 7.47 15.26
C SER A 95 7.46 8.82 14.62
N GLY A 96 6.89 9.05 13.44
CA GLY A 96 7.10 10.29 12.74
C GLY A 96 6.40 11.45 13.40
N GLY A 1 -0.52 6.76 24.44
CA GLY A 1 -0.69 5.34 24.63
C GLY A 1 0.29 4.78 25.64
N SER A 2 -0.13 3.71 26.33
CA SER A 2 0.71 3.08 27.33
C SER A 2 1.62 2.03 26.70
N SER A 3 1.01 1.05 26.05
CA SER A 3 1.76 -0.02 25.40
C SER A 3 2.06 0.34 23.94
N GLY A 4 1.01 0.60 23.17
CA GLY A 4 1.17 0.95 21.78
C GLY A 4 1.06 2.44 21.53
N SER A 5 1.21 2.85 20.28
CA SER A 5 1.13 4.26 19.93
C SER A 5 0.69 4.43 18.47
N SER A 6 0.63 5.67 18.02
CA SER A 6 0.21 5.97 16.65
C SER A 6 1.09 5.22 15.64
N GLY A 7 0.79 5.42 14.36
CA GLY A 7 1.56 4.75 13.31
C GLY A 7 0.67 4.01 12.33
N LEU A 8 0.46 2.74 12.59
CA LEU A 8 -0.38 1.91 11.72
C LEU A 8 -1.79 1.79 12.27
N LYS A 9 -2.06 2.49 13.37
CA LYS A 9 -3.37 2.46 14.00
C LYS A 9 -4.48 2.61 12.96
N ASP A 10 -4.23 3.45 11.97
CA ASP A 10 -5.21 3.69 10.90
C ASP A 10 -5.08 2.64 9.80
N ILE A 11 -3.88 2.09 9.66
CA ILE A 11 -3.63 1.06 8.64
C ILE A 11 -4.45 -0.19 8.92
N GLU A 12 -4.39 -0.68 10.15
CA GLU A 12 -5.12 -1.87 10.54
C GLU A 12 -6.60 -1.73 10.20
N THR A 13 -7.15 -0.54 10.45
CA THR A 13 -8.55 -0.28 10.18
C THR A 13 -8.86 -0.41 8.69
N ALA A 14 -7.83 -0.26 7.86
CA ALA A 14 -7.99 -0.36 6.42
C ALA A 14 -7.75 -1.79 5.94
N CYS A 15 -7.20 -2.62 6.81
CA CYS A 15 -6.91 -4.01 6.48
C CYS A 15 -8.04 -4.93 6.97
N LYS A 16 -8.93 -4.37 7.78
CA LYS A 16 -10.06 -5.13 8.31
C LYS A 16 -11.11 -5.37 7.23
N LEU A 17 -11.55 -4.31 6.58
CA LEU A 17 -12.55 -4.40 5.53
C LEU A 17 -11.93 -4.93 4.24
N LEU A 18 -10.61 -5.14 4.25
CA LEU A 18 -9.90 -5.64 3.09
C LEU A 18 -9.50 -7.10 3.28
N ASN A 19 -9.40 -7.52 4.54
CA ASN A 19 -9.01 -8.88 4.86
C ASN A 19 -7.58 -9.17 4.41
N ILE A 20 -6.71 -8.19 4.60
CA ILE A 20 -5.30 -8.34 4.23
C ILE A 20 -4.38 -8.13 5.43
N THR A 21 -3.07 -8.19 5.17
CA THR A 21 -2.09 -8.02 6.24
C THR A 21 -1.60 -6.58 6.29
N ALA A 22 -1.42 -6.05 7.49
CA ALA A 22 -0.95 -4.69 7.67
C ALA A 22 0.35 -4.45 6.89
N ASP A 23 1.08 -5.52 6.62
CA ASP A 23 2.34 -5.42 5.88
C ASP A 23 2.08 -5.45 4.38
N PRO A 24 2.49 -4.39 3.69
CA PRO A 24 2.31 -4.28 2.24
C PRO A 24 3.21 -5.23 1.47
N MET A 25 4.39 -5.50 2.02
CA MET A 25 5.35 -6.40 1.38
C MET A 25 4.88 -7.85 1.50
N ASP A 26 3.80 -8.06 2.23
CA ASP A 26 3.25 -9.40 2.42
C ASP A 26 1.99 -9.59 1.58
N TRP A 27 1.49 -8.50 1.01
CA TRP A 27 0.28 -8.55 0.19
C TRP A 27 0.36 -9.68 -0.83
N SER A 28 -0.37 -10.76 -0.57
CA SER A 28 -0.38 -11.91 -1.46
C SER A 28 -1.62 -12.77 -1.24
N PRO A 29 -2.04 -13.49 -2.27
CA PRO A 29 -1.35 -13.49 -3.57
C PRO A 29 -1.52 -12.16 -4.31
N SER A 30 -2.76 -11.69 -4.38
CA SER A 30 -3.06 -10.42 -5.06
C SER A 30 -3.72 -9.43 -4.10
N ASN A 31 -3.21 -9.37 -2.88
CA ASN A 31 -3.74 -8.47 -1.87
C ASN A 31 -3.57 -7.02 -2.29
N VAL A 32 -2.56 -6.75 -3.11
CA VAL A 32 -2.29 -5.41 -3.59
C VAL A 32 -3.55 -4.77 -4.18
N GLN A 33 -4.25 -5.53 -5.01
CA GLN A 33 -5.48 -5.04 -5.63
C GLN A 33 -6.43 -4.44 -4.59
N LYS A 34 -6.48 -5.08 -3.42
CA LYS A 34 -7.34 -4.61 -2.35
C LYS A 34 -6.86 -3.25 -1.82
N TRP A 35 -5.57 -3.14 -1.57
CA TRP A 35 -4.98 -1.90 -1.07
C TRP A 35 -5.11 -0.78 -2.09
N LEU A 36 -5.30 -1.17 -3.35
CA LEU A 36 -5.44 -0.19 -4.44
C LEU A 36 -6.85 0.37 -4.49
N LEU A 37 -7.81 -0.48 -4.86
CA LEU A 37 -9.19 -0.07 -4.95
C LEU A 37 -9.62 0.73 -3.71
N TRP A 38 -8.89 0.53 -2.61
CA TRP A 38 -9.17 1.23 -1.37
C TRP A 38 -8.88 2.72 -1.51
N THR A 39 -7.59 3.05 -1.53
CA THR A 39 -7.16 4.44 -1.65
C THR A 39 -7.50 5.00 -3.03
N GLU A 40 -7.76 4.11 -3.97
CA GLU A 40 -8.10 4.52 -5.33
C GLU A 40 -9.46 5.20 -5.38
N HIS A 41 -10.33 4.84 -4.43
CA HIS A 41 -11.67 5.42 -4.36
C HIS A 41 -11.68 6.66 -3.46
N GLN A 42 -10.65 6.78 -2.63
CA GLN A 42 -10.54 7.91 -1.72
C GLN A 42 -9.81 9.08 -2.37
N TYR A 43 -9.08 8.79 -3.44
CA TYR A 43 -8.33 9.81 -4.16
C TYR A 43 -8.82 9.94 -5.60
N ARG A 44 -9.86 9.18 -5.93
CA ARG A 44 -10.44 9.21 -7.27
C ARG A 44 -9.38 8.87 -8.32
N LEU A 45 -8.63 7.80 -8.06
CA LEU A 45 -7.59 7.36 -8.99
C LEU A 45 -8.14 6.35 -9.98
N PRO A 46 -7.48 6.25 -11.15
CA PRO A 46 -7.88 5.31 -12.21
C PRO A 46 -7.62 3.86 -11.82
N PRO A 47 -8.13 2.93 -12.65
CA PRO A 47 -7.97 1.49 -12.42
C PRO A 47 -6.52 1.03 -12.63
N MET A 48 -5.80 0.86 -11.54
CA MET A 48 -4.41 0.41 -11.62
C MET A 48 -4.31 -1.10 -11.45
N GLY A 49 -5.32 -1.69 -10.83
CA GLY A 49 -5.33 -3.12 -10.63
C GLY A 49 -4.80 -3.89 -11.82
N LYS A 50 -5.14 -3.42 -13.02
CA LYS A 50 -4.69 -4.06 -14.25
C LYS A 50 -3.19 -3.85 -14.46
N ALA A 51 -2.70 -2.68 -14.08
CA ALA A 51 -1.29 -2.35 -14.22
C ALA A 51 -0.46 -3.01 -13.12
N PHE A 52 -1.09 -3.26 -11.98
CA PHE A 52 -0.41 -3.89 -10.86
C PHE A 52 -0.87 -5.33 -10.68
N GLN A 53 -1.77 -5.78 -11.55
CA GLN A 53 -2.29 -7.14 -11.49
C GLN A 53 -1.16 -8.14 -11.32
N GLU A 54 -0.03 -7.88 -11.95
CA GLU A 54 1.12 -8.77 -11.88
C GLU A 54 1.99 -8.41 -10.67
N LEU A 55 1.89 -7.18 -10.21
CA LEU A 55 2.66 -6.71 -9.06
C LEU A 55 2.15 -7.33 -7.76
N ALA A 56 3.04 -7.46 -6.79
CA ALA A 56 2.68 -8.04 -5.50
C ALA A 56 3.11 -7.13 -4.35
N GLY A 57 2.78 -7.54 -3.12
CA GLY A 57 3.14 -6.76 -1.97
C GLY A 57 4.60 -6.33 -1.97
N LYS A 58 5.49 -7.31 -2.09
CA LYS A 58 6.92 -7.04 -2.10
C LYS A 58 7.27 -6.05 -3.21
N GLU A 59 6.96 -6.42 -4.45
CA GLU A 59 7.25 -5.57 -5.60
C GLU A 59 6.92 -4.12 -5.29
N LEU A 60 5.65 -3.83 -5.06
CA LEU A 60 5.20 -2.48 -4.75
C LEU A 60 6.20 -1.77 -3.84
N CYS A 61 6.41 -2.33 -2.66
CA CYS A 61 7.35 -1.76 -1.70
C CYS A 61 8.77 -1.77 -2.25
N ALA A 62 9.05 -2.70 -3.16
CA ALA A 62 10.37 -2.82 -3.77
C ALA A 62 10.52 -1.85 -4.94
N MET A 63 9.40 -1.26 -5.36
CA MET A 63 9.42 -0.32 -6.48
C MET A 63 9.80 1.08 -6.00
N SER A 64 9.75 2.04 -6.91
CA SER A 64 10.08 3.43 -6.59
C SER A 64 8.99 4.38 -7.06
N GLU A 65 8.80 5.46 -6.31
CA GLU A 65 7.79 6.45 -6.66
C GLU A 65 7.64 6.59 -8.17
N GLU A 66 8.75 6.90 -8.83
CA GLU A 66 8.75 7.05 -10.29
C GLU A 66 8.13 5.83 -10.97
N GLN A 67 8.47 4.65 -10.46
CA GLN A 67 7.96 3.41 -11.03
C GLN A 67 6.43 3.38 -10.98
N PHE A 68 5.87 3.75 -9.83
CA PHE A 68 4.42 3.75 -9.66
C PHE A 68 3.77 4.73 -10.63
N ARG A 69 4.53 5.73 -11.06
CA ARG A 69 4.04 6.73 -12.00
C ARG A 69 4.20 6.26 -13.44
N GLN A 70 5.11 5.31 -13.65
CA GLN A 70 5.36 4.77 -14.97
C GLN A 70 4.17 3.97 -15.47
N ARG A 71 3.41 3.40 -14.54
CA ARG A 71 2.24 2.60 -14.89
C ARG A 71 0.95 3.37 -14.63
N SER A 72 1.01 4.30 -13.67
CA SER A 72 -0.16 5.10 -13.33
C SER A 72 0.21 6.58 -13.27
N PRO A 73 -0.04 7.29 -14.39
CA PRO A 73 0.26 8.73 -14.48
C PRO A 73 -0.67 9.57 -13.61
N LEU A 74 -1.97 9.32 -13.73
CA LEU A 74 -2.96 10.06 -12.95
C LEU A 74 -2.79 9.80 -11.46
N GLY A 75 -2.18 8.67 -11.13
CA GLY A 75 -1.95 8.33 -9.74
C GLY A 75 -0.48 8.21 -9.39
N GLY A 76 0.07 7.02 -9.60
CA GLY A 76 1.48 6.80 -9.30
C GLY A 76 1.87 7.28 -7.92
N ASP A 77 2.33 8.53 -7.84
CA ASP A 77 2.74 9.11 -6.57
C ASP A 77 1.79 8.70 -5.46
N VAL A 78 0.49 8.87 -5.70
CA VAL A 78 -0.53 8.50 -4.72
C VAL A 78 -0.23 7.15 -4.07
N LEU A 79 0.06 6.17 -4.91
CA LEU A 79 0.38 4.83 -4.43
C LEU A 79 1.63 4.84 -3.55
N HIS A 80 2.78 5.05 -4.18
CA HIS A 80 4.05 5.09 -3.46
C HIS A 80 3.94 5.96 -2.20
N ALA A 81 3.01 6.92 -2.24
CA ALA A 81 2.80 7.81 -1.11
C ALA A 81 1.99 7.13 0.00
N HIS A 82 0.73 6.85 -0.30
CA HIS A 82 -0.14 6.19 0.67
C HIS A 82 0.42 4.85 1.09
N LEU A 83 1.40 4.36 0.35
CA LEU A 83 2.04 3.07 0.65
C LEU A 83 3.15 3.24 1.67
N ASP A 84 3.94 4.29 1.52
CA ASP A 84 5.04 4.56 2.43
C ASP A 84 4.60 4.36 3.88
N ILE A 85 3.42 4.87 4.21
CA ILE A 85 2.89 4.74 5.56
C ILE A 85 2.82 3.28 5.99
N TRP A 86 2.43 2.41 5.07
CA TRP A 86 2.33 0.99 5.36
C TRP A 86 3.71 0.36 5.49
N LYS A 87 4.47 0.34 4.40
CA LYS A 87 5.81 -0.23 4.40
C LYS A 87 6.62 0.27 5.59
N SER A 88 6.51 1.57 5.86
CA SER A 88 7.23 2.19 6.97
C SER A 88 6.88 1.51 8.29
N ALA A 89 5.58 1.27 8.50
CA ALA A 89 5.11 0.62 9.71
C ALA A 89 5.41 -0.87 9.70
N ALA A 90 5.54 -1.43 8.50
CA ALA A 90 5.84 -2.85 8.35
C ALA A 90 7.35 -3.10 8.43
N SER A 91 8.13 -2.06 8.24
CA SER A 91 9.59 -2.17 8.29
C SER A 91 10.10 -2.04 9.72
N GLY A 92 9.30 -2.54 10.67
CA GLY A 92 9.70 -2.47 12.07
C GLY A 92 9.31 -1.15 12.72
N PRO A 93 9.50 -1.06 14.04
CA PRO A 93 9.17 0.14 14.80
C PRO A 93 10.11 1.30 14.50
N SER A 94 9.57 2.37 13.94
CA SER A 94 10.36 3.55 13.59
C SER A 94 9.49 4.78 13.47
N SER A 95 10.04 5.93 13.85
CA SER A 95 9.30 7.19 13.79
C SER A 95 9.28 7.74 12.37
N GLY A 96 10.44 7.72 11.71
CA GLY A 96 10.53 8.22 10.36
C GLY A 96 11.29 7.29 9.45
N GLY A 1 1.30 -5.20 26.62
CA GLY A 1 0.02 -4.52 26.73
C GLY A 1 -0.22 -3.54 25.60
N SER A 2 -1.41 -2.95 25.58
CA SER A 2 -1.76 -1.98 24.54
C SER A 2 -1.65 -0.54 25.07
N SER A 3 -1.14 0.34 24.23
CA SER A 3 -0.98 1.75 24.62
C SER A 3 -1.24 2.66 23.43
N GLY A 4 -1.64 3.90 23.71
CA GLY A 4 -1.91 4.85 22.67
C GLY A 4 -0.67 5.26 21.90
N SER A 5 -0.51 4.72 20.69
CA SER A 5 0.65 5.03 19.86
C SER A 5 0.26 5.08 18.39
N SER A 6 0.55 6.21 17.75
CA SER A 6 0.22 6.39 16.34
C SER A 6 1.14 5.55 15.46
N GLY A 7 0.84 5.50 14.17
CA GLY A 7 1.64 4.73 13.24
C GLY A 7 0.80 3.90 12.29
N LEU A 8 0.55 2.65 12.66
CA LEU A 8 -0.25 1.76 11.82
C LEU A 8 -1.69 1.70 12.32
N LYS A 9 -2.00 2.51 13.33
CA LYS A 9 -3.34 2.55 13.89
C LYS A 9 -4.38 2.78 12.79
N ASP A 10 -3.99 3.50 11.75
CA ASP A 10 -4.88 3.79 10.63
C ASP A 10 -4.78 2.71 9.56
N ILE A 11 -3.67 1.97 9.58
CA ILE A 11 -3.46 0.90 8.61
C ILE A 11 -4.40 -0.27 8.86
N GLU A 12 -4.46 -0.71 10.12
CA GLU A 12 -5.32 -1.84 10.49
C GLU A 12 -6.75 -1.60 10.02
N THR A 13 -7.24 -0.37 10.21
CA THR A 13 -8.59 -0.02 9.81
C THR A 13 -8.80 -0.24 8.32
N ALA A 14 -7.71 -0.21 7.56
CA ALA A 14 -7.78 -0.42 6.12
C ALA A 14 -7.59 -1.89 5.76
N CYS A 15 -7.14 -2.67 6.73
CA CYS A 15 -6.90 -4.09 6.52
C CYS A 15 -8.09 -4.92 7.00
N LYS A 16 -9.01 -4.27 7.72
CA LYS A 16 -10.20 -4.93 8.24
C LYS A 16 -11.18 -5.26 7.12
N LEU A 17 -11.57 -4.24 6.37
CA LEU A 17 -12.51 -4.41 5.27
C LEU A 17 -11.87 -5.20 4.14
N LEU A 18 -10.59 -4.97 3.90
CA LEU A 18 -9.85 -5.67 2.86
C LEU A 18 -9.41 -7.05 3.33
N ASN A 19 -9.49 -7.28 4.63
CA ASN A 19 -9.09 -8.55 5.21
C ASN A 19 -7.69 -8.95 4.74
N ILE A 20 -6.74 -8.02 4.87
CA ILE A 20 -5.37 -8.28 4.47
C ILE A 20 -4.40 -8.05 5.62
N THR A 21 -3.11 -8.17 5.33
CA THR A 21 -2.08 -7.97 6.35
C THR A 21 -1.59 -6.53 6.35
N ALA A 22 -1.36 -5.99 7.55
CA ALA A 22 -0.88 -4.62 7.69
C ALA A 22 0.42 -4.41 6.92
N ASP A 23 1.12 -5.50 6.64
CA ASP A 23 2.38 -5.43 5.92
C ASP A 23 2.14 -5.48 4.41
N PRO A 24 2.56 -4.43 3.70
CA PRO A 24 2.41 -4.33 2.25
C PRO A 24 3.29 -5.31 1.50
N MET A 25 4.46 -5.60 2.06
CA MET A 25 5.40 -6.53 1.45
C MET A 25 4.89 -7.97 1.56
N ASP A 26 3.79 -8.14 2.27
CA ASP A 26 3.20 -9.47 2.46
C ASP A 26 1.96 -9.63 1.59
N TRP A 27 1.50 -8.53 1.00
CA TRP A 27 0.32 -8.55 0.14
C TRP A 27 0.42 -9.66 -0.90
N SER A 28 -0.32 -10.74 -0.68
CA SER A 28 -0.31 -11.88 -1.60
C SER A 28 -1.52 -12.78 -1.36
N PRO A 29 -1.92 -13.51 -2.41
CA PRO A 29 -1.25 -13.46 -3.71
C PRO A 29 -1.47 -12.14 -4.43
N SER A 30 -2.73 -11.73 -4.53
CA SER A 30 -3.08 -10.48 -5.20
C SER A 30 -3.75 -9.52 -4.22
N ASN A 31 -3.28 -9.51 -2.98
CA ASN A 31 -3.83 -8.63 -1.95
C ASN A 31 -3.68 -7.17 -2.36
N VAL A 32 -2.63 -6.88 -3.12
CA VAL A 32 -2.38 -5.51 -3.58
C VAL A 32 -3.64 -4.87 -4.12
N GLN A 33 -4.32 -5.57 -5.02
CA GLN A 33 -5.55 -5.08 -5.62
C GLN A 33 -6.47 -4.46 -4.57
N LYS A 34 -6.48 -5.07 -3.39
CA LYS A 34 -7.32 -4.59 -2.29
C LYS A 34 -6.83 -3.23 -1.80
N TRP A 35 -5.54 -3.13 -1.52
CA TRP A 35 -4.95 -1.89 -1.05
C TRP A 35 -5.06 -0.80 -2.11
N LEU A 36 -5.32 -1.21 -3.35
CA LEU A 36 -5.44 -0.27 -4.45
C LEU A 36 -6.85 0.33 -4.50
N LEU A 37 -7.83 -0.50 -4.83
CA LEU A 37 -9.21 -0.05 -4.91
C LEU A 37 -9.60 0.75 -3.68
N TRP A 38 -8.91 0.48 -2.57
CA TRP A 38 -9.18 1.18 -1.31
C TRP A 38 -8.91 2.68 -1.45
N THR A 39 -7.64 3.03 -1.52
CA THR A 39 -7.24 4.44 -1.65
C THR A 39 -7.69 5.02 -2.98
N GLU A 40 -7.74 4.16 -3.99
CA GLU A 40 -8.16 4.59 -5.33
C GLU A 40 -9.53 5.26 -5.29
N HIS A 41 -10.37 4.81 -4.34
CA HIS A 41 -11.71 5.37 -4.19
C HIS A 41 -11.70 6.57 -3.25
N GLN A 42 -10.58 6.75 -2.54
CA GLN A 42 -10.45 7.86 -1.61
C GLN A 42 -9.69 9.02 -2.25
N TYR A 43 -9.10 8.77 -3.41
CA TYR A 43 -8.35 9.78 -4.13
C TYR A 43 -8.86 9.93 -5.56
N ARG A 44 -9.85 9.14 -5.91
CA ARG A 44 -10.42 9.17 -7.25
C ARG A 44 -9.38 8.81 -8.30
N LEU A 45 -8.57 7.80 -8.00
CA LEU A 45 -7.53 7.35 -8.92
C LEU A 45 -8.08 6.33 -9.90
N PRO A 46 -7.44 6.23 -11.07
CA PRO A 46 -7.83 5.28 -12.12
C PRO A 46 -7.58 3.83 -11.73
N PRO A 47 -8.10 2.89 -12.54
CA PRO A 47 -7.93 1.45 -12.30
C PRO A 47 -6.50 1.00 -12.53
N MET A 48 -5.76 0.81 -11.44
CA MET A 48 -4.37 0.36 -11.53
C MET A 48 -4.27 -1.15 -11.42
N GLY A 49 -5.26 -1.75 -10.75
CA GLY A 49 -5.27 -3.19 -10.58
C GLY A 49 -4.79 -3.93 -11.82
N LYS A 50 -5.15 -3.41 -12.99
CA LYS A 50 -4.74 -4.02 -14.25
C LYS A 50 -3.24 -3.87 -14.48
N ALA A 51 -2.70 -2.71 -14.10
CA ALA A 51 -1.28 -2.43 -14.26
C ALA A 51 -0.47 -3.12 -13.17
N PHE A 52 -1.06 -3.27 -11.99
CA PHE A 52 -0.39 -3.91 -10.87
C PHE A 52 -0.84 -5.36 -10.72
N GLN A 53 -1.68 -5.82 -11.64
CA GLN A 53 -2.18 -7.19 -11.62
C GLN A 53 -1.04 -8.18 -11.43
N GLU A 54 0.11 -7.88 -12.04
CA GLU A 54 1.27 -8.75 -11.95
C GLU A 54 2.12 -8.39 -10.73
N LEU A 55 1.98 -7.15 -10.27
CA LEU A 55 2.74 -6.67 -9.11
C LEU A 55 2.23 -7.31 -7.82
N ALA A 56 3.11 -7.46 -6.85
CA ALA A 56 2.75 -8.04 -5.56
C ALA A 56 3.19 -7.15 -4.40
N GLY A 57 2.83 -7.55 -3.19
CA GLY A 57 3.21 -6.78 -2.02
C GLY A 57 4.67 -6.40 -2.02
N LYS A 58 5.55 -7.39 -2.08
CA LYS A 58 6.99 -7.16 -2.10
C LYS A 58 7.36 -6.16 -3.18
N GLU A 59 6.95 -6.46 -4.41
CA GLU A 59 7.25 -5.60 -5.55
C GLU A 59 6.90 -4.14 -5.22
N LEU A 60 5.64 -3.90 -4.91
CA LEU A 60 5.17 -2.55 -4.59
C LEU A 60 6.19 -1.83 -3.71
N CYS A 61 6.49 -2.40 -2.55
CA CYS A 61 7.44 -1.82 -1.62
C CYS A 61 8.85 -1.78 -2.24
N ALA A 62 9.12 -2.73 -3.13
CA ALA A 62 10.42 -2.81 -3.78
C ALA A 62 10.51 -1.82 -4.94
N MET A 63 9.36 -1.27 -5.33
CA MET A 63 9.33 -0.30 -6.43
C MET A 63 9.71 1.09 -5.95
N SER A 64 9.63 2.06 -6.86
CA SER A 64 9.97 3.44 -6.52
C SER A 64 8.90 4.41 -7.02
N GLU A 65 8.69 5.50 -6.28
CA GLU A 65 7.69 6.48 -6.65
C GLU A 65 7.59 6.62 -8.17
N GLU A 66 8.71 6.94 -8.81
CA GLU A 66 8.74 7.10 -10.26
C GLU A 66 8.13 5.88 -10.95
N GLN A 67 8.46 4.69 -10.44
CA GLN A 67 7.95 3.45 -11.01
C GLN A 67 6.42 3.40 -10.94
N PHE A 68 5.88 3.83 -9.81
CA PHE A 68 4.43 3.83 -9.62
C PHE A 68 3.76 4.79 -10.60
N ARG A 69 4.51 5.79 -11.05
CA ARG A 69 3.98 6.78 -11.99
C ARG A 69 4.13 6.29 -13.43
N GLN A 70 5.05 5.36 -13.64
CA GLN A 70 5.29 4.81 -14.97
C GLN A 70 4.09 3.99 -15.45
N ARG A 71 3.35 3.42 -14.49
CA ARG A 71 2.19 2.62 -14.82
C ARG A 71 0.90 3.38 -14.53
N SER A 72 0.98 4.35 -13.62
CA SER A 72 -0.17 5.16 -13.25
C SER A 72 0.19 6.64 -13.18
N PRO A 73 -0.04 7.35 -14.29
CA PRO A 73 0.26 8.79 -14.38
C PRO A 73 -0.68 9.63 -13.52
N LEU A 74 -1.98 9.35 -13.61
CA LEU A 74 -2.97 10.09 -12.84
C LEU A 74 -2.80 9.83 -11.35
N GLY A 75 -2.16 8.73 -11.02
CA GLY A 75 -1.93 8.38 -9.62
C GLY A 75 -0.47 8.22 -9.29
N GLY A 76 0.06 7.02 -9.51
CA GLY A 76 1.46 6.75 -9.23
C GLY A 76 1.89 7.30 -7.88
N ASP A 77 2.36 8.54 -7.87
CA ASP A 77 2.80 9.18 -6.64
C ASP A 77 1.87 8.84 -5.48
N VAL A 78 0.58 8.82 -5.77
CA VAL A 78 -0.43 8.52 -4.75
C VAL A 78 -0.13 7.17 -4.07
N LEU A 79 -0.04 6.12 -4.87
CA LEU A 79 0.25 4.78 -4.36
C LEU A 79 1.54 4.77 -3.55
N HIS A 80 2.64 5.16 -4.20
CA HIS A 80 3.94 5.19 -3.55
C HIS A 80 3.88 6.00 -2.26
N ALA A 81 2.98 6.98 -2.22
CA ALA A 81 2.82 7.83 -1.04
C ALA A 81 2.02 7.11 0.05
N HIS A 82 0.74 6.88 -0.23
CA HIS A 82 -0.14 6.21 0.72
C HIS A 82 0.46 4.87 1.16
N LEU A 83 1.39 4.35 0.37
CA LEU A 83 2.05 3.08 0.66
C LEU A 83 3.13 3.27 1.72
N ASP A 84 3.89 4.35 1.59
CA ASP A 84 4.97 4.65 2.53
C ASP A 84 4.51 4.40 3.96
N ILE A 85 3.32 4.89 4.30
CA ILE A 85 2.78 4.72 5.63
C ILE A 85 2.77 3.24 6.05
N TRP A 86 2.43 2.38 5.10
CA TRP A 86 2.39 0.95 5.37
C TRP A 86 3.79 0.37 5.50
N LYS A 87 4.52 0.34 4.38
CA LYS A 87 5.89 -0.18 4.37
C LYS A 87 6.67 0.32 5.57
N SER A 88 6.52 1.60 5.87
CA SER A 88 7.22 2.21 7.01
C SER A 88 6.84 1.53 8.32
N ALA A 89 5.53 1.30 8.49
CA ALA A 89 5.04 0.65 9.69
C ALA A 89 5.37 -0.84 9.71
N ALA A 90 5.50 -1.42 8.51
CA ALA A 90 5.83 -2.83 8.38
C ALA A 90 7.34 -3.06 8.48
N SER A 91 8.10 -1.99 8.32
CA SER A 91 9.55 -2.08 8.38
C SER A 91 10.05 -2.00 9.82
N GLY A 92 9.26 -2.58 10.74
CA GLY A 92 9.63 -2.56 12.14
C GLY A 92 8.94 -1.45 12.90
N PRO A 93 9.52 -1.07 14.06
CA PRO A 93 8.97 -0.01 14.90
C PRO A 93 9.11 1.37 14.27
N SER A 94 9.72 1.42 13.09
CA SER A 94 9.92 2.67 12.37
C SER A 94 10.73 3.66 13.21
N SER A 95 11.79 3.15 13.84
CA SER A 95 12.65 3.98 14.67
C SER A 95 13.01 5.28 13.96
N GLY A 96 12.98 6.38 14.71
CA GLY A 96 13.31 7.68 14.13
C GLY A 96 13.87 8.64 15.16
N GLY A 1 3.18 -9.27 21.86
CA GLY A 1 4.48 -9.08 22.47
C GLY A 1 4.84 -7.61 22.64
N SER A 2 4.54 -6.81 21.63
CA SER A 2 4.84 -5.38 21.67
C SER A 2 3.58 -4.56 21.40
N SER A 3 3.15 -3.79 22.39
CA SER A 3 1.96 -2.96 22.26
C SER A 3 2.00 -2.17 20.95
N GLY A 4 0.82 -1.84 20.43
CA GLY A 4 0.74 -1.08 19.20
C GLY A 4 1.06 0.38 19.39
N SER A 5 1.88 0.93 18.50
CA SER A 5 2.28 2.34 18.58
C SER A 5 1.58 3.16 17.50
N SER A 6 1.50 4.47 17.72
CA SER A 6 0.86 5.36 16.76
C SER A 6 1.45 5.18 15.37
N GLY A 7 0.63 5.44 14.35
CA GLY A 7 1.09 5.30 12.98
C GLY A 7 0.30 4.27 12.21
N LEU A 8 0.50 2.99 12.53
CA LEU A 8 -0.20 1.91 11.86
C LEU A 8 -1.60 1.73 12.43
N LYS A 9 -1.85 2.35 13.57
CA LYS A 9 -3.16 2.27 14.22
C LYS A 9 -4.28 2.50 13.22
N ASP A 10 -3.98 3.25 12.17
CA ASP A 10 -4.96 3.54 11.13
C ASP A 10 -4.91 2.49 10.01
N ILE A 11 -3.74 1.88 9.85
CA ILE A 11 -3.55 0.86 8.81
C ILE A 11 -4.45 -0.34 9.07
N GLU A 12 -4.42 -0.84 10.31
CA GLU A 12 -5.23 -2.00 10.68
C GLU A 12 -6.69 -1.79 10.28
N THR A 13 -7.17 -0.57 10.47
CA THR A 13 -8.55 -0.24 10.14
C THR A 13 -8.80 -0.37 8.64
N ALA A 14 -7.73 -0.29 7.86
CA ALA A 14 -7.83 -0.39 6.41
C ALA A 14 -7.65 -1.83 5.95
N CYS A 15 -7.17 -2.68 6.86
CA CYS A 15 -6.95 -4.09 6.54
C CYS A 15 -8.14 -4.95 6.98
N LYS A 16 -9.02 -4.35 7.78
CA LYS A 16 -10.19 -5.05 8.27
C LYS A 16 -11.20 -5.29 7.15
N LEU A 17 -11.56 -4.21 6.45
CA LEU A 17 -12.52 -4.30 5.36
C LEU A 17 -11.92 -5.07 4.18
N LEU A 18 -10.61 -4.96 4.01
CA LEU A 18 -9.93 -5.64 2.92
C LEU A 18 -9.53 -7.06 3.33
N ASN A 19 -9.44 -7.29 4.63
CA ASN A 19 -9.07 -8.60 5.16
C ASN A 19 -7.67 -8.99 4.72
N ILE A 20 -6.76 -8.02 4.75
CA ILE A 20 -5.37 -8.27 4.36
C ILE A 20 -4.41 -8.04 5.52
N THR A 21 -3.12 -8.15 5.25
CA THR A 21 -2.11 -7.97 6.28
C THR A 21 -1.60 -6.53 6.29
N ALA A 22 -1.39 -5.99 7.49
CA ALA A 22 -0.91 -4.62 7.64
C ALA A 22 0.38 -4.41 6.86
N ASP A 23 1.11 -5.49 6.62
CA ASP A 23 2.37 -5.43 5.88
C ASP A 23 2.12 -5.49 4.38
N PRO A 24 2.55 -4.44 3.67
CA PRO A 24 2.39 -4.36 2.21
C PRO A 24 3.27 -5.36 1.47
N MET A 25 4.44 -5.63 2.03
CA MET A 25 5.38 -6.57 1.42
C MET A 25 4.86 -8.01 1.53
N ASP A 26 3.75 -8.18 2.24
CA ASP A 26 3.15 -9.49 2.43
C ASP A 26 1.89 -9.64 1.58
N TRP A 27 1.46 -8.54 0.97
CA TRP A 27 0.27 -8.55 0.13
C TRP A 27 0.34 -9.66 -0.90
N SER A 28 -0.41 -10.73 -0.67
CA SER A 28 -0.43 -11.87 -1.58
C SER A 28 -1.65 -12.75 -1.34
N PRO A 29 -2.07 -13.48 -2.37
CA PRO A 29 -1.41 -13.45 -3.68
C PRO A 29 -1.61 -12.13 -4.41
N SER A 30 -2.86 -11.69 -4.51
CA SER A 30 -3.19 -10.44 -5.19
C SER A 30 -3.83 -9.46 -4.21
N ASN A 31 -3.37 -9.47 -2.97
CA ASN A 31 -3.89 -8.57 -1.95
C ASN A 31 -3.73 -7.11 -2.36
N VAL A 32 -2.68 -6.84 -3.13
CA VAL A 32 -2.41 -5.48 -3.59
C VAL A 32 -3.68 -4.82 -4.14
N GLN A 33 -4.39 -5.55 -5.00
CA GLN A 33 -5.62 -5.04 -5.59
C GLN A 33 -6.51 -4.40 -4.53
N LYS A 34 -6.59 -5.03 -3.37
CA LYS A 34 -7.41 -4.53 -2.28
C LYS A 34 -6.90 -3.18 -1.79
N TRP A 35 -5.59 -3.10 -1.54
CA TRP A 35 -4.98 -1.87 -1.07
C TRP A 35 -5.10 -0.77 -2.11
N LEU A 36 -5.26 -1.17 -3.37
CA LEU A 36 -5.39 -0.22 -4.47
C LEU A 36 -6.80 0.37 -4.52
N LEU A 37 -7.76 -0.45 -4.93
CA LEU A 37 -9.14 -0.02 -5.03
C LEU A 37 -9.56 0.77 -3.78
N TRP A 38 -8.89 0.49 -2.67
CA TRP A 38 -9.18 1.16 -1.41
C TRP A 38 -8.94 2.66 -1.54
N THR A 39 -7.67 3.06 -1.58
CA THR A 39 -7.31 4.47 -1.70
C THR A 39 -7.72 5.03 -3.06
N GLU A 40 -7.62 4.19 -4.10
CA GLU A 40 -7.98 4.61 -5.45
C GLU A 40 -9.36 5.26 -5.47
N HIS A 41 -10.23 4.81 -4.58
CA HIS A 41 -11.59 5.35 -4.49
C HIS A 41 -11.63 6.57 -3.57
N GLN A 42 -10.60 6.71 -2.74
CA GLN A 42 -10.52 7.83 -1.80
C GLN A 42 -9.78 9.01 -2.42
N TYR A 43 -9.11 8.74 -3.53
CA TYR A 43 -8.35 9.78 -4.22
C TYR A 43 -8.85 9.96 -5.65
N ARG A 44 -9.81 9.15 -6.04
CA ARG A 44 -10.38 9.21 -7.39
C ARG A 44 -9.32 8.87 -8.44
N LEU A 45 -8.54 7.84 -8.18
CA LEU A 45 -7.50 7.42 -9.10
C LEU A 45 -8.02 6.39 -10.08
N PRO A 46 -7.37 6.28 -11.25
CA PRO A 46 -7.74 5.33 -12.30
C PRO A 46 -7.47 3.88 -11.90
N PRO A 47 -7.97 2.95 -12.72
CA PRO A 47 -7.80 1.51 -12.47
C PRO A 47 -6.35 1.06 -12.68
N MET A 48 -5.60 0.95 -11.59
CA MET A 48 -4.21 0.53 -11.66
C MET A 48 -4.09 -0.99 -11.55
N GLY A 49 -5.07 -1.60 -10.91
CA GLY A 49 -5.06 -3.05 -10.75
C GLY A 49 -4.61 -3.77 -12.01
N LYS A 50 -5.18 -3.38 -13.15
CA LYS A 50 -4.84 -4.00 -14.42
C LYS A 50 -3.35 -3.84 -14.71
N ALA A 51 -2.77 -2.74 -14.25
CA ALA A 51 -1.35 -2.47 -14.45
C ALA A 51 -0.51 -3.06 -13.32
N PHE A 52 -1.16 -3.31 -12.19
CA PHE A 52 -0.46 -3.86 -11.03
C PHE A 52 -0.83 -5.33 -10.83
N GLN A 53 -1.60 -5.87 -11.77
CA GLN A 53 -2.02 -7.27 -11.70
C GLN A 53 -0.82 -8.19 -11.52
N GLU A 54 0.27 -7.87 -12.19
CA GLU A 54 1.48 -8.68 -12.12
C GLU A 54 2.31 -8.29 -10.89
N LEU A 55 2.04 -7.12 -10.35
CA LEU A 55 2.75 -6.63 -9.17
C LEU A 55 2.22 -7.29 -7.90
N ALA A 56 3.07 -7.39 -6.89
CA ALA A 56 2.69 -7.99 -5.61
C ALA A 56 3.11 -7.12 -4.44
N GLY A 57 2.84 -7.59 -3.22
CA GLY A 57 3.19 -6.83 -2.04
C GLY A 57 4.65 -6.43 -2.02
N LYS A 58 5.54 -7.41 -2.15
CA LYS A 58 6.97 -7.17 -2.14
C LYS A 58 7.34 -6.15 -3.22
N GLU A 59 6.93 -6.42 -4.46
CA GLU A 59 7.23 -5.52 -5.57
C GLU A 59 6.86 -4.09 -5.22
N LEU A 60 5.56 -3.84 -5.04
CA LEU A 60 5.08 -2.51 -4.70
C LEU A 60 6.04 -1.79 -3.76
N CYS A 61 6.30 -2.41 -2.61
CA CYS A 61 7.20 -1.84 -1.61
C CYS A 61 8.63 -1.78 -2.16
N ALA A 62 8.95 -2.69 -3.06
CA ALA A 62 10.29 -2.75 -3.65
C ALA A 62 10.41 -1.76 -4.80
N MET A 63 9.28 -1.21 -5.25
CA MET A 63 9.27 -0.25 -6.34
C MET A 63 9.60 1.15 -5.84
N SER A 64 9.60 2.12 -6.76
CA SER A 64 9.91 3.50 -6.40
C SER A 64 8.85 4.44 -6.96
N GLU A 65 8.64 5.56 -6.28
CA GLU A 65 7.66 6.55 -6.71
C GLU A 65 7.58 6.61 -8.23
N GLU A 66 8.69 6.99 -8.85
CA GLU A 66 8.76 7.09 -10.31
C GLU A 66 8.18 5.84 -10.96
N GLN A 67 8.52 4.68 -10.42
CA GLN A 67 8.04 3.42 -10.95
C GLN A 67 6.51 3.36 -10.94
N PHE A 68 5.92 3.77 -9.82
CA PHE A 68 4.48 3.77 -9.68
C PHE A 68 3.83 4.72 -10.68
N ARG A 69 4.57 5.75 -11.09
CA ARG A 69 4.07 6.73 -12.04
C ARG A 69 4.24 6.22 -13.48
N GLN A 70 5.14 5.26 -13.66
CA GLN A 70 5.40 4.70 -14.98
C GLN A 70 4.20 3.89 -15.46
N ARG A 71 3.43 3.36 -14.52
CA ARG A 71 2.26 2.56 -14.86
C ARG A 71 0.97 3.36 -14.64
N SER A 72 1.01 4.27 -13.67
CA SER A 72 -0.14 5.10 -13.36
C SER A 72 0.24 6.58 -13.27
N PRO A 73 0.05 7.30 -14.38
CA PRO A 73 0.37 8.73 -14.46
C PRO A 73 -0.56 9.58 -13.61
N LEU A 74 -1.87 9.36 -13.77
CA LEU A 74 -2.86 10.12 -13.01
C LEU A 74 -2.70 9.89 -11.51
N GLY A 75 -2.07 8.77 -11.16
CA GLY A 75 -1.86 8.45 -9.75
C GLY A 75 -0.39 8.27 -9.42
N GLY A 76 0.11 7.05 -9.62
CA GLY A 76 1.50 6.77 -9.33
C GLY A 76 1.92 7.29 -7.96
N ASP A 77 2.36 8.53 -7.91
CA ASP A 77 2.80 9.14 -6.66
C ASP A 77 1.86 8.76 -5.51
N VAL A 78 0.56 8.77 -5.80
CA VAL A 78 -0.45 8.42 -4.80
C VAL A 78 -0.11 7.12 -4.11
N LEU A 79 0.10 6.07 -4.90
CA LEU A 79 0.44 4.75 -4.37
C LEU A 79 1.73 4.81 -3.55
N HIS A 80 2.81 5.25 -4.19
CA HIS A 80 4.10 5.35 -3.52
C HIS A 80 4.00 6.21 -2.27
N ALA A 81 3.00 7.09 -2.23
CA ALA A 81 2.79 7.97 -1.08
C ALA A 81 2.01 7.26 0.00
N HIS A 82 0.74 6.96 -0.27
CA HIS A 82 -0.12 6.29 0.69
C HIS A 82 0.48 4.95 1.12
N LEU A 83 1.42 4.45 0.32
CA LEU A 83 2.08 3.18 0.61
C LEU A 83 3.18 3.36 1.66
N ASP A 84 3.93 4.45 1.53
CA ASP A 84 5.01 4.73 2.47
C ASP A 84 4.55 4.54 3.91
N ILE A 85 3.30 4.90 4.18
CA ILE A 85 2.73 4.76 5.51
C ILE A 85 2.71 3.29 5.95
N TRP A 86 2.42 2.40 5.00
CA TRP A 86 2.37 0.97 5.29
C TRP A 86 3.78 0.40 5.43
N LYS A 87 4.53 0.41 4.33
CA LYS A 87 5.89 -0.11 4.33
C LYS A 87 6.67 0.40 5.54
N SER A 88 6.50 1.69 5.83
CA SER A 88 7.19 2.31 6.95
C SER A 88 6.80 1.65 8.27
N ALA A 89 5.50 1.41 8.45
CA ALA A 89 4.99 0.79 9.66
C ALA A 89 5.26 -0.72 9.66
N ALA A 90 5.53 -1.25 8.47
CA ALA A 90 5.81 -2.68 8.33
C ALA A 90 7.30 -2.96 8.43
N SER A 91 8.11 -1.93 8.23
CA SER A 91 9.56 -2.06 8.29
C SER A 91 10.11 -1.48 9.58
N GLY A 92 9.40 -1.74 10.68
CA GLY A 92 9.83 -1.23 11.97
C GLY A 92 9.32 0.16 12.25
N PRO A 93 10.02 0.90 13.14
CA PRO A 93 9.64 2.26 13.50
C PRO A 93 9.86 3.26 12.37
N SER A 94 9.42 4.49 12.58
CA SER A 94 9.58 5.53 11.57
C SER A 94 10.61 6.56 11.99
N SER A 95 10.37 7.20 13.14
CA SER A 95 11.29 8.21 13.66
C SER A 95 11.64 9.23 12.58
N GLY A 96 10.64 9.61 11.78
CA GLY A 96 10.87 10.57 10.72
C GLY A 96 10.04 11.83 10.90
N GLY A 1 6.79 -5.37 19.88
CA GLY A 1 5.33 -5.36 19.89
C GLY A 1 4.77 -3.96 19.88
N SER A 2 3.70 -3.74 20.64
CA SER A 2 3.06 -2.43 20.71
C SER A 2 2.02 -2.39 21.82
N SER A 3 1.69 -1.19 22.27
CA SER A 3 0.71 -1.01 23.34
C SER A 3 -0.48 -0.19 22.86
N GLY A 4 -0.19 0.97 22.25
CA GLY A 4 -1.24 1.83 21.75
C GLY A 4 -0.73 3.20 21.38
N SER A 5 0.01 3.29 20.28
CA SER A 5 0.57 4.55 19.82
C SER A 5 0.29 4.77 18.33
N SER A 6 0.36 6.02 17.90
CA SER A 6 0.11 6.35 16.50
C SER A 6 0.99 5.52 15.57
N GLY A 7 0.74 5.63 14.27
CA GLY A 7 1.52 4.88 13.31
C GLY A 7 0.65 4.10 12.34
N LEU A 8 0.41 2.84 12.65
CA LEU A 8 -0.41 1.98 11.81
C LEU A 8 -1.83 1.89 12.34
N LYS A 9 -2.10 2.63 13.41
CA LYS A 9 -3.43 2.63 14.03
C LYS A 9 -4.52 2.76 12.96
N ASP A 10 -4.23 3.51 11.91
CA ASP A 10 -5.18 3.71 10.82
C ASP A 10 -5.04 2.61 9.78
N ILE A 11 -3.85 2.05 9.68
CA ILE A 11 -3.58 0.99 8.71
C ILE A 11 -4.41 -0.25 9.01
N GLU A 12 -4.40 -0.68 10.27
CA GLU A 12 -5.15 -1.85 10.69
C GLU A 12 -6.63 -1.70 10.34
N THR A 13 -7.14 -0.48 10.48
CA THR A 13 -8.54 -0.20 10.19
C THR A 13 -8.84 -0.39 8.70
N ALA A 14 -7.79 -0.31 7.88
CA ALA A 14 -7.94 -0.47 6.45
C ALA A 14 -7.74 -1.92 6.02
N CYS A 15 -7.22 -2.73 6.94
CA CYS A 15 -6.99 -4.14 6.67
C CYS A 15 -8.14 -4.99 7.19
N LYS A 16 -9.02 -4.38 7.96
CA LYS A 16 -10.17 -5.09 8.52
C LYS A 16 -11.21 -5.39 7.45
N LEU A 17 -11.55 -4.36 6.67
CA LEU A 17 -12.53 -4.52 5.61
C LEU A 17 -11.94 -5.28 4.43
N LEU A 18 -10.67 -5.04 4.14
CA LEU A 18 -9.98 -5.71 3.05
C LEU A 18 -9.57 -7.12 3.45
N ASN A 19 -9.45 -7.36 4.76
CA ASN A 19 -9.07 -8.66 5.27
C ASN A 19 -7.67 -9.04 4.80
N ILE A 20 -6.77 -8.07 4.80
CA ILE A 20 -5.39 -8.30 4.37
C ILE A 20 -4.42 -8.13 5.53
N THR A 21 -3.12 -8.23 5.24
CA THR A 21 -2.09 -8.09 6.26
C THR A 21 -1.57 -6.67 6.32
N ALA A 22 -1.48 -6.12 7.53
CA ALA A 22 -0.99 -4.76 7.72
C ALA A 22 0.29 -4.51 6.92
N ASP A 23 1.06 -5.58 6.71
CA ASP A 23 2.31 -5.48 5.96
C ASP A 23 2.04 -5.50 4.46
N PRO A 24 2.43 -4.42 3.77
CA PRO A 24 2.24 -4.29 2.32
C PRO A 24 3.15 -5.24 1.54
N MET A 25 4.33 -5.50 2.09
CA MET A 25 5.29 -6.38 1.44
C MET A 25 4.84 -7.83 1.52
N ASP A 26 3.74 -8.07 2.23
CA ASP A 26 3.20 -9.41 2.39
C ASP A 26 1.93 -9.58 1.55
N TRP A 27 1.45 -8.48 1.00
CA TRP A 27 0.23 -8.51 0.18
C TRP A 27 0.31 -9.62 -0.86
N SER A 28 -0.33 -10.75 -0.56
CA SER A 28 -0.33 -11.89 -1.47
C SER A 28 -1.50 -12.81 -1.19
N PRO A 29 -1.92 -13.57 -2.21
CA PRO A 29 -1.29 -13.53 -3.54
C PRO A 29 -1.57 -12.22 -4.27
N SER A 30 -2.84 -11.82 -4.31
CA SER A 30 -3.24 -10.59 -4.99
C SER A 30 -3.87 -9.62 -4.00
N ASN A 31 -3.26 -9.50 -2.82
CA ASN A 31 -3.77 -8.59 -1.79
C ASN A 31 -3.60 -7.14 -2.21
N VAL A 32 -2.63 -6.90 -3.08
CA VAL A 32 -2.37 -5.54 -3.57
C VAL A 32 -3.63 -4.89 -4.11
N GLN A 33 -4.30 -5.59 -5.03
CA GLN A 33 -5.52 -5.09 -5.63
C GLN A 33 -6.43 -4.46 -4.58
N LYS A 34 -6.52 -5.10 -3.42
CA LYS A 34 -7.35 -4.61 -2.33
C LYS A 34 -6.87 -3.25 -1.85
N TRP A 35 -5.59 -3.16 -1.51
CA TRP A 35 -5.00 -1.91 -1.05
C TRP A 35 -5.12 -0.82 -2.11
N LEU A 36 -5.18 -1.24 -3.37
CA LEU A 36 -5.29 -0.31 -4.48
C LEU A 36 -6.69 0.30 -4.55
N LEU A 37 -7.66 -0.53 -4.94
CA LEU A 37 -9.04 -0.08 -5.05
C LEU A 37 -9.47 0.69 -3.80
N TRP A 38 -8.79 0.42 -2.69
CA TRP A 38 -9.10 1.09 -1.43
C TRP A 38 -8.82 2.58 -1.52
N THR A 39 -7.53 2.93 -1.53
CA THR A 39 -7.13 4.34 -1.60
C THR A 39 -7.48 4.93 -2.95
N GLU A 40 -7.58 4.07 -3.98
CA GLU A 40 -7.93 4.52 -5.31
C GLU A 40 -9.30 5.19 -5.34
N HIS A 41 -10.15 4.81 -4.39
CA HIS A 41 -11.49 5.38 -4.29
C HIS A 41 -11.52 6.56 -3.32
N GLN A 42 -10.46 6.70 -2.54
CA GLN A 42 -10.36 7.78 -1.57
C GLN A 42 -9.64 8.98 -2.17
N TYR A 43 -8.99 8.77 -3.31
CA TYR A 43 -8.25 9.83 -3.98
C TYR A 43 -8.75 10.02 -5.41
N ARG A 44 -9.75 9.23 -5.79
CA ARG A 44 -10.32 9.31 -7.13
C ARG A 44 -9.27 8.96 -8.18
N LEU A 45 -8.51 7.90 -7.94
CA LEU A 45 -7.47 7.47 -8.87
C LEU A 45 -8.03 6.47 -9.88
N PRO A 46 -7.37 6.38 -11.04
CA PRO A 46 -7.77 5.46 -12.11
C PRO A 46 -7.53 4.00 -11.75
N PRO A 47 -8.05 3.09 -12.58
CA PRO A 47 -7.90 1.65 -12.37
C PRO A 47 -6.47 1.18 -12.59
N MET A 48 -5.71 1.05 -11.50
CA MET A 48 -4.33 0.60 -11.58
C MET A 48 -4.24 -0.91 -11.45
N GLY A 49 -5.22 -1.51 -10.77
CA GLY A 49 -5.22 -2.95 -10.59
C GLY A 49 -4.77 -3.69 -11.82
N LYS A 50 -5.22 -3.23 -12.99
CA LYS A 50 -4.87 -3.86 -14.26
C LYS A 50 -3.38 -3.66 -14.56
N ALA A 51 -2.85 -2.50 -14.17
CA ALA A 51 -1.45 -2.19 -14.41
C ALA A 51 -0.57 -2.78 -13.31
N PHE A 52 -1.19 -3.19 -12.20
CA PHE A 52 -0.47 -3.77 -11.09
C PHE A 52 -0.82 -5.25 -10.93
N GLN A 53 -1.49 -5.80 -11.93
CA GLN A 53 -1.88 -7.21 -11.90
C GLN A 53 -0.66 -8.11 -11.76
N GLU A 54 0.44 -7.71 -12.38
CA GLU A 54 1.67 -8.49 -12.33
C GLU A 54 2.54 -8.05 -11.15
N LEU A 55 1.96 -7.24 -10.27
CA LEU A 55 2.69 -6.75 -9.10
C LEU A 55 2.16 -7.37 -7.82
N ALA A 56 3.01 -7.46 -6.80
CA ALA A 56 2.61 -8.03 -5.51
C ALA A 56 3.02 -7.12 -4.37
N GLY A 57 2.74 -7.57 -3.15
CA GLY A 57 3.09 -6.77 -1.97
C GLY A 57 4.55 -6.37 -1.96
N LYS A 58 5.43 -7.33 -2.15
CA LYS A 58 6.87 -7.07 -2.16
C LYS A 58 7.23 -6.08 -3.26
N GLU A 59 6.90 -6.43 -4.50
CA GLU A 59 7.18 -5.57 -5.64
C GLU A 59 6.87 -4.12 -5.33
N LEU A 60 5.58 -3.83 -5.14
CA LEU A 60 5.13 -2.48 -4.83
C LEU A 60 6.13 -1.77 -3.91
N CYS A 61 6.37 -2.37 -2.75
CA CYS A 61 7.30 -1.80 -1.78
C CYS A 61 8.73 -1.78 -2.34
N ALA A 62 9.01 -2.72 -3.23
CA ALA A 62 10.34 -2.82 -3.83
C ALA A 62 10.48 -1.85 -5.00
N MET A 63 9.36 -1.27 -5.42
CA MET A 63 9.36 -0.31 -6.53
C MET A 63 9.75 1.07 -6.05
N SER A 64 9.71 2.05 -6.96
CA SER A 64 10.07 3.42 -6.64
C SER A 64 8.99 4.39 -7.11
N GLU A 65 8.81 5.47 -6.36
CA GLU A 65 7.81 6.48 -6.71
C GLU A 65 7.68 6.61 -8.23
N GLU A 66 8.78 6.95 -8.89
CA GLU A 66 8.78 7.10 -10.34
C GLU A 66 8.15 5.89 -11.02
N GLN A 67 8.49 4.70 -10.53
CA GLN A 67 7.95 3.47 -11.09
C GLN A 67 6.43 3.46 -11.05
N PHE A 68 5.88 3.78 -9.88
CA PHE A 68 4.43 3.81 -9.70
C PHE A 68 3.78 4.79 -10.68
N ARG A 69 4.55 5.80 -11.07
CA ARG A 69 4.05 6.82 -12.00
C ARG A 69 4.22 6.36 -13.45
N GLN A 70 5.14 5.43 -13.66
CA GLN A 70 5.39 4.90 -15.00
C GLN A 70 4.20 4.11 -15.51
N ARG A 71 3.42 3.55 -14.58
CA ARG A 71 2.25 2.76 -14.95
C ARG A 71 0.97 3.54 -14.69
N SER A 72 1.02 4.44 -13.72
CA SER A 72 -0.14 5.26 -13.37
C SER A 72 0.25 6.73 -13.25
N PRO A 73 0.02 7.49 -14.33
CA PRO A 73 0.34 8.91 -14.38
C PRO A 73 -0.59 9.74 -13.49
N LEU A 74 -1.89 9.53 -13.64
CA LEU A 74 -2.89 10.26 -12.86
C LEU A 74 -2.71 9.97 -11.36
N GLY A 75 -2.09 8.84 -11.06
CA GLY A 75 -1.88 8.48 -9.67
C GLY A 75 -0.40 8.33 -9.33
N GLY A 76 0.14 7.13 -9.57
CA GLY A 76 1.55 6.89 -9.28
C GLY A 76 1.96 7.42 -7.92
N ASP A 77 2.40 8.68 -7.89
CA ASP A 77 2.83 9.31 -6.65
C ASP A 77 1.90 8.95 -5.51
N VAL A 78 0.60 8.94 -5.78
CA VAL A 78 -0.40 8.62 -4.78
C VAL A 78 -0.14 7.25 -4.16
N LEU A 79 0.16 6.26 -5.00
CA LEU A 79 0.44 4.92 -4.53
C LEU A 79 1.68 4.89 -3.65
N HIS A 80 2.84 5.11 -4.26
CA HIS A 80 4.11 5.12 -3.54
C HIS A 80 3.99 5.95 -2.26
N ALA A 81 3.04 6.89 -2.26
CA ALA A 81 2.83 7.75 -1.10
C ALA A 81 2.01 7.05 -0.04
N HIS A 82 0.73 6.80 -0.36
CA HIS A 82 -0.17 6.14 0.58
C HIS A 82 0.39 4.79 1.01
N LEU A 83 1.40 4.31 0.30
CA LEU A 83 2.03 3.03 0.61
C LEU A 83 3.12 3.21 1.66
N ASP A 84 3.88 4.29 1.55
CA ASP A 84 4.96 4.58 2.50
C ASP A 84 4.49 4.35 3.93
N ILE A 85 3.30 4.85 4.25
CA ILE A 85 2.75 4.71 5.59
C ILE A 85 2.70 3.24 6.01
N TRP A 86 2.38 2.37 5.05
CA TRP A 86 2.31 0.94 5.32
C TRP A 86 3.71 0.34 5.48
N LYS A 87 4.46 0.31 4.38
CA LYS A 87 5.81 -0.23 4.40
C LYS A 87 6.61 0.31 5.59
N SER A 88 6.43 1.60 5.86
CA SER A 88 7.14 2.24 6.96
C SER A 88 6.77 1.59 8.30
N ALA A 89 5.49 1.35 8.50
CA ALA A 89 5.00 0.72 9.72
C ALA A 89 5.29 -0.78 9.72
N ALA A 90 5.39 -1.35 8.53
CA ALA A 90 5.66 -2.78 8.39
C ALA A 90 7.15 -3.07 8.48
N SER A 91 7.96 -2.05 8.21
CA SER A 91 9.41 -2.19 8.25
C SER A 91 9.98 -1.62 9.54
N GLY A 92 9.29 -1.88 10.64
CA GLY A 92 9.74 -1.40 11.94
C GLY A 92 9.32 0.03 12.20
N PRO A 93 9.16 0.39 13.48
CA PRO A 93 8.76 1.74 13.88
C PRO A 93 9.85 2.78 13.63
N SER A 94 9.45 3.95 13.15
CA SER A 94 10.39 5.03 12.86
C SER A 94 10.14 6.23 13.76
N SER A 95 8.87 6.63 13.85
CA SER A 95 8.49 7.78 14.67
C SER A 95 7.39 7.39 15.66
N GLY A 96 7.79 7.20 16.92
CA GLY A 96 6.83 6.83 17.95
C GLY A 96 6.24 8.04 18.65
N GLY A 1 1.16 -11.42 19.00
CA GLY A 1 1.60 -10.13 18.47
C GLY A 1 0.66 -9.00 18.86
N SER A 2 1.24 -7.89 19.31
CA SER A 2 0.45 -6.73 19.72
C SER A 2 1.18 -5.43 19.38
N SER A 3 0.45 -4.50 18.77
CA SER A 3 1.03 -3.21 18.38
C SER A 3 0.29 -2.07 19.07
N GLY A 4 1.05 -1.12 19.61
CA GLY A 4 0.46 0.02 20.27
C GLY A 4 1.27 1.29 20.09
N SER A 5 1.03 1.99 18.99
CA SER A 5 1.76 3.22 18.70
C SER A 5 1.10 3.97 17.55
N SER A 6 0.83 5.26 17.76
CA SER A 6 0.21 6.09 16.74
C SER A 6 0.85 5.85 15.37
N GLY A 7 0.04 5.94 14.33
CA GLY A 7 0.54 5.73 12.98
C GLY A 7 -0.18 4.61 12.25
N LEU A 8 0.30 3.39 12.43
CA LEU A 8 -0.32 2.23 11.78
C LEU A 8 -1.72 1.99 12.32
N LYS A 9 -2.02 2.58 13.47
CA LYS A 9 -3.34 2.44 14.09
C LYS A 9 -4.44 2.57 13.04
N ASP A 10 -4.19 3.37 12.01
CA ASP A 10 -5.16 3.59 10.95
C ASP A 10 -5.01 2.54 9.85
N ILE A 11 -3.79 2.02 9.71
CA ILE A 11 -3.51 1.00 8.69
C ILE A 11 -4.36 -0.24 8.92
N GLU A 12 -4.32 -0.76 10.15
CA GLU A 12 -5.08 -1.95 10.49
C GLU A 12 -6.57 -1.75 10.19
N THR A 13 -7.08 -0.57 10.50
CA THR A 13 -8.49 -0.25 10.26
C THR A 13 -8.83 -0.40 8.79
N ALA A 14 -7.83 -0.27 7.92
CA ALA A 14 -8.04 -0.40 6.48
C ALA A 14 -7.82 -1.83 6.02
N CYS A 15 -7.24 -2.65 6.89
CA CYS A 15 -6.99 -4.05 6.57
C CYS A 15 -8.10 -4.95 7.10
N LYS A 16 -8.96 -4.38 7.94
CA LYS A 16 -10.06 -5.13 8.53
C LYS A 16 -11.16 -5.37 7.49
N LEU A 17 -11.51 -4.33 6.76
CA LEU A 17 -12.55 -4.43 5.74
C LEU A 17 -11.99 -5.00 4.44
N LEU A 18 -10.67 -5.21 4.41
CA LEU A 18 -10.00 -5.74 3.23
C LEU A 18 -9.58 -7.19 3.47
N ASN A 19 -9.45 -7.57 4.74
CA ASN A 19 -9.05 -8.92 5.10
C ASN A 19 -7.62 -9.19 4.64
N ILE A 20 -6.78 -8.17 4.70
CA ILE A 20 -5.38 -8.30 4.30
C ILE A 20 -4.44 -8.09 5.48
N THR A 21 -3.14 -8.18 5.21
CA THR A 21 -2.13 -8.00 6.25
C THR A 21 -1.62 -6.57 6.27
N ALA A 22 -1.48 -6.01 7.47
CA ALA A 22 -0.99 -4.65 7.63
C ALA A 22 0.28 -4.43 6.81
N ASP A 23 1.08 -5.48 6.68
CA ASP A 23 2.33 -5.41 5.93
C ASP A 23 2.07 -5.48 4.43
N PRO A 24 2.48 -4.44 3.70
CA PRO A 24 2.31 -4.36 2.25
C PRO A 24 3.20 -5.35 1.50
N MET A 25 4.38 -5.61 2.06
CA MET A 25 5.32 -6.54 1.45
C MET A 25 4.83 -7.98 1.59
N ASP A 26 3.73 -8.15 2.31
CA ASP A 26 3.15 -9.48 2.51
C ASP A 26 1.89 -9.67 1.67
N TRP A 27 1.43 -8.58 1.07
CA TRP A 27 0.23 -8.62 0.23
C TRP A 27 0.32 -9.75 -0.79
N SER A 28 -0.44 -10.82 -0.53
CA SER A 28 -0.46 -11.97 -1.43
C SER A 28 -1.69 -12.83 -1.19
N PRO A 29 -2.11 -13.56 -2.23
CA PRO A 29 -1.43 -13.54 -3.53
C PRO A 29 -1.62 -12.22 -4.26
N SER A 30 -2.87 -11.78 -4.38
CA SER A 30 -3.18 -10.52 -5.05
C SER A 30 -3.81 -9.53 -4.09
N ASN A 31 -3.31 -9.50 -2.86
CA ASN A 31 -3.82 -8.59 -1.85
C ASN A 31 -3.65 -7.14 -2.27
N VAL A 32 -2.64 -6.89 -3.10
CA VAL A 32 -2.36 -5.54 -3.58
C VAL A 32 -3.62 -4.89 -4.14
N GLN A 33 -4.33 -5.62 -5.00
CA GLN A 33 -5.55 -5.12 -5.61
C GLN A 33 -6.46 -4.48 -4.55
N LYS A 34 -6.54 -5.11 -3.39
CA LYS A 34 -7.36 -4.61 -2.30
C LYS A 34 -6.86 -3.25 -1.82
N TRP A 35 -5.58 -3.18 -1.51
CA TRP A 35 -4.97 -1.93 -1.03
C TRP A 35 -5.09 -0.84 -2.09
N LEU A 36 -5.21 -1.24 -3.35
CA LEU A 36 -5.34 -0.29 -4.45
C LEU A 36 -6.74 0.30 -4.50
N LEU A 37 -7.71 -0.53 -4.85
CA LEU A 37 -9.10 -0.09 -4.93
C LEU A 37 -9.50 0.69 -3.69
N TRP A 38 -8.80 0.45 -2.59
CA TRP A 38 -9.09 1.12 -1.32
C TRP A 38 -8.82 2.62 -1.45
N THR A 39 -7.55 2.99 -1.49
CA THR A 39 -7.16 4.40 -1.61
C THR A 39 -7.58 4.96 -2.96
N GLU A 40 -7.57 4.13 -3.98
CA GLU A 40 -7.94 4.55 -5.33
C GLU A 40 -9.31 5.22 -5.32
N HIS A 41 -10.17 4.79 -4.41
CA HIS A 41 -11.51 5.36 -4.31
C HIS A 41 -11.53 6.57 -3.38
N GLN A 42 -10.43 6.75 -2.63
CA GLN A 42 -10.32 7.87 -1.70
C GLN A 42 -9.61 9.04 -2.35
N TYR A 43 -8.95 8.77 -3.49
CA TYR A 43 -8.23 9.81 -4.21
C TYR A 43 -8.74 9.94 -5.63
N ARG A 44 -9.74 9.13 -5.98
CA ARG A 44 -10.32 9.15 -7.31
C ARG A 44 -9.27 8.81 -8.38
N LEU A 45 -8.45 7.79 -8.08
CA LEU A 45 -7.40 7.38 -9.01
C LEU A 45 -7.95 6.36 -10.00
N PRO A 46 -7.28 6.26 -11.17
CA PRO A 46 -7.67 5.33 -12.23
C PRO A 46 -7.41 3.88 -11.85
N PRO A 47 -7.91 2.95 -12.67
CA PRO A 47 -7.74 1.51 -12.45
C PRO A 47 -6.30 1.06 -12.67
N MET A 48 -5.57 0.90 -11.57
CA MET A 48 -4.17 0.47 -11.65
C MET A 48 -4.07 -1.05 -11.56
N GLY A 49 -5.03 -1.67 -10.89
CA GLY A 49 -5.03 -3.11 -10.74
C GLY A 49 -4.57 -3.82 -12.00
N LYS A 50 -5.11 -3.39 -13.14
CA LYS A 50 -4.76 -3.99 -14.42
C LYS A 50 -3.26 -3.86 -14.68
N ALA A 51 -2.68 -2.74 -14.27
CA ALA A 51 -1.26 -2.50 -14.46
C ALA A 51 -0.44 -3.12 -13.33
N PHE A 52 -1.08 -3.34 -12.19
CA PHE A 52 -0.42 -3.93 -11.03
C PHE A 52 -0.83 -5.38 -10.85
N GLN A 53 -1.49 -5.94 -11.86
CA GLN A 53 -1.95 -7.32 -11.81
C GLN A 53 -0.77 -8.28 -11.61
N GLU A 54 0.36 -7.94 -12.21
CA GLU A 54 1.56 -8.77 -12.09
C GLU A 54 2.36 -8.38 -10.85
N LEU A 55 2.09 -7.21 -10.31
CA LEU A 55 2.79 -6.72 -9.13
C LEU A 55 2.28 -7.42 -7.87
N ALA A 56 3.08 -7.38 -6.81
CA ALA A 56 2.71 -8.00 -5.55
C ALA A 56 3.14 -7.14 -4.37
N GLY A 57 2.77 -7.58 -3.16
CA GLY A 57 3.13 -6.84 -1.96
C GLY A 57 4.58 -6.43 -1.96
N LYS A 58 5.48 -7.39 -2.15
CA LYS A 58 6.91 -7.12 -2.17
C LYS A 58 7.26 -6.11 -3.24
N GLU A 59 6.89 -6.43 -4.48
CA GLU A 59 7.18 -5.54 -5.61
C GLU A 59 6.84 -4.09 -5.26
N LEU A 60 5.55 -3.82 -5.09
CA LEU A 60 5.09 -2.48 -4.74
C LEU A 60 6.08 -1.78 -3.82
N CYS A 61 6.29 -2.37 -2.65
CA CYS A 61 7.21 -1.81 -1.66
C CYS A 61 8.63 -1.76 -2.22
N ALA A 62 8.95 -2.69 -3.11
CA ALA A 62 10.27 -2.75 -3.72
C ALA A 62 10.40 -1.77 -4.87
N MET A 63 9.26 -1.21 -5.29
CA MET A 63 9.25 -0.25 -6.38
C MET A 63 9.59 1.15 -5.89
N SER A 64 9.62 2.12 -6.80
CA SER A 64 9.94 3.50 -6.46
C SER A 64 8.88 4.45 -7.01
N GLU A 65 8.68 5.56 -6.30
CA GLU A 65 7.69 6.55 -6.72
C GLU A 65 7.62 6.65 -8.24
N GLU A 66 8.76 6.95 -8.86
CA GLU A 66 8.82 7.07 -10.31
C GLU A 66 8.21 5.85 -10.99
N GLN A 67 8.52 4.66 -10.46
CA GLN A 67 8.00 3.42 -11.01
C GLN A 67 6.46 3.42 -10.98
N PHE A 68 5.90 3.85 -9.86
CA PHE A 68 4.45 3.89 -9.71
C PHE A 68 3.82 4.86 -10.70
N ARG A 69 4.60 5.86 -11.11
CA ARG A 69 4.12 6.86 -12.05
C ARG A 69 4.31 6.39 -13.48
N GLN A 70 5.22 5.43 -13.68
CA GLN A 70 5.50 4.89 -15.00
C GLN A 70 4.33 4.07 -15.51
N ARG A 71 3.53 3.54 -14.58
CA ARG A 71 2.37 2.72 -14.93
C ARG A 71 1.07 3.51 -14.75
N SER A 72 1.08 4.44 -13.81
CA SER A 72 -0.09 5.26 -13.55
C SER A 72 0.29 6.73 -13.39
N PRO A 73 0.10 7.51 -14.47
CA PRO A 73 0.42 8.94 -14.48
C PRO A 73 -0.53 9.75 -13.61
N LEU A 74 -1.83 9.49 -13.74
CA LEU A 74 -2.83 10.19 -12.96
C LEU A 74 -2.66 9.92 -11.46
N GLY A 75 -2.00 8.82 -11.14
CA GLY A 75 -1.78 8.47 -9.75
C GLY A 75 -0.31 8.32 -9.42
N GLY A 76 0.22 7.10 -9.62
CA GLY A 76 1.62 6.85 -9.33
C GLY A 76 2.04 7.37 -7.97
N ASP A 77 2.47 8.64 -7.94
CA ASP A 77 2.90 9.25 -6.68
C ASP A 77 1.93 8.92 -5.55
N VAL A 78 0.65 8.86 -5.87
CA VAL A 78 -0.38 8.57 -4.88
C VAL A 78 -0.10 7.22 -4.21
N LEU A 79 0.02 6.18 -5.02
CA LEU A 79 0.29 4.84 -4.50
C LEU A 79 1.58 4.80 -3.69
N HIS A 80 2.68 5.20 -4.32
CA HIS A 80 3.97 5.22 -3.66
C HIS A 80 3.91 6.05 -2.37
N ALA A 81 2.96 6.98 -2.32
CA ALA A 81 2.80 7.82 -1.15
C ALA A 81 1.98 7.13 -0.06
N HIS A 82 0.70 6.91 -0.35
CA HIS A 82 -0.19 6.24 0.60
C HIS A 82 0.39 4.90 1.03
N LEU A 83 1.37 4.41 0.29
CA LEU A 83 2.00 3.14 0.60
C LEU A 83 3.10 3.31 1.65
N ASP A 84 3.89 4.36 1.50
CA ASP A 84 4.97 4.64 2.45
C ASP A 84 4.51 4.41 3.88
N ILE A 85 3.32 4.91 4.20
CA ILE A 85 2.76 4.76 5.54
C ILE A 85 2.72 3.28 5.96
N TRP A 86 2.38 2.41 5.01
CA TRP A 86 2.31 0.99 5.28
C TRP A 86 3.70 0.39 5.43
N LYS A 87 4.44 0.35 4.33
CA LYS A 87 5.79 -0.20 4.34
C LYS A 87 6.59 0.32 5.54
N SER A 88 6.44 1.60 5.82
CA SER A 88 7.14 2.22 6.95
C SER A 88 6.75 1.55 8.27
N ALA A 89 5.45 1.32 8.44
CA ALA A 89 4.94 0.69 9.65
C ALA A 89 5.26 -0.79 9.67
N ALA A 90 5.42 -1.38 8.49
CA ALA A 90 5.72 -2.79 8.36
C ALA A 90 7.22 -3.05 8.54
N SER A 91 8.02 -1.99 8.41
CA SER A 91 9.46 -2.10 8.56
C SER A 91 9.89 -1.91 10.01
N GLY A 92 9.09 -2.44 10.92
CA GLY A 92 9.39 -2.32 12.33
C GLY A 92 9.17 -0.91 12.85
N PRO A 93 9.73 -0.62 14.05
CA PRO A 93 9.59 0.70 14.67
C PRO A 93 10.37 1.78 13.94
N SER A 94 9.77 2.96 13.84
CA SER A 94 10.42 4.08 13.14
C SER A 94 10.57 5.27 14.09
N SER A 95 11.79 5.46 14.60
CA SER A 95 12.07 6.56 15.51
C SER A 95 12.24 7.87 14.74
N GLY A 96 11.22 8.72 14.80
CA GLY A 96 11.28 9.99 14.10
C GLY A 96 9.91 10.53 13.75
N GLY A 1 5.11 -12.49 13.87
CA GLY A 1 4.77 -11.94 15.16
C GLY A 1 5.81 -10.97 15.68
N SER A 2 5.36 -9.85 16.23
CA SER A 2 6.27 -8.83 16.76
C SER A 2 5.49 -7.73 17.47
N SER A 3 6.20 -6.92 18.24
CA SER A 3 5.57 -5.83 18.98
C SER A 3 5.01 -4.78 18.02
N GLY A 4 4.03 -4.02 18.52
CA GLY A 4 3.41 -2.99 17.69
C GLY A 4 3.69 -1.59 18.20
N SER A 5 3.33 -0.59 17.40
CA SER A 5 3.55 0.80 17.78
C SER A 5 2.50 1.71 17.15
N SER A 6 2.50 2.98 17.56
CA SER A 6 1.54 3.94 17.02
C SER A 6 1.75 4.15 15.53
N GLY A 7 0.87 4.94 14.92
CA GLY A 7 0.97 5.20 13.49
C GLY A 7 0.16 4.22 12.66
N LEU A 8 0.57 2.96 12.67
CA LEU A 8 -0.13 1.92 11.93
C LEU A 8 -1.53 1.70 12.46
N LYS A 9 -1.79 2.23 13.65
CA LYS A 9 -3.10 2.10 14.29
C LYS A 9 -4.22 2.35 13.28
N ASP A 10 -3.93 3.16 12.27
CA ASP A 10 -4.92 3.47 11.24
C ASP A 10 -4.81 2.49 10.08
N ILE A 11 -3.62 1.94 9.88
CA ILE A 11 -3.40 0.98 8.80
C ILE A 11 -4.30 -0.23 8.95
N GLU A 12 -4.28 -0.85 10.13
CA GLU A 12 -5.10 -2.02 10.39
C GLU A 12 -6.57 -1.74 10.10
N THR A 13 -7.01 -0.54 10.47
CA THR A 13 -8.41 -0.15 10.25
C THR A 13 -8.79 -0.28 8.78
N ALA A 14 -7.80 -0.13 7.90
CA ALA A 14 -8.03 -0.24 6.47
C ALA A 14 -7.81 -1.66 5.97
N CYS A 15 -7.21 -2.48 6.83
CA CYS A 15 -6.94 -3.88 6.48
C CYS A 15 -8.05 -4.79 6.98
N LYS A 16 -8.94 -4.24 7.80
CA LYS A 16 -10.06 -5.01 8.34
C LYS A 16 -11.11 -5.27 7.28
N LEU A 17 -11.51 -4.21 6.58
CA LEU A 17 -12.52 -4.33 5.52
C LEU A 17 -11.91 -4.91 4.26
N LEU A 18 -10.59 -5.12 4.27
CA LEU A 18 -9.89 -5.67 3.12
C LEU A 18 -9.41 -7.09 3.41
N ASN A 19 -9.43 -7.47 4.68
CA ASN A 19 -8.99 -8.80 5.08
C ASN A 19 -7.58 -9.09 4.61
N ILE A 20 -6.69 -8.11 4.78
CA ILE A 20 -5.31 -8.27 4.36
C ILE A 20 -4.34 -8.04 5.53
N THR A 21 -3.05 -8.17 5.27
CA THR A 21 -2.04 -7.98 6.30
C THR A 21 -1.51 -6.55 6.29
N ALA A 22 -1.43 -5.96 7.48
CA ALA A 22 -0.95 -4.59 7.61
C ALA A 22 0.34 -4.38 6.81
N ASP A 23 1.09 -5.45 6.63
CA ASP A 23 2.34 -5.40 5.89
C ASP A 23 2.09 -5.47 4.38
N PRO A 24 2.52 -4.43 3.66
CA PRO A 24 2.35 -4.35 2.21
C PRO A 24 3.23 -5.35 1.47
N MET A 25 4.41 -5.61 2.02
CA MET A 25 5.35 -6.56 1.40
C MET A 25 4.83 -7.98 1.52
N ASP A 26 3.72 -8.15 2.23
CA ASP A 26 3.11 -9.47 2.42
C ASP A 26 1.84 -9.60 1.59
N TRP A 27 1.45 -8.52 0.93
CA TRP A 27 0.24 -8.52 0.10
C TRP A 27 0.30 -9.62 -0.94
N SER A 28 -0.47 -10.68 -0.72
CA SER A 28 -0.50 -11.81 -1.66
C SER A 28 -1.69 -12.72 -1.36
N PRO A 29 -2.07 -13.53 -2.35
CA PRO A 29 -1.40 -13.56 -3.66
C PRO A 29 -1.66 -12.28 -4.46
N SER A 30 -2.88 -11.78 -4.38
CA SER A 30 -3.26 -10.57 -5.11
C SER A 30 -3.88 -9.54 -4.17
N ASN A 31 -3.38 -9.48 -2.94
CA ASN A 31 -3.88 -8.55 -1.94
C ASN A 31 -3.70 -7.11 -2.41
N VAL A 32 -2.60 -6.85 -3.12
CA VAL A 32 -2.31 -5.51 -3.62
C VAL A 32 -3.57 -4.86 -4.18
N GLN A 33 -4.28 -5.59 -5.03
CA GLN A 33 -5.50 -5.07 -5.64
C GLN A 33 -6.43 -4.48 -4.58
N LYS A 34 -6.46 -5.12 -3.41
CA LYS A 34 -7.30 -4.65 -2.31
C LYS A 34 -6.85 -3.29 -1.82
N TRP A 35 -5.55 -3.16 -1.57
CA TRP A 35 -5.00 -1.89 -1.09
C TRP A 35 -5.08 -0.81 -2.17
N LEU A 36 -5.33 -1.23 -3.40
CA LEU A 36 -5.44 -0.30 -4.52
C LEU A 36 -6.84 0.30 -4.59
N LEU A 37 -7.82 -0.52 -4.96
CA LEU A 37 -9.20 -0.07 -5.07
C LEU A 37 -9.61 0.71 -3.82
N TRP A 38 -8.93 0.45 -2.71
CA TRP A 38 -9.22 1.13 -1.46
C TRP A 38 -8.97 2.63 -1.57
N THR A 39 -7.70 3.02 -1.61
CA THR A 39 -7.33 4.42 -1.72
C THR A 39 -7.70 4.98 -3.10
N GLU A 40 -7.58 4.14 -4.12
CA GLU A 40 -7.91 4.55 -5.49
C GLU A 40 -9.30 5.16 -5.56
N HIS A 41 -10.13 4.85 -4.57
CA HIS A 41 -11.50 5.36 -4.52
C HIS A 41 -11.58 6.58 -3.60
N GLN A 42 -10.56 6.75 -2.77
CA GLN A 42 -10.52 7.88 -1.84
C GLN A 42 -9.84 9.08 -2.47
N TYR A 43 -8.96 8.82 -3.44
CA TYR A 43 -8.23 9.89 -4.13
C TYR A 43 -8.75 10.06 -5.55
N ARG A 44 -9.71 9.25 -5.93
CA ARG A 44 -10.29 9.31 -7.27
C ARG A 44 -9.25 8.97 -8.33
N LEU A 45 -8.46 7.93 -8.06
CA LEU A 45 -7.43 7.49 -8.98
C LEU A 45 -7.97 6.48 -9.98
N PRO A 46 -7.31 6.36 -11.13
CA PRO A 46 -7.70 5.42 -12.19
C PRO A 46 -7.45 3.97 -11.79
N PRO A 47 -7.97 3.04 -12.61
CA PRO A 47 -7.81 1.60 -12.37
C PRO A 47 -6.37 1.13 -12.57
N MET A 48 -5.64 0.97 -11.48
CA MET A 48 -4.25 0.53 -11.54
C MET A 48 -4.17 -0.99 -11.42
N GLY A 49 -5.16 -1.58 -10.76
CA GLY A 49 -5.17 -3.02 -10.59
C GLY A 49 -4.71 -3.77 -11.84
N LYS A 50 -5.24 -3.36 -12.99
CA LYS A 50 -4.88 -4.00 -14.25
C LYS A 50 -3.40 -3.81 -14.55
N ALA A 51 -2.86 -2.67 -14.12
CA ALA A 51 -1.44 -2.37 -14.34
C ALA A 51 -0.58 -2.95 -13.22
N PHE A 52 -1.20 -3.27 -12.10
CA PHE A 52 -0.49 -3.83 -10.96
C PHE A 52 -0.85 -5.30 -10.76
N GLN A 53 -1.58 -5.86 -11.73
CA GLN A 53 -1.99 -7.26 -11.67
C GLN A 53 -0.78 -8.17 -11.46
N GLU A 54 0.31 -7.87 -12.16
CA GLU A 54 1.53 -8.67 -12.06
C GLU A 54 2.33 -8.28 -10.81
N LEU A 55 2.04 -7.09 -10.29
CA LEU A 55 2.74 -6.59 -9.11
C LEU A 55 2.19 -7.24 -7.84
N ALA A 56 3.04 -7.38 -6.83
CA ALA A 56 2.64 -7.98 -5.57
C ALA A 56 3.03 -7.09 -4.39
N GLY A 57 2.78 -7.59 -3.17
CA GLY A 57 3.13 -6.82 -1.99
C GLY A 57 4.59 -6.43 -1.96
N LYS A 58 5.47 -7.40 -2.13
CA LYS A 58 6.91 -7.15 -2.12
C LYS A 58 7.29 -6.14 -3.19
N GLU A 59 6.91 -6.43 -4.43
CA GLU A 59 7.21 -5.54 -5.55
C GLU A 59 6.87 -4.09 -5.21
N LEU A 60 5.57 -3.83 -5.03
CA LEU A 60 5.10 -2.49 -4.71
C LEU A 60 6.07 -1.79 -3.75
N CYS A 61 6.31 -2.42 -2.60
CA CYS A 61 7.21 -1.86 -1.61
C CYS A 61 8.64 -1.81 -2.14
N ALA A 62 8.96 -2.72 -3.04
CA ALA A 62 10.29 -2.77 -3.63
C ALA A 62 10.43 -1.80 -4.79
N MET A 63 9.30 -1.22 -5.20
CA MET A 63 9.30 -0.26 -6.30
C MET A 63 9.64 1.15 -5.81
N SER A 64 9.66 2.10 -6.72
CA SER A 64 9.97 3.48 -6.38
C SER A 64 8.90 4.43 -6.93
N GLU A 65 8.69 5.53 -6.21
CA GLU A 65 7.70 6.52 -6.62
C GLU A 65 7.62 6.61 -8.14
N GLU A 66 8.76 6.93 -8.77
CA GLU A 66 8.81 7.06 -10.22
C GLU A 66 8.20 5.82 -10.90
N GLN A 67 8.52 4.65 -10.37
CA GLN A 67 8.01 3.40 -10.93
C GLN A 67 6.49 3.37 -10.87
N PHE A 68 5.93 3.79 -9.74
CA PHE A 68 4.48 3.81 -9.56
C PHE A 68 3.83 4.76 -10.55
N ARG A 69 4.59 5.75 -11.01
CA ARG A 69 4.08 6.73 -11.97
C ARG A 69 4.22 6.22 -13.39
N GLN A 70 5.16 5.30 -13.60
CA GLN A 70 5.39 4.74 -14.92
C GLN A 70 4.19 3.94 -15.40
N ARG A 71 3.45 3.38 -14.46
CA ARG A 71 2.27 2.58 -14.79
C ARG A 71 0.99 3.36 -14.50
N SER A 72 1.08 4.34 -13.59
CA SER A 72 -0.07 5.15 -13.22
C SER A 72 0.31 6.63 -13.18
N PRO A 73 0.10 7.33 -14.30
CA PRO A 73 0.41 8.76 -14.40
C PRO A 73 -0.52 9.63 -13.56
N LEU A 74 -1.83 9.41 -13.73
CA LEU A 74 -2.82 10.18 -12.99
C LEU A 74 -2.68 9.95 -11.49
N GLY A 75 -2.07 8.83 -11.13
CA GLY A 75 -1.88 8.51 -9.71
C GLY A 75 -0.41 8.36 -9.36
N GLY A 76 0.13 7.17 -9.59
CA GLY A 76 1.53 6.91 -9.27
C GLY A 76 1.92 7.48 -7.92
N ASP A 77 2.42 8.71 -7.92
CA ASP A 77 2.84 9.36 -6.67
C ASP A 77 1.89 9.02 -5.53
N VAL A 78 0.59 9.02 -5.83
CA VAL A 78 -0.42 8.70 -4.82
C VAL A 78 -0.16 7.35 -4.18
N LEU A 79 -0.09 6.31 -5.01
CA LEU A 79 0.16 4.96 -4.53
C LEU A 79 1.44 4.90 -3.70
N HIS A 80 2.57 5.20 -4.33
CA HIS A 80 3.86 5.18 -3.66
C HIS A 80 3.79 5.98 -2.36
N ALA A 81 2.89 6.94 -2.30
CA ALA A 81 2.72 7.78 -1.11
C ALA A 81 1.92 7.05 -0.04
N HIS A 82 0.64 6.82 -0.32
CA HIS A 82 -0.23 6.13 0.63
C HIS A 82 0.39 4.81 1.09
N LEU A 83 1.34 4.32 0.31
CA LEU A 83 2.01 3.06 0.63
C LEU A 83 3.10 3.27 1.67
N ASP A 84 3.88 4.34 1.49
CA ASP A 84 4.96 4.66 2.43
C ASP A 84 4.51 4.45 3.87
N ILE A 85 3.32 4.96 4.20
CA ILE A 85 2.78 4.82 5.54
C ILE A 85 2.76 3.36 5.98
N TRP A 86 2.42 2.47 5.05
CA TRP A 86 2.37 1.04 5.35
C TRP A 86 3.77 0.46 5.47
N LYS A 87 4.49 0.40 4.36
CA LYS A 87 5.84 -0.13 4.34
C LYS A 87 6.64 0.37 5.53
N SER A 88 6.53 1.67 5.80
CA SER A 88 7.25 2.28 6.92
C SER A 88 6.87 1.61 8.23
N ALA A 89 5.57 1.41 8.44
CA ALA A 89 5.08 0.78 9.66
C ALA A 89 5.39 -0.71 9.68
N ALA A 90 5.47 -1.31 8.50
CA ALA A 90 5.76 -2.73 8.37
C ALA A 90 7.26 -3.00 8.53
N SER A 91 8.06 -1.94 8.38
CA SER A 91 9.51 -2.06 8.50
C SER A 91 9.96 -1.83 9.94
N GLY A 92 9.17 -2.33 10.89
CA GLY A 92 9.49 -2.17 12.29
C GLY A 92 8.93 -0.89 12.88
N PRO A 93 9.02 -0.75 14.20
CA PRO A 93 8.52 0.43 14.92
C PRO A 93 9.35 1.68 14.63
N SER A 94 10.55 1.47 14.11
CA SER A 94 11.44 2.58 13.79
C SER A 94 10.93 3.37 12.59
N SER A 95 11.20 4.67 12.59
CA SER A 95 10.75 5.54 11.50
C SER A 95 11.80 5.60 10.39
N GLY A 96 11.34 5.74 9.16
CA GLY A 96 12.25 5.81 8.03
C GLY A 96 12.49 4.46 7.39
N GLY A 1 -1.81 4.38 29.09
CA GLY A 1 -2.41 4.63 27.79
C GLY A 1 -3.25 3.46 27.32
N SER A 2 -4.36 3.76 26.66
CA SER A 2 -5.25 2.72 26.15
C SER A 2 -4.86 2.31 24.73
N SER A 3 -4.74 3.30 23.85
CA SER A 3 -4.36 3.04 22.46
C SER A 3 -2.88 2.71 22.35
N GLY A 4 -2.04 3.56 22.93
CA GLY A 4 -0.61 3.33 22.88
C GLY A 4 0.13 4.43 22.15
N SER A 5 0.08 4.40 20.82
CA SER A 5 0.76 5.39 20.01
C SER A 5 0.25 5.35 18.57
N SER A 6 0.56 6.40 17.81
CA SER A 6 0.13 6.49 16.42
C SER A 6 1.07 5.71 15.51
N GLY A 7 0.69 5.59 14.25
CA GLY A 7 1.51 4.87 13.29
C GLY A 7 0.69 4.02 12.33
N LEU A 8 0.46 2.77 12.70
CA LEU A 8 -0.33 1.87 11.87
C LEU A 8 -1.78 1.79 12.35
N LYS A 9 -2.10 2.58 13.36
CA LYS A 9 -3.45 2.61 13.91
C LYS A 9 -4.48 2.81 12.82
N ASP A 10 -4.10 3.57 11.79
CA ASP A 10 -5.00 3.85 10.67
C ASP A 10 -4.88 2.76 9.60
N ILE A 11 -3.76 2.05 9.61
CA ILE A 11 -3.54 0.97 8.65
C ILE A 11 -4.44 -0.22 8.93
N GLU A 12 -4.51 -0.64 10.18
CA GLU A 12 -5.34 -1.77 10.57
C GLU A 12 -6.78 -1.57 10.12
N THR A 13 -7.28 -0.35 10.31
CA THR A 13 -8.65 -0.03 9.92
C THR A 13 -8.88 -0.30 8.44
N ALA A 14 -7.80 -0.26 7.66
CA ALA A 14 -7.89 -0.51 6.22
C ALA A 14 -7.67 -1.98 5.90
N CYS A 15 -7.19 -2.74 6.89
CA CYS A 15 -6.95 -4.16 6.71
C CYS A 15 -8.12 -4.99 7.22
N LYS A 16 -9.02 -4.34 7.94
CA LYS A 16 -10.19 -5.01 8.49
C LYS A 16 -11.19 -5.36 7.39
N LEU A 17 -11.59 -4.35 6.63
CA LEU A 17 -12.55 -4.55 5.55
C LEU A 17 -11.91 -5.34 4.40
N LEU A 18 -10.62 -5.10 4.17
CA LEU A 18 -9.91 -5.79 3.11
C LEU A 18 -9.47 -7.19 3.56
N ASN A 19 -9.34 -7.37 4.87
CA ASN A 19 -8.93 -8.65 5.42
C ASN A 19 -7.52 -9.02 4.97
N ILE A 20 -6.67 -8.02 4.82
CA ILE A 20 -5.29 -8.24 4.40
C ILE A 20 -4.31 -8.02 5.55
N THR A 21 -3.02 -8.20 5.27
CA THR A 21 -2.00 -8.02 6.28
C THR A 21 -1.48 -6.59 6.30
N ALA A 22 -1.38 -6.02 7.49
CA ALA A 22 -0.90 -4.65 7.64
C ALA A 22 0.41 -4.44 6.88
N ASP A 23 1.13 -5.52 6.64
CA ASP A 23 2.40 -5.46 5.91
C ASP A 23 2.16 -5.50 4.41
N PRO A 24 2.59 -4.44 3.71
CA PRO A 24 2.44 -4.34 2.25
C PRO A 24 3.34 -5.32 1.51
N MET A 25 4.51 -5.59 2.08
CA MET A 25 5.45 -6.51 1.46
C MET A 25 4.95 -7.95 1.55
N ASP A 26 3.83 -8.14 2.23
CA ASP A 26 3.24 -9.47 2.40
C ASP A 26 1.96 -9.59 1.58
N TRP A 27 1.56 -8.49 0.95
CA TRP A 27 0.34 -8.47 0.14
C TRP A 27 0.38 -9.57 -0.92
N SER A 28 -0.42 -10.61 -0.72
CA SER A 28 -0.47 -11.73 -1.67
C SER A 28 -1.65 -12.64 -1.36
N PRO A 29 -2.04 -13.44 -2.35
CA PRO A 29 -1.40 -13.46 -3.67
C PRO A 29 -1.67 -12.18 -4.46
N SER A 30 -2.93 -11.74 -4.45
CA SER A 30 -3.32 -10.54 -5.18
C SER A 30 -3.95 -9.51 -4.23
N ASN A 31 -3.45 -9.49 -3.00
CA ASN A 31 -3.96 -8.56 -1.99
C ASN A 31 -3.78 -7.11 -2.44
N VAL A 32 -2.66 -6.85 -3.11
CA VAL A 32 -2.36 -5.50 -3.59
C VAL A 32 -3.61 -4.84 -4.15
N GLN A 33 -4.37 -5.58 -4.94
CA GLN A 33 -5.59 -5.06 -5.55
C GLN A 33 -6.49 -4.42 -4.49
N LYS A 34 -6.58 -5.05 -3.32
CA LYS A 34 -7.39 -4.55 -2.23
C LYS A 34 -6.90 -3.19 -1.77
N TRP A 35 -5.60 -3.10 -1.48
CA TRP A 35 -4.99 -1.86 -1.03
C TRP A 35 -5.12 -0.77 -2.10
N LEU A 36 -5.32 -1.20 -3.34
CA LEU A 36 -5.45 -0.25 -4.45
C LEU A 36 -6.87 0.30 -4.52
N LEU A 37 -7.81 -0.56 -4.89
CA LEU A 37 -9.21 -0.16 -5.00
C LEU A 37 -9.66 0.60 -3.75
N TRP A 38 -8.93 0.40 -2.66
CA TRP A 38 -9.25 1.07 -1.40
C TRP A 38 -9.00 2.57 -1.50
N THR A 39 -7.73 2.96 -1.51
CA THR A 39 -7.35 4.36 -1.61
C THR A 39 -7.75 4.95 -2.95
N GLU A 40 -7.70 4.12 -3.99
CA GLU A 40 -8.05 4.57 -5.33
C GLU A 40 -9.41 5.27 -5.34
N HIS A 41 -10.31 4.80 -4.48
CA HIS A 41 -11.64 5.39 -4.39
C HIS A 41 -11.64 6.59 -3.45
N GLN A 42 -10.61 6.70 -2.63
CA GLN A 42 -10.49 7.80 -1.69
C GLN A 42 -9.77 8.99 -2.32
N TYR A 43 -9.08 8.73 -3.42
CA TYR A 43 -8.34 9.77 -4.13
C TYR A 43 -8.84 9.93 -5.56
N ARG A 44 -9.86 9.14 -5.91
CA ARG A 44 -10.44 9.19 -7.25
C ARG A 44 -9.38 8.86 -8.31
N LEU A 45 -8.62 7.80 -8.08
CA LEU A 45 -7.58 7.39 -9.00
C LEU A 45 -8.11 6.37 -10.00
N PRO A 46 -7.44 6.27 -11.16
CA PRO A 46 -7.83 5.33 -12.22
C PRO A 46 -7.56 3.88 -11.83
N PRO A 47 -8.07 2.95 -12.65
CA PRO A 47 -7.89 1.51 -12.42
C PRO A 47 -6.45 1.05 -12.62
N MET A 48 -5.71 0.96 -11.52
CA MET A 48 -4.31 0.53 -11.58
C MET A 48 -4.20 -0.97 -11.43
N GLY A 49 -5.18 -1.57 -10.75
CA GLY A 49 -5.17 -3.01 -10.55
C GLY A 49 -4.72 -3.77 -11.78
N LYS A 50 -5.28 -3.40 -12.94
CA LYS A 50 -4.94 -4.05 -14.20
C LYS A 50 -3.47 -3.85 -14.53
N ALA A 51 -2.92 -2.71 -14.11
CA ALA A 51 -1.52 -2.41 -14.37
C ALA A 51 -0.63 -2.95 -13.25
N PHE A 52 -1.23 -3.26 -12.11
CA PHE A 52 -0.50 -3.78 -10.97
C PHE A 52 -0.82 -5.26 -10.74
N GLN A 53 -1.63 -5.82 -11.64
CA GLN A 53 -2.02 -7.23 -11.53
C GLN A 53 -0.78 -8.12 -11.39
N GLU A 54 0.25 -7.82 -12.15
CA GLU A 54 1.48 -8.60 -12.12
C GLU A 54 2.32 -8.23 -10.89
N LEU A 55 2.06 -7.05 -10.34
CA LEU A 55 2.78 -6.57 -9.17
C LEU A 55 2.25 -7.21 -7.90
N ALA A 56 3.11 -7.34 -6.89
CA ALA A 56 2.72 -7.93 -5.62
C ALA A 56 3.13 -7.05 -4.45
N GLY A 57 2.88 -7.52 -3.23
CA GLY A 57 3.24 -6.76 -2.04
C GLY A 57 4.69 -6.34 -2.04
N LYS A 58 5.59 -7.32 -2.15
CA LYS A 58 7.03 -7.06 -2.15
C LYS A 58 7.39 -6.06 -3.25
N GLU A 59 6.99 -6.36 -4.48
CA GLU A 59 7.27 -5.50 -5.61
C GLU A 59 6.89 -4.05 -5.29
N LEU A 60 5.60 -3.81 -5.10
CA LEU A 60 5.11 -2.47 -4.80
C LEU A 60 6.05 -1.75 -3.83
N CYS A 61 6.28 -2.37 -2.68
CA CYS A 61 7.16 -1.79 -1.67
C CYS A 61 8.60 -1.72 -2.17
N ALA A 62 8.94 -2.61 -3.10
CA ALA A 62 10.28 -2.65 -3.67
C ALA A 62 10.42 -1.67 -4.83
N MET A 63 9.29 -1.14 -5.27
CA MET A 63 9.29 -0.19 -6.39
C MET A 63 9.63 1.22 -5.89
N SER A 64 9.72 2.16 -6.83
CA SER A 64 10.03 3.54 -6.49
C SER A 64 8.94 4.49 -6.99
N GLU A 65 8.76 5.59 -6.26
CA GLU A 65 7.74 6.58 -6.63
C GLU A 65 7.60 6.68 -8.14
N GLU A 66 8.70 6.98 -8.82
CA GLU A 66 8.70 7.11 -10.27
C GLU A 66 8.13 5.86 -10.92
N GLN A 67 8.51 4.70 -10.39
CA GLN A 67 8.04 3.42 -10.92
C GLN A 67 6.51 3.35 -10.91
N PHE A 68 5.91 3.85 -9.84
CA PHE A 68 4.46 3.84 -9.70
C PHE A 68 3.82 4.78 -10.72
N ARG A 69 4.57 5.80 -11.14
CA ARG A 69 4.08 6.77 -12.11
C ARG A 69 4.19 6.22 -13.53
N GLN A 70 5.14 5.31 -13.74
CA GLN A 70 5.34 4.72 -15.05
C GLN A 70 4.14 3.87 -15.46
N ARG A 71 3.42 3.36 -14.46
CA ARG A 71 2.26 2.52 -14.71
C ARG A 71 0.97 3.31 -14.48
N SER A 72 1.03 4.31 -13.60
CA SER A 72 -0.13 5.13 -13.29
C SER A 72 0.24 6.60 -13.26
N PRO A 73 -0.02 7.30 -14.38
CA PRO A 73 0.28 8.73 -14.52
C PRO A 73 -0.62 9.59 -13.65
N LEU A 74 -1.92 9.33 -13.72
CA LEU A 74 -2.90 10.08 -12.95
C LEU A 74 -2.73 9.83 -11.46
N GLY A 75 -2.06 8.73 -11.12
CA GLY A 75 -1.84 8.38 -9.73
C GLY A 75 -0.37 8.28 -9.38
N GLY A 76 0.19 7.09 -9.58
CA GLY A 76 1.60 6.88 -9.29
C GLY A 76 1.97 7.35 -7.89
N ASP A 77 2.43 8.59 -7.79
CA ASP A 77 2.83 9.16 -6.51
C ASP A 77 1.87 8.73 -5.41
N VAL A 78 0.57 8.94 -5.64
CA VAL A 78 -0.45 8.57 -4.66
C VAL A 78 -0.15 7.21 -4.05
N LEU A 79 0.14 6.23 -4.91
CA LEU A 79 0.43 4.87 -4.45
C LEU A 79 1.70 4.86 -3.59
N HIS A 80 2.82 5.24 -4.19
CA HIS A 80 4.09 5.26 -3.48
C HIS A 80 3.98 6.08 -2.20
N ALA A 81 3.02 7.01 -2.17
CA ALA A 81 2.81 7.85 -1.00
C ALA A 81 1.99 7.12 0.06
N HIS A 82 0.73 6.86 -0.25
CA HIS A 82 -0.17 6.18 0.68
C HIS A 82 0.42 4.82 1.09
N LEU A 83 1.43 4.37 0.36
CA LEU A 83 2.07 3.09 0.65
C LEU A 83 3.16 3.27 1.70
N ASP A 84 3.97 4.31 1.54
CA ASP A 84 5.05 4.59 2.49
C ASP A 84 4.59 4.36 3.92
N ILE A 85 3.40 4.86 4.25
CA ILE A 85 2.85 4.70 5.59
C ILE A 85 2.83 3.23 6.01
N TRP A 86 2.48 2.36 5.07
CA TRP A 86 2.42 0.93 5.34
C TRP A 86 3.82 0.34 5.48
N LYS A 87 4.55 0.30 4.36
CA LYS A 87 5.90 -0.23 4.35
C LYS A 87 6.69 0.27 5.55
N SER A 88 6.54 1.56 5.86
CA SER A 88 7.24 2.16 6.98
C SER A 88 6.90 1.46 8.29
N ALA A 89 5.61 1.19 8.49
CA ALA A 89 5.15 0.52 9.69
C ALA A 89 5.47 -0.98 9.64
N ALA A 90 5.62 -1.51 8.43
CA ALA A 90 5.93 -2.92 8.26
C ALA A 90 7.42 -3.18 8.42
N SER A 91 8.22 -2.12 8.32
CA SER A 91 9.67 -2.23 8.45
C SER A 91 10.08 -2.13 9.92
N GLY A 92 9.23 -2.64 10.81
CA GLY A 92 9.54 -2.60 12.23
C GLY A 92 9.25 -1.24 12.84
N PRO A 93 8.79 -1.23 14.10
CA PRO A 93 8.49 0.01 14.83
C PRO A 93 9.75 0.80 15.18
N SER A 94 9.54 2.04 15.62
CA SER A 94 10.66 2.91 15.98
C SER A 94 11.79 2.79 14.96
N SER A 95 11.44 2.85 13.69
CA SER A 95 12.42 2.75 12.61
C SER A 95 12.74 4.13 12.04
N GLY A 96 13.75 4.78 12.60
CA GLY A 96 14.14 6.09 12.13
C GLY A 96 13.21 7.19 12.63
N GLY A 1 9.09 4.12 19.74
CA GLY A 1 9.02 4.85 20.99
C GLY A 1 7.59 5.10 21.44
N SER A 2 6.84 5.85 20.66
CA SER A 2 5.45 6.17 20.98
C SER A 2 4.71 4.92 21.45
N SER A 3 3.94 5.06 22.52
CA SER A 3 3.18 3.94 23.07
C SER A 3 1.68 4.17 22.90
N GLY A 4 1.18 5.23 23.50
CA GLY A 4 -0.24 5.54 23.39
C GLY A 4 -0.79 5.25 22.02
N SER A 5 -0.55 6.17 21.08
CA SER A 5 -1.04 6.00 19.71
C SER A 5 0.11 5.72 18.75
N SER A 6 -0.10 4.78 17.84
CA SER A 6 0.92 4.41 16.87
C SER A 6 0.63 5.05 15.51
N GLY A 7 1.40 4.65 14.50
CA GLY A 7 1.21 5.18 13.16
C GLY A 7 0.39 4.27 12.29
N LEU A 8 0.40 2.99 12.60
CA LEU A 8 -0.35 2.00 11.82
C LEU A 8 -1.79 1.91 12.32
N LYS A 9 -2.11 2.69 13.34
CA LYS A 9 -3.45 2.71 13.91
C LYS A 9 -4.51 2.80 12.81
N ASP A 10 -4.19 3.56 11.76
CA ASP A 10 -5.11 3.73 10.65
C ASP A 10 -4.99 2.58 9.66
N ILE A 11 -3.81 1.98 9.59
CA ILE A 11 -3.56 0.87 8.69
C ILE A 11 -4.45 -0.33 9.03
N GLU A 12 -4.44 -0.72 10.30
CA GLU A 12 -5.25 -1.85 10.74
C GLU A 12 -6.70 -1.68 10.31
N THR A 13 -7.22 -0.46 10.42
CA THR A 13 -8.59 -0.18 10.03
C THR A 13 -8.80 -0.38 8.54
N ALA A 14 -7.70 -0.33 7.78
CA ALA A 14 -7.77 -0.51 6.34
C ALA A 14 -7.56 -1.97 5.96
N CYS A 15 -7.10 -2.77 6.91
CA CYS A 15 -6.86 -4.19 6.68
C CYS A 15 -8.05 -5.03 7.14
N LYS A 16 -8.98 -4.39 7.86
CA LYS A 16 -10.16 -5.07 8.35
C LYS A 16 -11.14 -5.38 7.21
N LEU A 17 -11.57 -4.34 6.52
CA LEU A 17 -12.50 -4.49 5.40
C LEU A 17 -11.84 -5.24 4.25
N LEU A 18 -10.56 -4.99 4.04
CA LEU A 18 -9.82 -5.64 2.97
C LEU A 18 -9.41 -7.05 3.36
N ASN A 19 -9.36 -7.30 4.67
CA ASN A 19 -8.99 -8.62 5.18
C ASN A 19 -7.57 -8.99 4.75
N ILE A 20 -6.68 -8.00 4.75
CA ILE A 20 -5.29 -8.24 4.35
C ILE A 20 -4.34 -8.01 5.52
N THR A 21 -3.04 -8.14 5.25
CA THR A 21 -2.03 -7.94 6.27
C THR A 21 -1.54 -6.50 6.30
N ALA A 22 -1.28 -6.00 7.50
CA ALA A 22 -0.80 -4.62 7.66
C ALA A 22 0.50 -4.40 6.89
N ASP A 23 1.20 -5.48 6.59
CA ASP A 23 2.45 -5.40 5.85
C ASP A 23 2.20 -5.46 4.35
N PRO A 24 2.63 -4.39 3.64
CA PRO A 24 2.46 -4.31 2.19
C PRO A 24 3.35 -5.29 1.43
N MET A 25 4.53 -5.55 1.98
CA MET A 25 5.47 -6.47 1.36
C MET A 25 4.96 -7.91 1.45
N ASP A 26 3.85 -8.10 2.16
CA ASP A 26 3.26 -9.42 2.32
C ASP A 26 1.99 -9.56 1.47
N TRP A 27 1.56 -8.46 0.88
CA TRP A 27 0.37 -8.45 0.03
C TRP A 27 0.46 -9.54 -1.03
N SER A 28 -0.34 -10.59 -0.86
CA SER A 28 -0.35 -11.69 -1.81
C SER A 28 -1.51 -12.66 -1.52
N PRO A 29 -1.86 -13.47 -2.51
CA PRO A 29 -1.20 -13.46 -3.83
C PRO A 29 -1.50 -12.20 -4.62
N SER A 30 -2.75 -11.74 -4.55
CA SER A 30 -3.17 -10.55 -5.26
C SER A 30 -3.83 -9.54 -4.31
N ASN A 31 -3.34 -9.50 -3.08
CA ASN A 31 -3.89 -8.60 -2.07
C ASN A 31 -3.72 -7.14 -2.51
N VAL A 32 -2.61 -6.86 -3.19
CA VAL A 32 -2.34 -5.51 -3.66
C VAL A 32 -3.58 -4.85 -4.22
N GLN A 33 -4.32 -5.59 -5.05
CA GLN A 33 -5.55 -5.08 -5.65
C GLN A 33 -6.45 -4.45 -4.59
N LYS A 34 -6.50 -5.08 -3.42
CA LYS A 34 -7.33 -4.60 -2.33
C LYS A 34 -6.84 -3.24 -1.84
N TRP A 35 -5.55 -3.16 -1.55
CA TRP A 35 -4.95 -1.91 -1.08
C TRP A 35 -5.09 -0.81 -2.11
N LEU A 36 -5.19 -1.20 -3.38
CA LEU A 36 -5.33 -0.24 -4.47
C LEU A 36 -6.73 0.36 -4.48
N LEU A 37 -7.73 -0.46 -4.78
CA LEU A 37 -9.12 -0.01 -4.82
C LEU A 37 -9.47 0.77 -3.55
N TRP A 38 -8.72 0.53 -2.49
CA TRP A 38 -8.96 1.20 -1.22
C TRP A 38 -8.73 2.70 -1.34
N THR A 39 -7.46 3.10 -1.45
CA THR A 39 -7.12 4.51 -1.58
C THR A 39 -7.53 5.05 -2.95
N GLU A 40 -7.50 4.19 -3.96
CA GLU A 40 -7.88 4.59 -5.31
C GLU A 40 -9.26 5.25 -5.32
N HIS A 41 -10.09 4.89 -4.36
CA HIS A 41 -11.44 5.45 -4.26
C HIS A 41 -11.43 6.68 -3.34
N GLN A 42 -10.44 6.78 -2.49
CA GLN A 42 -10.32 7.91 -1.57
C GLN A 42 -9.56 9.06 -2.21
N TYR A 43 -8.97 8.80 -3.37
CA TYR A 43 -8.21 9.82 -4.09
C TYR A 43 -8.74 9.99 -5.51
N ARG A 44 -9.71 9.18 -5.88
CA ARG A 44 -10.30 9.23 -7.21
C ARG A 44 -9.26 8.91 -8.27
N LEU A 45 -8.51 7.82 -8.05
CA LEU A 45 -7.49 7.40 -8.99
C LEU A 45 -8.04 6.37 -9.97
N PRO A 46 -7.40 6.26 -11.14
CA PRO A 46 -7.80 5.31 -12.19
C PRO A 46 -7.53 3.87 -11.80
N PRO A 47 -8.04 2.93 -12.60
CA PRO A 47 -7.86 1.49 -12.36
C PRO A 47 -6.42 1.04 -12.59
N MET A 48 -5.66 0.95 -11.51
CA MET A 48 -4.26 0.52 -11.60
C MET A 48 -4.14 -1.00 -11.48
N GLY A 49 -5.11 -1.61 -10.80
CA GLY A 49 -5.10 -3.05 -10.64
C GLY A 49 -4.64 -3.78 -11.89
N LYS A 50 -5.23 -3.40 -13.02
CA LYS A 50 -4.88 -4.03 -14.29
C LYS A 50 -3.40 -3.86 -14.60
N ALA A 51 -2.84 -2.71 -14.20
CA ALA A 51 -1.43 -2.42 -14.43
C ALA A 51 -0.56 -3.00 -13.32
N PHE A 52 -1.18 -3.28 -12.17
CA PHE A 52 -0.46 -3.84 -11.04
C PHE A 52 -0.79 -5.32 -10.86
N GLN A 53 -1.55 -5.86 -11.80
CA GLN A 53 -1.95 -7.27 -11.75
C GLN A 53 -0.73 -8.17 -11.58
N GLU A 54 0.34 -7.85 -12.29
CA GLU A 54 1.56 -8.64 -12.22
C GLU A 54 2.41 -8.22 -11.01
N LEU A 55 2.02 -7.12 -10.38
CA LEU A 55 2.74 -6.61 -9.22
C LEU A 55 2.22 -7.26 -7.93
N ALA A 56 3.09 -7.39 -6.94
CA ALA A 56 2.73 -7.98 -5.68
C ALA A 56 3.19 -7.12 -4.51
N GLY A 57 2.79 -7.49 -3.30
CA GLY A 57 3.16 -6.74 -2.12
C GLY A 57 4.63 -6.34 -2.13
N LYS A 58 5.51 -7.34 -2.15
CA LYS A 58 6.95 -7.09 -2.17
C LYS A 58 7.32 -6.09 -3.26
N GLU A 59 6.91 -6.38 -4.48
CA GLU A 59 7.19 -5.50 -5.62
C GLU A 59 6.85 -4.06 -5.28
N LEU A 60 5.57 -3.78 -5.07
CA LEU A 60 5.12 -2.43 -4.74
C LEU A 60 6.09 -1.75 -3.79
N CYS A 61 6.30 -2.37 -2.63
CA CYS A 61 7.22 -1.82 -1.63
C CYS A 61 8.64 -1.76 -2.17
N ALA A 62 8.96 -2.66 -3.09
CA ALA A 62 10.29 -2.72 -3.69
C ALA A 62 10.42 -1.72 -4.84
N MET A 63 9.28 -1.21 -5.30
CA MET A 63 9.27 -0.25 -6.40
C MET A 63 9.60 1.15 -5.90
N SER A 64 9.59 2.11 -6.82
CA SER A 64 9.89 3.50 -6.47
C SER A 64 8.83 4.45 -7.01
N GLU A 65 8.62 5.55 -6.30
CA GLU A 65 7.62 6.54 -6.72
C GLU A 65 7.53 6.63 -8.24
N GLU A 66 8.65 7.00 -8.87
CA GLU A 66 8.70 7.13 -10.32
C GLU A 66 8.14 5.88 -10.99
N GLN A 67 8.52 4.71 -10.47
CA GLN A 67 8.05 3.45 -11.02
C GLN A 67 6.53 3.34 -10.95
N PHE A 68 5.96 3.84 -9.86
CA PHE A 68 4.52 3.80 -9.67
C PHE A 68 3.81 4.72 -10.67
N ARG A 69 4.53 5.72 -11.15
CA ARG A 69 3.97 6.67 -12.11
C ARG A 69 4.13 6.15 -13.53
N GLN A 70 5.03 5.19 -13.72
CA GLN A 70 5.27 4.61 -15.04
C GLN A 70 4.07 3.79 -15.50
N ARG A 71 3.30 3.29 -14.54
CA ARG A 71 2.12 2.49 -14.86
C ARG A 71 0.84 3.30 -14.63
N SER A 72 0.88 4.21 -13.67
CA SER A 72 -0.27 5.04 -13.36
C SER A 72 0.13 6.52 -13.29
N PRO A 73 -0.10 7.24 -14.40
CA PRO A 73 0.23 8.66 -14.49
C PRO A 73 -0.69 9.53 -13.64
N LEU A 74 -1.99 9.30 -13.75
CA LEU A 74 -2.97 10.05 -12.98
C LEU A 74 -2.80 9.81 -11.48
N GLY A 75 -2.14 8.71 -11.14
CA GLY A 75 -1.92 8.38 -9.75
C GLY A 75 -0.45 8.19 -9.43
N GLY A 76 0.05 6.98 -9.62
CA GLY A 76 1.45 6.69 -9.33
C GLY A 76 1.89 7.24 -8.00
N ASP A 77 2.36 8.48 -7.99
CA ASP A 77 2.82 9.13 -6.78
C ASP A 77 1.90 8.80 -5.61
N VAL A 78 0.60 8.79 -5.88
CA VAL A 78 -0.40 8.50 -4.84
C VAL A 78 -0.06 7.19 -4.13
N LEU A 79 0.08 6.12 -4.90
CA LEU A 79 0.40 4.81 -4.34
C LEU A 79 1.68 4.87 -3.50
N HIS A 80 2.79 5.17 -4.16
CA HIS A 80 4.08 5.26 -3.47
C HIS A 80 3.96 6.10 -2.20
N ALA A 81 2.96 6.99 -2.18
CA ALA A 81 2.74 7.85 -1.03
C ALA A 81 1.95 7.14 0.06
N HIS A 82 0.68 6.85 -0.25
CA HIS A 82 -0.19 6.16 0.70
C HIS A 82 0.43 4.84 1.16
N LEU A 83 1.34 4.31 0.36
CA LEU A 83 2.01 3.06 0.67
C LEU A 83 3.09 3.27 1.73
N ASP A 84 3.86 4.33 1.56
CA ASP A 84 4.93 4.65 2.51
C ASP A 84 4.48 4.43 3.94
N ILE A 85 3.25 4.86 4.24
CA ILE A 85 2.70 4.70 5.59
C ILE A 85 2.70 3.24 6.02
N TRP A 86 2.33 2.36 5.09
CA TRP A 86 2.30 0.92 5.37
C TRP A 86 3.71 0.36 5.51
N LYS A 87 4.44 0.34 4.40
CA LYS A 87 5.80 -0.17 4.38
C LYS A 87 6.58 0.34 5.60
N SER A 88 6.38 1.61 5.93
CA SER A 88 7.07 2.22 7.06
C SER A 88 6.65 1.56 8.38
N ALA A 89 5.36 1.27 8.50
CA ALA A 89 4.83 0.64 9.70
C ALA A 89 5.15 -0.86 9.72
N ALA A 90 5.44 -1.40 8.55
CA ALA A 90 5.77 -2.82 8.42
C ALA A 90 7.25 -3.07 8.64
N SER A 91 8.05 -2.01 8.53
CA SER A 91 9.49 -2.12 8.71
C SER A 91 9.86 -1.93 10.18
N GLY A 92 9.02 -2.44 11.07
CA GLY A 92 9.28 -2.32 12.49
C GLY A 92 9.14 -3.64 13.22
N PRO A 93 9.77 -3.73 14.40
CA PRO A 93 9.73 -4.95 15.23
C PRO A 93 8.35 -5.18 15.84
N SER A 94 8.17 -6.35 16.44
CA SER A 94 6.90 -6.69 17.07
C SER A 94 6.89 -6.28 18.54
N SER A 95 6.50 -5.04 18.79
CA SER A 95 6.44 -4.51 20.15
C SER A 95 7.74 -4.80 20.89
N GLY A 96 8.86 -4.63 20.21
CA GLY A 96 10.15 -4.89 20.82
C GLY A 96 10.66 -3.69 21.59
N GLY A 1 -2.98 -6.95 22.47
CA GLY A 1 -3.38 -6.21 23.66
C GLY A 1 -2.83 -4.79 23.68
N SER A 2 -1.51 -4.68 23.62
CA SER A 2 -0.86 -3.38 23.65
C SER A 2 -0.22 -3.07 22.29
N SER A 3 -0.09 -1.78 21.98
CA SER A 3 0.50 -1.36 20.73
C SER A 3 1.59 -0.31 20.97
N GLY A 4 2.51 -0.19 20.01
CA GLY A 4 3.59 0.77 20.13
C GLY A 4 3.18 2.16 19.67
N SER A 5 4.01 2.76 18.82
CA SER A 5 3.73 4.10 18.30
C SER A 5 2.27 4.23 17.87
N SER A 6 1.85 5.45 17.59
CA SER A 6 0.48 5.71 17.16
C SER A 6 0.43 6.15 15.70
N GLY A 7 0.57 5.20 14.79
CA GLY A 7 0.55 5.51 13.38
C GLY A 7 -0.22 4.47 12.57
N LEU A 8 0.28 3.25 12.55
CA LEU A 8 -0.35 2.16 11.81
C LEU A 8 -1.76 1.90 12.35
N LYS A 9 -2.05 2.43 13.53
CA LYS A 9 -3.36 2.25 14.14
C LYS A 9 -4.48 2.48 13.13
N ASP A 10 -4.19 3.29 12.11
CA ASP A 10 -5.16 3.60 11.07
C ASP A 10 -5.06 2.61 9.92
N ILE A 11 -3.85 2.06 9.73
CA ILE A 11 -3.61 1.10 8.66
C ILE A 11 -4.48 -0.13 8.82
N GLU A 12 -4.43 -0.73 10.00
CA GLU A 12 -5.23 -1.93 10.29
C GLU A 12 -6.69 -1.71 9.91
N THR A 13 -7.21 -0.53 10.25
CA THR A 13 -8.60 -0.19 9.95
C THR A 13 -8.90 -0.35 8.46
N ALA A 14 -7.88 -0.16 7.64
CA ALA A 14 -8.03 -0.27 6.19
C ALA A 14 -7.78 -1.71 5.73
N CYS A 15 -7.21 -2.52 6.63
CA CYS A 15 -6.91 -3.91 6.30
C CYS A 15 -8.03 -4.82 6.79
N LYS A 16 -8.93 -4.27 7.60
CA LYS A 16 -10.04 -5.05 8.13
C LYS A 16 -11.07 -5.35 7.04
N LEU A 17 -11.61 -4.30 6.44
CA LEU A 17 -12.60 -4.46 5.38
C LEU A 17 -11.96 -4.99 4.10
N LEU A 18 -10.64 -5.12 4.12
CA LEU A 18 -9.90 -5.62 2.96
C LEU A 18 -9.48 -7.08 3.18
N ASN A 19 -9.41 -7.50 4.44
CA ASN A 19 -9.02 -8.86 4.78
C ASN A 19 -7.59 -9.14 4.35
N ILE A 20 -6.74 -8.11 4.44
CA ILE A 20 -5.34 -8.25 4.05
C ILE A 20 -4.42 -8.06 5.25
N THR A 21 -3.12 -8.18 5.02
CA THR A 21 -2.14 -8.01 6.09
C THR A 21 -1.60 -6.58 6.13
N ALA A 22 -1.54 -6.02 7.33
CA ALA A 22 -1.05 -4.66 7.50
C ALA A 22 0.25 -4.44 6.73
N ASP A 23 1.03 -5.51 6.59
CA ASP A 23 2.30 -5.44 5.88
C ASP A 23 2.08 -5.49 4.36
N PRO A 24 2.53 -4.44 3.66
CA PRO A 24 2.39 -4.33 2.21
C PRO A 24 3.27 -5.34 1.47
N MET A 25 4.43 -5.64 2.04
CA MET A 25 5.36 -6.58 1.45
C MET A 25 4.82 -8.01 1.53
N ASP A 26 3.69 -8.17 2.22
CA ASP A 26 3.08 -9.48 2.38
C ASP A 26 1.80 -9.58 1.55
N TRP A 27 1.42 -8.48 0.92
CA TRP A 27 0.21 -8.44 0.10
C TRP A 27 0.23 -9.55 -0.94
N SER A 28 -0.32 -10.70 -0.57
CA SER A 28 -0.36 -11.85 -1.47
C SER A 28 -1.62 -12.68 -1.24
N PRO A 29 -2.02 -13.45 -2.26
CA PRO A 29 -1.30 -13.51 -3.53
C PRO A 29 -1.43 -12.23 -4.34
N SER A 30 -2.65 -11.70 -4.39
CA SER A 30 -2.92 -10.47 -5.13
C SER A 30 -3.58 -9.43 -4.24
N ASN A 31 -3.28 -9.49 -2.94
CA ASN A 31 -3.85 -8.56 -1.98
C ASN A 31 -3.65 -7.12 -2.44
N VAL A 32 -2.56 -6.88 -3.16
CA VAL A 32 -2.26 -5.54 -3.66
C VAL A 32 -3.50 -4.90 -4.28
N GLN A 33 -4.21 -5.65 -5.10
CA GLN A 33 -5.41 -5.15 -5.75
C GLN A 33 -6.38 -4.57 -4.73
N LYS A 34 -6.37 -5.11 -3.53
CA LYS A 34 -7.24 -4.64 -2.45
C LYS A 34 -6.78 -3.29 -1.93
N TRP A 35 -5.50 -3.19 -1.61
CA TRP A 35 -4.93 -1.95 -1.10
C TRP A 35 -5.10 -0.81 -2.11
N LEU A 36 -5.15 -1.17 -3.39
CA LEU A 36 -5.31 -0.17 -4.44
C LEU A 36 -6.71 0.43 -4.41
N LEU A 37 -7.70 -0.37 -4.82
CA LEU A 37 -9.08 0.09 -4.84
C LEU A 37 -9.42 0.84 -3.55
N TRP A 38 -8.74 0.49 -2.46
CA TRP A 38 -8.97 1.12 -1.18
C TRP A 38 -8.79 2.63 -1.27
N THR A 39 -7.53 3.07 -1.38
CA THR A 39 -7.22 4.48 -1.49
C THR A 39 -7.67 5.06 -2.82
N GLU A 40 -7.65 4.22 -3.85
CA GLU A 40 -8.06 4.64 -5.19
C GLU A 40 -9.44 5.29 -5.16
N HIS A 41 -10.27 4.84 -4.22
CA HIS A 41 -11.62 5.38 -4.09
C HIS A 41 -11.62 6.62 -3.19
N GLN A 42 -10.55 6.80 -2.43
CA GLN A 42 -10.42 7.94 -1.53
C GLN A 42 -9.76 9.12 -2.23
N TYR A 43 -9.03 8.83 -3.30
CA TYR A 43 -8.35 9.88 -4.06
C TYR A 43 -8.89 9.95 -5.49
N ARG A 44 -9.90 9.14 -5.77
CA ARG A 44 -10.51 9.12 -7.10
C ARG A 44 -9.47 8.83 -8.17
N LEU A 45 -8.73 7.74 -7.99
CA LEU A 45 -7.69 7.36 -8.94
C LEU A 45 -8.20 6.28 -9.88
N PRO A 46 -7.55 6.15 -11.05
CA PRO A 46 -7.92 5.16 -12.06
C PRO A 46 -7.59 3.73 -11.62
N PRO A 47 -8.17 2.74 -12.31
CA PRO A 47 -7.95 1.33 -12.01
C PRO A 47 -6.53 0.87 -12.36
N MET A 48 -5.67 0.81 -11.35
CA MET A 48 -4.29 0.39 -11.56
C MET A 48 -4.15 -1.11 -11.37
N GLY A 49 -5.13 -1.73 -10.72
CA GLY A 49 -5.10 -3.16 -10.50
C GLY A 49 -4.65 -3.92 -11.72
N LYS A 50 -5.18 -3.56 -12.88
CA LYS A 50 -4.83 -4.22 -14.13
C LYS A 50 -3.36 -4.04 -14.45
N ALA A 51 -2.81 -2.87 -14.08
CA ALA A 51 -1.41 -2.58 -14.32
C ALA A 51 -0.52 -3.19 -13.24
N PHE A 52 -1.09 -3.35 -12.04
CA PHE A 52 -0.35 -3.92 -10.92
C PHE A 52 -0.68 -5.41 -10.76
N GLN A 53 -1.56 -5.91 -11.61
CA GLN A 53 -1.95 -7.31 -11.56
C GLN A 53 -0.74 -8.23 -11.42
N GLU A 54 0.35 -7.85 -12.10
CA GLU A 54 1.58 -8.63 -12.06
C GLU A 54 2.42 -8.27 -10.84
N LEU A 55 2.13 -7.10 -10.27
CA LEU A 55 2.87 -6.63 -9.09
C LEU A 55 2.34 -7.28 -7.82
N ALA A 56 3.21 -7.42 -6.84
CA ALA A 56 2.83 -8.04 -5.56
C ALA A 56 3.26 -7.16 -4.39
N GLY A 57 2.84 -7.54 -3.19
CA GLY A 57 3.18 -6.77 -2.01
C GLY A 57 4.65 -6.39 -1.96
N LYS A 58 5.52 -7.38 -2.10
CA LYS A 58 6.96 -7.12 -2.08
C LYS A 58 7.35 -6.12 -3.15
N GLU A 59 7.02 -6.43 -4.40
CA GLU A 59 7.33 -5.55 -5.52
C GLU A 59 6.98 -4.10 -5.19
N LEU A 60 5.69 -3.85 -4.98
CA LEU A 60 5.22 -2.51 -4.66
C LEU A 60 6.17 -1.81 -3.69
N CYS A 61 6.42 -2.45 -2.56
CA CYS A 61 7.32 -1.90 -1.54
C CYS A 61 8.74 -1.77 -2.08
N ALA A 62 9.08 -2.64 -3.04
CA ALA A 62 10.41 -2.63 -3.64
C ALA A 62 10.48 -1.66 -4.81
N MET A 63 9.32 -1.16 -5.24
CA MET A 63 9.25 -0.23 -6.35
C MET A 63 9.58 1.20 -5.89
N SER A 64 9.65 2.11 -6.84
CA SER A 64 9.96 3.51 -6.53
C SER A 64 8.88 4.44 -7.06
N GLU A 65 8.67 5.57 -6.37
CA GLU A 65 7.67 6.54 -6.78
C GLU A 65 7.55 6.60 -8.30
N GLU A 66 8.67 6.91 -8.96
CA GLU A 66 8.69 7.01 -10.41
C GLU A 66 8.07 5.76 -11.05
N GLN A 67 8.41 4.60 -10.50
CA GLN A 67 7.89 3.33 -11.02
C GLN A 67 6.36 3.30 -10.96
N PHE A 68 5.82 3.70 -9.81
CA PHE A 68 4.37 3.71 -9.61
C PHE A 68 3.70 4.67 -10.60
N ARG A 69 4.47 5.66 -11.06
CA ARG A 69 3.95 6.64 -12.00
C ARG A 69 4.08 6.14 -13.44
N GLN A 70 5.00 5.21 -13.65
CA GLN A 70 5.22 4.66 -14.98
C GLN A 70 4.02 3.85 -15.44
N ARG A 71 3.29 3.28 -14.49
CA ARG A 71 2.13 2.47 -14.79
C ARG A 71 0.84 3.23 -14.49
N SER A 72 0.93 4.17 -13.54
CA SER A 72 -0.23 4.96 -13.15
C SER A 72 0.12 6.45 -13.15
N PRO A 73 -0.15 7.13 -14.27
CA PRO A 73 0.12 8.56 -14.41
C PRO A 73 -0.80 9.42 -13.54
N LEU A 74 -2.10 9.18 -13.65
CA LEU A 74 -3.09 9.93 -12.88
C LEU A 74 -2.88 9.70 -11.38
N GLY A 75 -2.24 8.60 -11.03
CA GLY A 75 -2.00 8.27 -9.64
C GLY A 75 -0.52 8.15 -9.32
N GLY A 76 0.03 6.95 -9.52
CA GLY A 76 1.43 6.72 -9.24
C GLY A 76 1.86 7.29 -7.90
N ASP A 77 2.31 8.54 -7.90
CA ASP A 77 2.74 9.18 -6.67
C ASP A 77 1.84 8.81 -5.51
N VAL A 78 0.53 8.92 -5.71
CA VAL A 78 -0.43 8.60 -4.68
C VAL A 78 -0.18 7.21 -4.09
N LEU A 79 0.12 6.25 -4.97
CA LEU A 79 0.39 4.88 -4.54
C LEU A 79 1.66 4.81 -3.71
N HIS A 80 2.77 5.23 -4.30
CA HIS A 80 4.05 5.21 -3.61
C HIS A 80 3.99 6.05 -2.33
N ALA A 81 3.03 6.96 -2.28
CA ALA A 81 2.86 7.82 -1.11
C ALA A 81 2.03 7.14 -0.03
N HIS A 82 0.76 6.90 -0.33
CA HIS A 82 -0.14 6.25 0.62
C HIS A 82 0.42 4.90 1.06
N LEU A 83 1.43 4.42 0.34
CA LEU A 83 2.06 3.14 0.65
C LEU A 83 3.15 3.31 1.70
N ASP A 84 3.92 4.38 1.56
CA ASP A 84 5.00 4.67 2.50
C ASP A 84 4.55 4.45 3.94
N ILE A 85 3.34 4.92 4.26
CA ILE A 85 2.79 4.78 5.59
C ILE A 85 2.75 3.31 6.02
N TRP A 86 2.45 2.43 5.07
CA TRP A 86 2.38 1.01 5.34
C TRP A 86 3.78 0.41 5.48
N LYS A 87 4.52 0.38 4.38
CA LYS A 87 5.88 -0.16 4.39
C LYS A 87 6.66 0.35 5.59
N SER A 88 6.51 1.65 5.87
CA SER A 88 7.21 2.26 6.99
C SER A 88 6.82 1.61 8.31
N ALA A 89 5.53 1.35 8.47
CA ALA A 89 5.02 0.72 9.68
C ALA A 89 5.30 -0.78 9.68
N ALA A 90 5.44 -1.35 8.49
CA ALA A 90 5.70 -2.78 8.35
C ALA A 90 7.19 -3.07 8.47
N SER A 91 8.01 -2.03 8.32
CA SER A 91 9.46 -2.18 8.40
C SER A 91 9.94 -1.99 9.83
N GLY A 92 9.17 -2.50 10.79
CA GLY A 92 9.53 -2.38 12.18
C GLY A 92 9.90 -0.96 12.57
N PRO A 93 10.66 -0.82 13.67
CA PRO A 93 11.11 0.49 14.16
C PRO A 93 12.13 1.14 13.24
N SER A 94 11.93 2.43 12.95
CA SER A 94 12.84 3.16 12.07
C SER A 94 13.49 4.32 12.83
N SER A 95 13.93 4.04 14.05
CA SER A 95 14.58 5.06 14.88
C SER A 95 16.07 5.14 14.57
N GLY A 96 16.72 3.99 14.52
CA GLY A 96 18.15 3.95 14.23
C GLY A 96 18.45 4.25 12.78
N GLY A 1 8.55 -3.96 18.22
CA GLY A 1 9.36 -3.41 19.30
C GLY A 1 8.93 -2.01 19.69
N SER A 2 7.76 -1.91 20.34
CA SER A 2 7.23 -0.63 20.76
C SER A 2 6.98 0.28 19.56
N SER A 3 6.31 -0.26 18.55
CA SER A 3 5.99 0.50 17.35
C SER A 3 4.59 1.09 17.42
N GLY A 4 4.31 2.07 16.57
CA GLY A 4 3.00 2.69 16.55
C GLY A 4 3.07 4.17 16.22
N SER A 5 3.31 4.99 17.24
CA SER A 5 3.39 6.44 17.06
C SER A 5 2.19 6.95 16.28
N SER A 6 1.01 6.44 16.61
CA SER A 6 -0.22 6.85 15.94
C SER A 6 -0.02 6.92 14.43
N GLY A 7 0.69 5.93 13.89
CA GLY A 7 0.94 5.89 12.47
C GLY A 7 0.20 4.76 11.77
N LEU A 8 0.38 3.55 12.29
CA LEU A 8 -0.28 2.37 11.71
C LEU A 8 -1.70 2.23 12.24
N LYS A 9 -2.00 2.94 13.32
CA LYS A 9 -3.33 2.90 13.93
C LYS A 9 -4.42 2.97 12.86
N ASP A 10 -4.13 3.69 11.78
CA ASP A 10 -5.08 3.84 10.68
C ASP A 10 -4.96 2.68 9.70
N ILE A 11 -3.77 2.08 9.64
CA ILE A 11 -3.53 0.96 8.74
C ILE A 11 -4.46 -0.20 9.05
N GLU A 12 -4.52 -0.59 10.31
CA GLU A 12 -5.37 -1.69 10.74
C GLU A 12 -6.79 -1.51 10.21
N THR A 13 -7.28 -0.27 10.26
CA THR A 13 -8.63 0.03 9.80
C THR A 13 -8.79 -0.31 8.32
N ALA A 14 -7.67 -0.35 7.60
CA ALA A 14 -7.70 -0.67 6.18
C ALA A 14 -7.52 -2.17 5.95
N CYS A 15 -7.12 -2.87 6.99
CA CYS A 15 -6.90 -4.31 6.90
C CYS A 15 -8.13 -5.08 7.38
N LYS A 16 -9.06 -4.36 8.00
CA LYS A 16 -10.29 -4.97 8.50
C LYS A 16 -11.27 -5.23 7.37
N LEU A 17 -11.60 -4.19 6.62
CA LEU A 17 -12.53 -4.31 5.50
C LEU A 17 -11.89 -5.06 4.34
N LEU A 18 -10.60 -4.84 4.14
CA LEU A 18 -9.86 -5.49 3.06
C LEU A 18 -9.43 -6.90 3.48
N ASN A 19 -9.41 -7.15 4.78
CA ASN A 19 -9.02 -8.45 5.30
C ASN A 19 -7.63 -8.84 4.82
N ILE A 20 -6.69 -7.91 4.90
CA ILE A 20 -5.33 -8.15 4.46
C ILE A 20 -4.34 -7.94 5.61
N THR A 21 -3.05 -8.10 5.31
CA THR A 21 -2.01 -7.93 6.31
C THR A 21 -1.45 -6.52 6.29
N ALA A 22 -1.34 -5.91 7.47
CA ALA A 22 -0.82 -4.56 7.60
C ALA A 22 0.46 -4.38 6.78
N ASP A 23 1.18 -5.48 6.58
CA ASP A 23 2.42 -5.44 5.83
C ASP A 23 2.14 -5.48 4.33
N PRO A 24 2.58 -4.43 3.62
CA PRO A 24 2.38 -4.31 2.16
C PRO A 24 3.23 -5.31 1.38
N MET A 25 4.41 -5.62 1.92
CA MET A 25 5.31 -6.56 1.27
C MET A 25 4.78 -7.99 1.39
N ASP A 26 3.70 -8.16 2.13
CA ASP A 26 3.08 -9.47 2.31
C ASP A 26 1.82 -9.60 1.49
N TRP A 27 1.37 -8.49 0.91
CA TRP A 27 0.16 -8.48 0.08
C TRP A 27 0.21 -9.59 -0.96
N SER A 28 -0.42 -10.72 -0.66
CA SER A 28 -0.45 -11.85 -1.57
C SER A 28 -1.64 -12.76 -1.28
N PRO A 29 -2.05 -13.54 -2.29
CA PRO A 29 -1.41 -13.54 -3.61
C PRO A 29 -1.67 -12.25 -4.37
N SER A 30 -2.92 -11.79 -4.35
CA SER A 30 -3.30 -10.57 -5.06
C SER A 30 -3.91 -9.56 -4.08
N ASN A 31 -3.33 -9.48 -2.88
CA ASN A 31 -3.82 -8.56 -1.87
C ASN A 31 -3.62 -7.10 -2.30
N VAL A 32 -2.56 -6.87 -3.08
CA VAL A 32 -2.27 -5.53 -3.57
C VAL A 32 -3.52 -4.85 -4.11
N GLN A 33 -4.31 -5.59 -4.88
CA GLN A 33 -5.53 -5.05 -5.46
C GLN A 33 -6.40 -4.41 -4.38
N LYS A 34 -6.56 -5.11 -3.25
CA LYS A 34 -7.36 -4.62 -2.15
C LYS A 34 -6.85 -3.25 -1.67
N TRP A 35 -5.55 -3.15 -1.49
CA TRP A 35 -4.94 -1.91 -1.04
C TRP A 35 -5.06 -0.82 -2.11
N LEU A 36 -5.27 -1.24 -3.35
CA LEU A 36 -5.41 -0.30 -4.47
C LEU A 36 -6.83 0.24 -4.53
N LEU A 37 -7.78 -0.63 -4.85
CA LEU A 37 -9.18 -0.23 -4.95
C LEU A 37 -9.62 0.54 -3.71
N TRP A 38 -8.85 0.39 -2.63
CA TRP A 38 -9.17 1.08 -1.38
C TRP A 38 -8.92 2.58 -1.50
N THR A 39 -7.64 2.95 -1.52
CA THR A 39 -7.26 4.36 -1.63
C THR A 39 -7.64 4.92 -2.99
N GLU A 40 -7.58 4.08 -4.01
CA GLU A 40 -7.92 4.49 -5.37
C GLU A 40 -9.29 5.18 -5.40
N HIS A 41 -10.16 4.78 -4.49
CA HIS A 41 -11.50 5.35 -4.41
C HIS A 41 -11.53 6.53 -3.45
N GLN A 42 -10.48 6.68 -2.66
CA GLN A 42 -10.39 7.78 -1.70
C GLN A 42 -9.69 8.98 -2.31
N TYR A 43 -8.96 8.75 -3.40
CA TYR A 43 -8.24 9.83 -4.07
C TYR A 43 -8.74 9.99 -5.51
N ARG A 44 -9.71 9.18 -5.88
CA ARG A 44 -10.27 9.23 -7.23
C ARG A 44 -9.21 8.90 -8.28
N LEU A 45 -8.51 7.80 -8.07
CA LEU A 45 -7.46 7.37 -8.99
C LEU A 45 -8.00 6.35 -9.98
N PRO A 46 -7.33 6.25 -11.15
CA PRO A 46 -7.72 5.30 -12.20
C PRO A 46 -7.46 3.85 -11.80
N PRO A 47 -7.96 2.92 -12.63
CA PRO A 47 -7.80 1.48 -12.39
C PRO A 47 -6.36 1.02 -12.58
N MET A 48 -5.61 0.95 -11.48
CA MET A 48 -4.21 0.52 -11.54
C MET A 48 -4.10 -1.00 -11.39
N GLY A 49 -5.11 -1.60 -10.75
CA GLY A 49 -5.10 -3.03 -10.56
C GLY A 49 -4.61 -3.78 -11.78
N LYS A 50 -5.01 -3.31 -12.96
CA LYS A 50 -4.59 -3.94 -14.21
C LYS A 50 -3.10 -3.76 -14.45
N ALA A 51 -2.58 -2.60 -14.06
CA ALA A 51 -1.17 -2.31 -14.23
C ALA A 51 -0.33 -2.96 -13.13
N PHE A 52 -0.94 -3.17 -11.98
CA PHE A 52 -0.25 -3.79 -10.84
C PHE A 52 -0.66 -5.25 -10.71
N GLN A 53 -1.58 -5.69 -11.55
CA GLN A 53 -2.05 -7.07 -11.52
C GLN A 53 -0.88 -8.04 -11.42
N GLU A 54 0.19 -7.74 -12.15
CA GLU A 54 1.38 -8.60 -12.16
C GLU A 54 2.26 -8.31 -10.95
N LEU A 55 2.07 -7.14 -10.36
CA LEU A 55 2.85 -6.74 -9.19
C LEU A 55 2.28 -7.37 -7.92
N ALA A 56 3.13 -7.47 -6.89
CA ALA A 56 2.72 -8.05 -5.62
C ALA A 56 3.13 -7.18 -4.45
N GLY A 57 2.74 -7.57 -3.25
CA GLY A 57 3.08 -6.81 -2.06
C GLY A 57 4.56 -6.43 -2.02
N LYS A 58 5.41 -7.40 -2.34
CA LYS A 58 6.86 -7.17 -2.33
C LYS A 58 7.25 -6.15 -3.40
N GLU A 59 6.90 -6.45 -4.65
CA GLU A 59 7.21 -5.56 -5.76
C GLU A 59 6.90 -4.12 -5.41
N LEU A 60 5.62 -3.81 -5.24
CA LEU A 60 5.19 -2.46 -4.90
C LEU A 60 6.18 -1.79 -3.96
N CYS A 61 6.35 -2.36 -2.77
CA CYS A 61 7.27 -1.83 -1.78
C CYS A 61 8.69 -1.79 -2.32
N ALA A 62 9.00 -2.73 -3.21
CA ALA A 62 10.33 -2.81 -3.80
C ALA A 62 10.48 -1.82 -4.95
N MET A 63 9.36 -1.25 -5.40
CA MET A 63 9.36 -0.29 -6.48
C MET A 63 9.74 1.10 -5.97
N SER A 64 9.67 2.09 -6.86
CA SER A 64 10.01 3.46 -6.50
C SER A 64 8.94 4.43 -7.00
N GLU A 65 8.75 5.52 -6.25
CA GLU A 65 7.76 6.52 -6.62
C GLU A 65 7.64 6.66 -8.14
N GLU A 66 8.75 7.02 -8.78
CA GLU A 66 8.77 7.18 -10.23
C GLU A 66 8.17 5.95 -10.92
N GLN A 67 8.52 4.78 -10.43
CA GLN A 67 8.03 3.53 -11.01
C GLN A 67 6.50 3.49 -10.97
N PHE A 68 5.93 3.84 -9.81
CA PHE A 68 4.48 3.84 -9.64
C PHE A 68 3.82 4.80 -10.64
N ARG A 69 4.56 5.81 -11.05
CA ARG A 69 4.06 6.80 -12.00
C ARG A 69 4.24 6.32 -13.44
N GLN A 70 5.12 5.35 -13.63
CA GLN A 70 5.38 4.80 -14.96
C GLN A 70 4.20 3.98 -15.44
N ARG A 71 3.43 3.43 -14.51
CA ARG A 71 2.26 2.62 -14.86
C ARG A 71 0.97 3.40 -14.63
N SER A 72 1.02 4.34 -13.69
CA SER A 72 -0.15 5.15 -13.38
C SER A 72 0.23 6.63 -13.26
N PRO A 73 0.02 7.38 -14.35
CA PRO A 73 0.34 8.82 -14.39
C PRO A 73 -0.61 9.64 -13.53
N LEU A 74 -1.91 9.37 -13.64
CA LEU A 74 -2.92 10.08 -12.87
C LEU A 74 -2.74 9.82 -11.38
N GLY A 75 -2.10 8.70 -11.05
CA GLY A 75 -1.89 8.36 -9.66
C GLY A 75 -0.41 8.25 -9.31
N GLY A 76 0.16 7.07 -9.54
CA GLY A 76 1.57 6.86 -9.24
C GLY A 76 1.95 7.37 -7.86
N ASP A 77 2.41 8.61 -7.79
CA ASP A 77 2.81 9.21 -6.52
C ASP A 77 1.86 8.80 -5.41
N VAL A 78 0.56 8.95 -5.65
CA VAL A 78 -0.45 8.60 -4.67
C VAL A 78 -0.17 7.23 -4.06
N LEU A 79 0.13 6.26 -4.92
CA LEU A 79 0.42 4.91 -4.47
C LEU A 79 1.65 4.88 -3.58
N HIS A 80 2.81 5.19 -4.15
CA HIS A 80 4.05 5.21 -3.40
C HIS A 80 3.91 6.02 -2.12
N ALA A 81 2.99 6.99 -2.13
CA ALA A 81 2.76 7.83 -0.97
C ALA A 81 1.92 7.11 0.08
N HIS A 82 0.67 6.84 -0.25
CA HIS A 82 -0.23 6.14 0.67
C HIS A 82 0.36 4.81 1.11
N LEU A 83 1.35 4.33 0.36
CA LEU A 83 2.00 3.06 0.68
C LEU A 83 3.09 3.26 1.73
N ASP A 84 3.86 4.32 1.58
CA ASP A 84 4.94 4.62 2.52
C ASP A 84 4.49 4.39 3.95
N ILE A 85 3.29 4.86 4.29
CA ILE A 85 2.74 4.70 5.63
C ILE A 85 2.73 3.23 6.03
N TRP A 86 2.40 2.36 5.09
CA TRP A 86 2.35 0.93 5.36
C TRP A 86 3.75 0.35 5.49
N LYS A 87 4.48 0.33 4.38
CA LYS A 87 5.85 -0.21 4.37
C LYS A 87 6.63 0.31 5.57
N SER A 88 6.49 1.59 5.87
CA SER A 88 7.19 2.21 6.99
C SER A 88 6.83 1.51 8.30
N ALA A 89 5.53 1.29 8.51
CA ALA A 89 5.06 0.63 9.72
C ALA A 89 5.41 -0.85 9.71
N ALA A 90 5.54 -1.42 8.52
CA ALA A 90 5.87 -2.84 8.38
C ALA A 90 7.37 -3.05 8.52
N SER A 91 8.15 -1.98 8.41
CA SER A 91 9.59 -2.05 8.52
C SER A 91 10.03 -1.89 9.97
N GLY A 92 9.28 -2.49 10.89
CA GLY A 92 9.60 -2.41 12.30
C GLY A 92 9.73 -0.97 12.77
N PRO A 93 10.44 -0.78 13.90
CA PRO A 93 10.65 0.55 14.48
C PRO A 93 11.58 1.41 13.63
N SER A 94 11.49 2.73 13.81
CA SER A 94 12.32 3.66 13.06
C SER A 94 13.38 4.30 13.95
N SER A 95 14.01 3.48 14.78
CA SER A 95 15.05 3.95 15.70
C SER A 95 16.19 4.60 14.93
N GLY A 96 16.50 5.84 15.29
CA GLY A 96 17.57 6.57 14.62
C GLY A 96 18.91 6.40 15.31
N GLY A 1 -6.14 3.87 24.27
CA GLY A 1 -4.83 4.46 24.05
C GLY A 1 -3.73 3.42 24.04
N SER A 2 -2.74 3.61 24.91
CA SER A 2 -1.61 2.70 25.01
C SER A 2 -0.93 2.53 23.65
N SER A 3 -0.77 3.65 22.94
CA SER A 3 -0.14 3.63 21.62
C SER A 3 1.13 4.48 21.62
N GLY A 4 0.99 5.74 22.01
CA GLY A 4 2.13 6.64 22.05
C GLY A 4 2.29 7.44 20.77
N SER A 5 2.17 6.76 19.64
CA SER A 5 2.30 7.41 18.34
C SER A 5 1.22 6.93 17.37
N SER A 6 0.64 7.86 16.63
CA SER A 6 -0.42 7.53 15.67
C SER A 6 0.17 7.34 14.28
N GLY A 7 0.46 6.09 13.93
CA GLY A 7 1.02 5.79 12.62
C GLY A 7 0.27 4.68 11.91
N LEU A 8 0.50 3.45 12.35
CA LEU A 8 -0.16 2.30 11.74
C LEU A 8 -1.53 2.07 12.36
N LYS A 9 -1.84 2.82 13.41
CA LYS A 9 -3.13 2.71 14.09
C LYS A 9 -4.28 2.81 13.10
N ASP A 10 -4.05 3.53 12.01
CA ASP A 10 -5.07 3.71 10.98
C ASP A 10 -4.98 2.62 9.92
N ILE A 11 -3.80 2.02 9.80
CA ILE A 11 -3.57 0.95 8.83
C ILE A 11 -4.43 -0.27 9.15
N GLU A 12 -4.36 -0.71 10.40
CA GLU A 12 -5.14 -1.88 10.83
C GLU A 12 -6.61 -1.73 10.45
N THR A 13 -7.14 -0.52 10.63
CA THR A 13 -8.54 -0.24 10.31
C THR A 13 -8.79 -0.39 8.81
N ALA A 14 -7.72 -0.30 8.02
CA ALA A 14 -7.82 -0.41 6.58
C ALA A 14 -7.64 -1.87 6.12
N CYS A 15 -7.16 -2.71 7.04
CA CYS A 15 -6.94 -4.11 6.73
C CYS A 15 -8.12 -4.96 7.18
N LYS A 16 -9.01 -4.36 7.95
CA LYS A 16 -10.19 -5.05 8.45
C LYS A 16 -11.24 -5.21 7.36
N LEU A 17 -11.48 -4.13 6.62
CA LEU A 17 -12.46 -4.15 5.54
C LEU A 17 -11.92 -4.89 4.32
N LEU A 18 -10.62 -4.78 4.10
CA LEU A 18 -9.97 -5.43 2.97
C LEU A 18 -9.54 -6.85 3.33
N ASN A 19 -9.48 -7.13 4.63
CA ASN A 19 -9.09 -8.45 5.11
C ASN A 19 -7.70 -8.82 4.62
N ILE A 20 -6.75 -7.90 4.81
CA ILE A 20 -5.37 -8.14 4.39
C ILE A 20 -4.41 -7.94 5.56
N THR A 21 -3.11 -8.09 5.28
CA THR A 21 -2.09 -7.94 6.29
C THR A 21 -1.54 -6.52 6.32
N ALA A 22 -1.38 -5.97 7.53
CA ALA A 22 -0.86 -4.62 7.68
C ALA A 22 0.42 -4.42 6.88
N ASP A 23 1.16 -5.50 6.67
CA ASP A 23 2.40 -5.45 5.92
C ASP A 23 2.14 -5.54 4.41
N PRO A 24 2.55 -4.50 3.68
CA PRO A 24 2.37 -4.42 2.23
C PRO A 24 3.25 -5.42 1.48
N MET A 25 4.42 -5.70 2.04
CA MET A 25 5.35 -6.65 1.43
C MET A 25 4.83 -8.07 1.56
N ASP A 26 3.73 -8.24 2.28
CA ASP A 26 3.13 -9.56 2.46
C ASP A 26 1.85 -9.69 1.65
N TRP A 27 1.45 -8.62 1.00
CA TRP A 27 0.24 -8.62 0.18
C TRP A 27 0.29 -9.72 -0.87
N SER A 28 -0.48 -10.79 -0.65
CA SER A 28 -0.52 -11.91 -1.57
C SER A 28 -1.76 -12.77 -1.33
N PRO A 29 -2.17 -13.52 -2.36
CA PRO A 29 -1.49 -13.52 -3.66
C PRO A 29 -1.66 -12.21 -4.41
N SER A 30 -2.91 -11.73 -4.47
CA SER A 30 -3.20 -10.48 -5.16
C SER A 30 -3.80 -9.45 -4.20
N ASN A 31 -3.39 -9.52 -2.94
CA ASN A 31 -3.89 -8.60 -1.93
C ASN A 31 -3.71 -7.15 -2.37
N VAL A 32 -2.65 -6.90 -3.14
CA VAL A 32 -2.36 -5.55 -3.63
C VAL A 32 -3.63 -4.90 -4.17
N GLN A 33 -4.32 -5.58 -5.08
CA GLN A 33 -5.54 -5.06 -5.67
C GLN A 33 -6.42 -4.40 -4.62
N LYS A 34 -6.53 -5.04 -3.46
CA LYS A 34 -7.34 -4.52 -2.36
C LYS A 34 -6.83 -3.14 -1.92
N TRP A 35 -5.55 -3.07 -1.58
CA TRP A 35 -4.95 -1.82 -1.15
C TRP A 35 -5.01 -0.77 -2.25
N LEU A 36 -5.35 -1.22 -3.46
CA LEU A 36 -5.44 -0.31 -4.60
C LEU A 36 -6.85 0.27 -4.72
N LEU A 37 -7.81 -0.59 -5.04
CA LEU A 37 -9.20 -0.17 -5.17
C LEU A 37 -9.66 0.61 -3.94
N TRP A 38 -8.98 0.39 -2.83
CA TRP A 38 -9.32 1.07 -1.58
C TRP A 38 -9.02 2.56 -1.68
N THR A 39 -7.74 2.90 -1.68
CA THR A 39 -7.31 4.30 -1.77
C THR A 39 -7.70 4.90 -3.11
N GLU A 40 -7.75 4.06 -4.13
CA GLU A 40 -8.10 4.52 -5.48
C GLU A 40 -9.46 5.21 -5.48
N HIS A 41 -10.33 4.79 -4.56
CA HIS A 41 -11.66 5.37 -4.45
C HIS A 41 -11.67 6.53 -3.47
N GLN A 42 -10.58 6.70 -2.74
CA GLN A 42 -10.47 7.78 -1.76
C GLN A 42 -9.73 8.97 -2.38
N TYR A 43 -9.08 8.75 -3.50
CA TYR A 43 -8.34 9.81 -4.18
C TYR A 43 -8.81 9.99 -5.62
N ARG A 44 -9.80 9.17 -6.01
CA ARG A 44 -10.34 9.23 -7.36
C ARG A 44 -9.28 8.87 -8.40
N LEU A 45 -8.50 7.84 -8.10
CA LEU A 45 -7.44 7.40 -9.01
C LEU A 45 -7.98 6.39 -10.02
N PRO A 46 -7.30 6.30 -11.18
CA PRO A 46 -7.70 5.37 -12.25
C PRO A 46 -7.46 3.91 -11.87
N PRO A 47 -7.97 3.00 -12.71
CA PRO A 47 -7.82 1.56 -12.48
C PRO A 47 -6.38 1.08 -12.68
N MET A 48 -5.65 0.91 -11.58
CA MET A 48 -4.27 0.47 -11.64
C MET A 48 -4.19 -1.06 -11.52
N GLY A 49 -5.18 -1.65 -10.88
CA GLY A 49 -5.20 -3.09 -10.69
C GLY A 49 -4.70 -3.83 -11.91
N LYS A 50 -5.02 -3.30 -13.09
CA LYS A 50 -4.60 -3.92 -14.34
C LYS A 50 -3.10 -3.75 -14.56
N ALA A 51 -2.58 -2.59 -14.17
CA ALA A 51 -1.15 -2.30 -14.32
C ALA A 51 -0.34 -3.00 -13.23
N PHE A 52 -0.95 -3.17 -12.07
CA PHE A 52 -0.27 -3.83 -10.94
C PHE A 52 -0.76 -5.27 -10.78
N GLN A 53 -1.60 -5.71 -11.71
CA GLN A 53 -2.15 -7.06 -11.66
C GLN A 53 -1.03 -8.09 -11.48
N GLU A 54 0.11 -7.82 -12.11
CA GLU A 54 1.26 -8.73 -12.00
C GLU A 54 2.10 -8.40 -10.78
N LEU A 55 2.03 -7.15 -10.34
CA LEU A 55 2.79 -6.71 -9.17
C LEU A 55 2.25 -7.35 -7.89
N ALA A 56 3.12 -7.51 -6.90
CA ALA A 56 2.73 -8.10 -5.62
C ALA A 56 3.16 -7.23 -4.46
N GLY A 57 2.77 -7.62 -3.25
CA GLY A 57 3.12 -6.86 -2.06
C GLY A 57 4.57 -6.45 -2.06
N LYS A 58 5.47 -7.43 -2.18
CA LYS A 58 6.90 -7.17 -2.19
C LYS A 58 7.27 -6.15 -3.26
N GLU A 59 6.90 -6.45 -4.50
CA GLU A 59 7.19 -5.56 -5.62
C GLU A 59 6.83 -4.12 -5.28
N LEU A 60 5.55 -3.87 -5.08
CA LEU A 60 5.07 -2.53 -4.74
C LEU A 60 6.04 -1.83 -3.79
N CYS A 61 6.27 -2.44 -2.64
CA CYS A 61 7.18 -1.88 -1.64
C CYS A 61 8.61 -1.83 -2.18
N ALA A 62 8.93 -2.76 -3.09
CA ALA A 62 10.26 -2.82 -3.67
C ALA A 62 10.40 -1.84 -4.83
N MET A 63 9.29 -1.20 -5.19
CA MET A 63 9.28 -0.23 -6.29
C MET A 63 9.64 1.17 -5.78
N SER A 64 9.65 2.13 -6.70
CA SER A 64 9.98 3.51 -6.35
C SER A 64 8.92 4.47 -6.89
N GLU A 65 8.72 5.58 -6.19
CA GLU A 65 7.74 6.58 -6.60
C GLU A 65 7.67 6.68 -8.12
N GLU A 66 8.80 6.98 -8.75
CA GLU A 66 8.87 7.10 -10.20
C GLU A 66 8.25 5.88 -10.87
N GLN A 67 8.57 4.70 -10.35
CA GLN A 67 8.06 3.45 -10.91
C GLN A 67 6.54 3.43 -10.85
N PHE A 68 5.97 3.85 -9.73
CA PHE A 68 4.52 3.87 -9.55
C PHE A 68 3.87 4.84 -10.54
N ARG A 69 4.65 5.81 -11.00
CA ARG A 69 4.14 6.80 -11.95
C ARG A 69 4.29 6.31 -13.38
N GLN A 70 5.22 5.37 -13.59
CA GLN A 70 5.46 4.82 -14.91
C GLN A 70 4.27 4.00 -15.39
N ARG A 71 3.53 3.43 -14.44
CA ARG A 71 2.36 2.62 -14.77
C ARG A 71 1.07 3.39 -14.47
N SER A 72 1.17 4.36 -13.56
CA SER A 72 0.01 5.17 -13.19
C SER A 72 0.37 6.65 -13.15
N PRO A 73 0.15 7.34 -14.26
CA PRO A 73 0.44 8.78 -14.39
C PRO A 73 -0.50 9.63 -13.55
N LEU A 74 -1.80 9.39 -13.69
CA LEU A 74 -2.81 10.15 -12.95
C LEU A 74 -2.67 9.91 -11.45
N GLY A 75 -2.03 8.80 -11.09
CA GLY A 75 -1.83 8.48 -9.68
C GLY A 75 -0.37 8.33 -9.33
N GLY A 76 0.17 7.15 -9.55
CA GLY A 76 1.57 6.89 -9.23
C GLY A 76 1.96 7.45 -7.88
N ASP A 77 2.43 8.69 -7.87
CA ASP A 77 2.85 9.34 -6.62
C ASP A 77 1.90 8.98 -5.49
N VAL A 78 0.61 8.98 -5.79
CA VAL A 78 -0.42 8.66 -4.79
C VAL A 78 -0.15 7.31 -4.13
N LEU A 79 -0.06 6.28 -4.96
CA LEU A 79 0.19 4.93 -4.45
C LEU A 79 1.49 4.88 -3.65
N HIS A 80 2.59 5.27 -4.28
CA HIS A 80 3.89 5.27 -3.62
C HIS A 80 3.84 6.06 -2.32
N ALA A 81 2.95 7.05 -2.27
CA ALA A 81 2.79 7.87 -1.08
C ALA A 81 1.99 7.14 -0.01
N HIS A 82 0.71 6.91 -0.28
CA HIS A 82 -0.16 6.24 0.66
C HIS A 82 0.43 4.89 1.07
N LEU A 83 1.42 4.42 0.32
CA LEU A 83 2.07 3.15 0.61
C LEU A 83 3.15 3.32 1.67
N ASP A 84 3.92 4.41 1.56
CA ASP A 84 4.99 4.69 2.51
C ASP A 84 4.52 4.44 3.94
N ILE A 85 3.30 4.87 4.24
CA ILE A 85 2.74 4.70 5.57
C ILE A 85 2.74 3.22 5.98
N TRP A 86 2.43 2.35 5.02
CA TRP A 86 2.40 0.92 5.29
C TRP A 86 3.81 0.35 5.41
N LYS A 87 4.53 0.33 4.29
CA LYS A 87 5.90 -0.19 4.28
C LYS A 87 6.69 0.34 5.46
N SER A 88 6.52 1.62 5.75
CA SER A 88 7.24 2.25 6.87
C SER A 88 6.85 1.60 8.19
N ALA A 89 5.56 1.32 8.35
CA ALA A 89 5.06 0.69 9.57
C ALA A 89 5.38 -0.81 9.58
N ALA A 90 5.71 -1.35 8.41
CA ALA A 90 6.03 -2.77 8.29
C ALA A 90 7.54 -2.99 8.25
N SER A 91 8.28 -1.92 8.01
CA SER A 91 9.74 -1.99 7.94
C SER A 91 10.34 -2.22 9.32
N GLY A 92 9.56 -1.95 10.35
CA GLY A 92 10.03 -2.14 11.71
C GLY A 92 9.19 -1.38 12.72
N PRO A 93 9.78 -1.10 13.89
CA PRO A 93 9.10 -0.38 14.98
C PRO A 93 8.86 1.09 14.63
N SER A 94 7.96 1.73 15.35
CA SER A 94 7.63 3.13 15.13
C SER A 94 7.93 3.96 16.36
N SER A 95 9.09 3.73 16.96
CA SER A 95 9.49 4.45 18.17
C SER A 95 10.31 5.69 17.81
N GLY A 96 9.81 6.85 18.21
CA GLY A 96 10.51 8.10 17.92
C GLY A 96 10.75 8.93 19.17
N GLY A 1 8.05 -0.80 17.34
CA GLY A 1 8.35 0.39 16.55
C GLY A 1 9.44 1.24 17.17
N SER A 2 9.77 2.34 16.51
CA SER A 2 10.81 3.24 17.00
C SER A 2 10.33 4.69 16.97
N SER A 3 9.66 5.07 15.89
CA SER A 3 9.15 6.42 15.74
C SER A 3 7.71 6.41 15.25
N GLY A 4 6.86 7.19 15.91
CA GLY A 4 5.46 7.26 15.53
C GLY A 4 4.69 6.02 15.93
N SER A 5 4.06 6.07 17.10
CA SER A 5 3.29 4.94 17.61
C SER A 5 1.83 5.05 17.17
N SER A 6 1.46 6.20 16.63
CA SER A 6 0.09 6.43 16.17
C SER A 6 0.05 6.64 14.67
N GLY A 7 0.86 5.88 13.94
CA GLY A 7 0.90 5.99 12.50
C GLY A 7 0.17 4.86 11.81
N LEU A 8 0.48 3.63 12.18
CA LEU A 8 -0.15 2.45 11.60
C LEU A 8 -1.56 2.25 12.16
N LYS A 9 -1.84 2.92 13.27
CA LYS A 9 -3.15 2.83 13.91
C LYS A 9 -4.27 2.96 12.88
N ASP A 10 -3.98 3.66 11.78
CA ASP A 10 -4.96 3.87 10.73
C ASP A 10 -4.86 2.77 9.67
N ILE A 11 -3.68 2.17 9.55
CA ILE A 11 -3.45 1.11 8.58
C ILE A 11 -4.35 -0.10 8.87
N GLU A 12 -4.28 -0.59 10.11
CA GLU A 12 -5.09 -1.74 10.52
C GLU A 12 -6.56 -1.53 10.14
N THR A 13 -7.04 -0.31 10.33
CA THR A 13 -8.43 0.02 10.03
C THR A 13 -8.71 -0.11 8.54
N ALA A 14 -7.65 -0.03 7.73
CA ALA A 14 -7.78 -0.14 6.28
C ALA A 14 -7.60 -1.58 5.82
N CYS A 15 -7.10 -2.42 6.73
CA CYS A 15 -6.87 -3.82 6.41
C CYS A 15 -8.04 -4.68 6.89
N LYS A 16 -8.92 -4.08 7.67
CA LYS A 16 -10.08 -4.79 8.20
C LYS A 16 -11.11 -5.05 7.11
N LEU A 17 -11.39 -4.01 6.32
CA LEU A 17 -12.36 -4.14 5.22
C LEU A 17 -11.73 -4.81 4.01
N LEU A 18 -10.40 -4.95 4.04
CA LEU A 18 -9.68 -5.57 2.94
C LEU A 18 -9.35 -7.03 3.27
N ASN A 19 -9.36 -7.36 4.56
CA ASN A 19 -9.06 -8.72 5.00
C ASN A 19 -7.65 -9.11 4.61
N ILE A 20 -6.75 -8.14 4.56
CA ILE A 20 -5.37 -8.39 4.21
C ILE A 20 -4.43 -8.16 5.40
N THR A 21 -3.13 -8.30 5.16
CA THR A 21 -2.14 -8.10 6.21
C THR A 21 -1.65 -6.66 6.24
N ALA A 22 -1.44 -6.13 7.44
CA ALA A 22 -0.98 -4.76 7.60
C ALA A 22 0.31 -4.52 6.81
N ASP A 23 1.08 -5.59 6.61
CA ASP A 23 2.32 -5.50 5.86
C ASP A 23 2.06 -5.53 4.36
N PRO A 24 2.46 -4.44 3.66
CA PRO A 24 2.28 -4.32 2.22
C PRO A 24 3.19 -5.27 1.45
N MET A 25 4.37 -5.54 2.00
CA MET A 25 5.33 -6.43 1.36
C MET A 25 4.87 -7.88 1.45
N ASP A 26 3.77 -8.11 2.17
CA ASP A 26 3.23 -9.45 2.34
C ASP A 26 2.01 -9.65 1.45
N TRP A 27 1.49 -8.56 0.91
CA TRP A 27 0.31 -8.62 0.04
C TRP A 27 0.45 -9.72 -0.99
N SER A 28 -0.33 -10.78 -0.85
CA SER A 28 -0.29 -11.90 -1.78
C SER A 28 -1.48 -12.83 -1.57
N PRO A 29 -1.87 -13.55 -2.63
CA PRO A 29 -1.20 -13.47 -3.93
C PRO A 29 -1.44 -12.13 -4.62
N SER A 30 -2.71 -11.74 -4.72
CA SER A 30 -3.09 -10.49 -5.36
C SER A 30 -3.75 -9.54 -4.36
N ASN A 31 -3.27 -9.56 -3.12
CA ASN A 31 -3.81 -8.71 -2.08
C ASN A 31 -3.63 -7.24 -2.42
N VAL A 32 -2.59 -6.95 -3.19
CA VAL A 32 -2.29 -5.58 -3.59
C VAL A 32 -3.53 -4.90 -4.16
N GLN A 33 -4.19 -5.55 -5.10
CA GLN A 33 -5.40 -5.01 -5.71
C GLN A 33 -6.33 -4.43 -4.66
N LYS A 34 -6.45 -5.11 -3.53
CA LYS A 34 -7.31 -4.66 -2.44
C LYS A 34 -6.87 -3.29 -1.94
N TRP A 35 -5.58 -3.15 -1.64
CA TRP A 35 -5.02 -1.90 -1.16
C TRP A 35 -5.17 -0.80 -2.19
N LEU A 36 -5.30 -1.20 -3.46
CA LEU A 36 -5.44 -0.25 -4.55
C LEU A 36 -6.88 0.28 -4.64
N LEU A 37 -7.82 -0.64 -4.73
CA LEU A 37 -9.23 -0.27 -4.82
C LEU A 37 -9.68 0.46 -3.56
N TRP A 38 -8.89 0.35 -2.50
CA TRP A 38 -9.20 1.00 -1.23
C TRP A 38 -8.90 2.49 -1.30
N THR A 39 -7.63 2.82 -1.49
CA THR A 39 -7.20 4.22 -1.57
C THR A 39 -7.62 4.84 -2.90
N GLU A 40 -7.72 4.01 -3.93
CA GLU A 40 -8.11 4.48 -5.25
C GLU A 40 -9.49 5.14 -5.21
N HIS A 41 -10.34 4.67 -4.30
CA HIS A 41 -11.68 5.22 -4.17
C HIS A 41 -11.68 6.42 -3.23
N GLN A 42 -10.57 6.61 -2.51
CA GLN A 42 -10.45 7.73 -1.57
C GLN A 42 -9.70 8.88 -2.21
N TYR A 43 -9.05 8.62 -3.34
CA TYR A 43 -8.30 9.64 -4.05
C TYR A 43 -8.80 9.80 -5.48
N ARG A 44 -9.78 8.98 -5.84
CA ARG A 44 -10.36 9.04 -7.19
C ARG A 44 -9.31 8.68 -8.25
N LEU A 45 -8.49 7.68 -7.94
CA LEU A 45 -7.45 7.24 -8.85
C LEU A 45 -7.98 6.22 -9.85
N PRO A 46 -7.34 6.12 -11.02
CA PRO A 46 -7.74 5.17 -12.07
C PRO A 46 -7.47 3.72 -11.69
N PRO A 47 -7.98 2.80 -12.50
CA PRO A 47 -7.81 1.36 -12.26
C PRO A 47 -6.37 0.90 -12.49
N MET A 48 -5.61 0.78 -11.40
CA MET A 48 -4.22 0.35 -11.49
C MET A 48 -4.11 -1.17 -11.40
N GLY A 49 -5.10 -1.79 -10.76
CA GLY A 49 -5.10 -3.23 -10.62
C GLY A 49 -4.59 -3.94 -11.86
N LYS A 50 -4.95 -3.41 -13.02
CA LYS A 50 -4.53 -4.00 -14.29
C LYS A 50 -3.04 -3.80 -14.51
N ALA A 51 -2.53 -2.62 -14.16
CA ALA A 51 -1.12 -2.31 -14.31
C ALA A 51 -0.30 -2.94 -13.20
N PHE A 52 -0.96 -3.24 -12.08
CA PHE A 52 -0.28 -3.83 -10.93
C PHE A 52 -0.69 -5.29 -10.76
N GLN A 53 -1.51 -5.78 -11.69
CA GLN A 53 -1.98 -7.17 -11.64
C GLN A 53 -0.81 -8.14 -11.47
N GLU A 54 0.30 -7.83 -12.14
CA GLU A 54 1.49 -8.68 -12.08
C GLU A 54 2.35 -8.31 -10.88
N LEU A 55 2.04 -7.16 -10.27
CA LEU A 55 2.79 -6.69 -9.11
C LEU A 55 2.28 -7.33 -7.83
N ALA A 56 3.16 -7.47 -6.85
CA ALA A 56 2.80 -8.06 -5.56
C ALA A 56 3.24 -7.18 -4.41
N GLY A 57 2.78 -7.53 -3.20
CA GLY A 57 3.15 -6.76 -2.02
C GLY A 57 4.61 -6.36 -2.02
N LYS A 58 5.49 -7.34 -2.10
CA LYS A 58 6.93 -7.09 -2.11
C LYS A 58 7.30 -6.08 -3.20
N GLU A 59 6.98 -6.42 -4.45
CA GLU A 59 7.27 -5.55 -5.57
C GLU A 59 6.91 -4.10 -5.26
N LEU A 60 5.62 -3.85 -5.08
CA LEU A 60 5.14 -2.51 -4.77
C LEU A 60 6.09 -1.78 -3.83
N CYS A 61 6.32 -2.37 -2.66
CA CYS A 61 7.22 -1.78 -1.68
C CYS A 61 8.64 -1.73 -2.21
N ALA A 62 8.98 -2.65 -3.10
CA ALA A 62 10.31 -2.71 -3.69
C ALA A 62 10.44 -1.73 -4.86
N MET A 63 9.31 -1.16 -5.27
CA MET A 63 9.30 -0.21 -6.38
C MET A 63 9.67 1.19 -5.90
N SER A 64 9.60 2.15 -6.80
CA SER A 64 9.94 3.53 -6.47
C SER A 64 8.86 4.49 -6.97
N GLU A 65 8.64 5.58 -6.23
CA GLU A 65 7.65 6.57 -6.60
C GLU A 65 7.54 6.71 -8.12
N GLU A 66 8.66 7.06 -8.75
CA GLU A 66 8.69 7.22 -10.20
C GLU A 66 8.13 5.99 -10.90
N GLN A 67 8.47 4.82 -10.39
CA GLN A 67 7.99 3.56 -10.97
C GLN A 67 6.46 3.50 -10.95
N PHE A 68 5.88 3.87 -9.82
CA PHE A 68 4.43 3.85 -9.67
C PHE A 68 3.77 4.79 -10.67
N ARG A 69 4.51 5.81 -11.08
CA ARG A 69 3.99 6.79 -12.05
C ARG A 69 4.18 6.30 -13.47
N GLN A 70 5.14 5.40 -13.66
CA GLN A 70 5.43 4.86 -14.99
C GLN A 70 4.25 4.03 -15.49
N ARG A 71 3.48 3.47 -14.56
CA ARG A 71 2.32 2.65 -14.93
C ARG A 71 1.03 3.41 -14.70
N SER A 72 1.02 4.28 -13.68
CA SER A 72 -0.16 5.08 -13.36
C SER A 72 0.20 6.56 -13.25
N PRO A 73 -0.04 7.30 -14.33
CA PRO A 73 0.25 8.74 -14.40
C PRO A 73 -0.69 9.55 -13.52
N LEU A 74 -1.99 9.30 -13.65
CA LEU A 74 -2.99 10.00 -12.88
C LEU A 74 -2.81 9.76 -11.39
N GLY A 75 -2.14 8.66 -11.05
CA GLY A 75 -1.91 8.33 -9.66
C GLY A 75 -0.42 8.16 -9.36
N GLY A 76 0.09 6.96 -9.55
CA GLY A 76 1.49 6.68 -9.29
C GLY A 76 1.94 7.20 -7.93
N ASP A 77 2.35 8.46 -7.89
CA ASP A 77 2.80 9.07 -6.64
C ASP A 77 1.87 8.70 -5.49
N VAL A 78 0.57 8.72 -5.75
CA VAL A 78 -0.42 8.39 -4.73
C VAL A 78 -0.07 7.07 -4.04
N LEU A 79 0.05 6.02 -4.83
CA LEU A 79 0.38 4.69 -4.31
C LEU A 79 1.65 4.74 -3.47
N HIS A 80 2.75 5.15 -4.10
CA HIS A 80 4.03 5.24 -3.41
C HIS A 80 3.91 6.07 -2.14
N ALA A 81 2.92 6.96 -2.12
CA ALA A 81 2.70 7.83 -0.95
C ALA A 81 1.91 7.09 0.12
N HIS A 82 0.65 6.79 -0.17
CA HIS A 82 -0.20 6.09 0.78
C HIS A 82 0.42 4.76 1.20
N LEU A 83 1.39 4.30 0.42
CA LEU A 83 2.07 3.04 0.71
C LEU A 83 3.16 3.24 1.76
N ASP A 84 3.97 4.27 1.58
CA ASP A 84 5.05 4.57 2.52
C ASP A 84 4.60 4.34 3.96
N ILE A 85 3.40 4.82 4.28
CA ILE A 85 2.85 4.66 5.62
C ILE A 85 2.79 3.19 6.03
N TRP A 86 2.37 2.34 5.09
CA TRP A 86 2.27 0.91 5.36
C TRP A 86 3.66 0.28 5.48
N LYS A 87 4.39 0.27 4.38
CA LYS A 87 5.73 -0.30 4.36
C LYS A 87 6.54 0.17 5.57
N SER A 88 6.43 1.45 5.88
CA SER A 88 7.15 2.02 7.01
C SER A 88 6.72 1.37 8.32
N ALA A 89 5.41 1.17 8.47
CA ALA A 89 4.88 0.55 9.68
C ALA A 89 5.16 -0.95 9.70
N ALA A 90 5.34 -1.52 8.51
CA ALA A 90 5.62 -2.95 8.40
C ALA A 90 7.10 -3.24 8.62
N SER A 91 7.92 -2.20 8.53
CA SER A 91 9.36 -2.34 8.72
C SER A 91 9.73 -2.29 10.20
N GLY A 92 8.83 -2.82 11.04
CA GLY A 92 9.08 -2.82 12.47
C GLY A 92 9.56 -4.16 12.98
N PRO A 93 9.35 -4.42 14.28
CA PRO A 93 9.76 -5.67 14.90
C PRO A 93 8.91 -6.86 14.44
N SER A 94 9.34 -8.06 14.81
CA SER A 94 8.62 -9.28 14.43
C SER A 94 8.31 -10.13 15.66
N SER A 95 7.14 -9.87 16.26
CA SER A 95 6.72 -10.61 17.44
C SER A 95 6.55 -12.10 17.12
N GLY A 96 7.27 -12.94 17.85
CA GLY A 96 7.19 -14.38 17.63
C GLY A 96 8.45 -15.10 18.05
N GLY A 1 3.62 -10.38 20.17
CA GLY A 1 4.96 -10.63 20.67
C GLY A 1 5.79 -9.36 20.75
N SER A 2 5.95 -8.67 19.62
CA SER A 2 6.73 -7.45 19.57
C SER A 2 5.82 -6.23 19.61
N SER A 3 5.86 -5.50 20.73
CA SER A 3 5.04 -4.30 20.89
C SER A 3 5.10 -3.41 19.65
N GLY A 4 3.94 -3.01 19.16
CA GLY A 4 3.89 -2.16 17.98
C GLY A 4 4.23 -0.73 18.29
N SER A 5 3.73 0.19 17.46
CA SER A 5 4.00 1.62 17.65
C SER A 5 2.83 2.45 17.12
N SER A 6 2.89 3.76 17.38
CA SER A 6 1.84 4.67 16.92
C SER A 6 1.98 4.95 15.43
N GLY A 7 0.83 5.09 14.76
CA GLY A 7 0.84 5.37 13.34
C GLY A 7 0.05 4.33 12.55
N LEU A 8 0.48 3.08 12.62
CA LEU A 8 -0.20 2.00 11.90
C LEU A 8 -1.60 1.78 12.46
N LYS A 9 -1.86 2.34 13.63
CA LYS A 9 -3.17 2.20 14.27
C LYS A 9 -4.29 2.44 13.26
N ASP A 10 -3.99 3.22 12.23
CA ASP A 10 -4.98 3.52 11.20
C ASP A 10 -4.89 2.52 10.05
N ILE A 11 -3.70 1.96 9.86
CA ILE A 11 -3.47 0.99 8.79
C ILE A 11 -4.34 -0.25 9.00
N GLU A 12 -4.28 -0.82 10.19
CA GLU A 12 -5.05 -2.01 10.52
C GLU A 12 -6.53 -1.80 10.21
N THR A 13 -7.03 -0.60 10.50
CA THR A 13 -8.43 -0.27 10.26
C THR A 13 -8.76 -0.37 8.77
N ALA A 14 -7.73 -0.25 7.93
CA ALA A 14 -7.93 -0.33 6.49
C ALA A 14 -7.75 -1.76 5.98
N CYS A 15 -7.20 -2.61 6.85
CA CYS A 15 -6.97 -4.02 6.49
C CYS A 15 -8.11 -4.90 7.00
N LYS A 16 -8.97 -4.32 7.83
CA LYS A 16 -10.10 -5.06 8.38
C LYS A 16 -11.19 -5.27 7.33
N LEU A 17 -11.50 -4.20 6.61
CA LEU A 17 -12.53 -4.27 5.57
C LEU A 17 -11.94 -4.82 4.26
N LEU A 18 -10.64 -5.04 4.26
CA LEU A 18 -9.96 -5.58 3.08
C LEU A 18 -9.54 -7.03 3.29
N ASN A 19 -9.44 -7.43 4.57
CA ASN A 19 -9.05 -8.78 4.91
C ASN A 19 -7.62 -9.07 4.47
N ILE A 20 -6.76 -8.07 4.58
CA ILE A 20 -5.36 -8.22 4.20
C ILE A 20 -4.43 -8.00 5.39
N THR A 21 -3.14 -8.19 5.16
CA THR A 21 -2.15 -8.02 6.21
C THR A 21 -1.63 -6.59 6.25
N ALA A 22 -1.49 -6.04 7.47
CA ALA A 22 -1.00 -4.68 7.65
C ALA A 22 0.27 -4.45 6.84
N ASP A 23 1.07 -5.50 6.68
CA ASP A 23 2.32 -5.40 5.93
C ASP A 23 2.07 -5.47 4.44
N PRO A 24 2.47 -4.42 3.72
CA PRO A 24 2.30 -4.34 2.27
C PRO A 24 3.19 -5.32 1.52
N MET A 25 4.37 -5.58 2.06
CA MET A 25 5.31 -6.51 1.44
C MET A 25 4.82 -7.94 1.57
N ASP A 26 3.72 -8.13 2.30
CA ASP A 26 3.14 -9.46 2.49
C ASP A 26 1.87 -9.62 1.67
N TRP A 27 1.44 -8.54 1.02
CA TRP A 27 0.24 -8.58 0.21
C TRP A 27 0.31 -9.70 -0.82
N SER A 28 -0.50 -10.74 -0.62
CA SER A 28 -0.52 -11.87 -1.53
C SER A 28 -1.75 -12.75 -1.27
N PRO A 29 -2.14 -13.53 -2.28
CA PRO A 29 -1.44 -13.57 -3.57
C PRO A 29 -1.63 -12.29 -4.37
N SER A 30 -2.87 -11.81 -4.41
CA SER A 30 -3.20 -10.59 -5.14
C SER A 30 -3.87 -9.56 -4.23
N ASN A 31 -3.40 -9.47 -2.99
CA ASN A 31 -3.94 -8.55 -2.02
C ASN A 31 -3.74 -7.11 -2.47
N VAL A 32 -2.66 -6.86 -3.21
CA VAL A 32 -2.35 -5.54 -3.70
C VAL A 32 -3.59 -4.88 -4.33
N GLN A 33 -4.29 -5.63 -5.15
CA GLN A 33 -5.49 -5.12 -5.81
C GLN A 33 -6.44 -4.47 -4.80
N LYS A 34 -6.47 -5.03 -3.60
CA LYS A 34 -7.32 -4.49 -2.54
C LYS A 34 -6.83 -3.13 -2.06
N TRP A 35 -5.57 -3.09 -1.62
CA TRP A 35 -4.97 -1.85 -1.14
C TRP A 35 -5.07 -0.75 -2.20
N LEU A 36 -5.20 -1.16 -3.45
CA LEU A 36 -5.31 -0.22 -4.56
C LEU A 36 -6.69 0.41 -4.61
N LEU A 37 -7.69 -0.38 -5.03
CA LEU A 37 -9.06 0.10 -5.12
C LEU A 37 -9.46 0.85 -3.87
N TRP A 38 -8.85 0.48 -2.74
CA TRP A 38 -9.15 1.13 -1.46
C TRP A 38 -8.94 2.64 -1.55
N THR A 39 -7.68 3.05 -1.60
CA THR A 39 -7.35 4.48 -1.69
C THR A 39 -7.74 5.04 -3.06
N GLU A 40 -7.65 4.21 -4.09
CA GLU A 40 -7.99 4.64 -5.44
C GLU A 40 -9.36 5.29 -5.47
N HIS A 41 -10.27 4.81 -4.62
CA HIS A 41 -11.62 5.36 -4.55
C HIS A 41 -11.67 6.58 -3.64
N GLN A 42 -10.63 6.74 -2.82
CA GLN A 42 -10.56 7.87 -1.90
C GLN A 42 -9.79 9.02 -2.50
N TYR A 43 -9.12 8.77 -3.63
CA TYR A 43 -8.35 9.78 -4.31
C TYR A 43 -8.81 9.96 -5.76
N ARG A 44 -9.77 9.13 -6.17
CA ARG A 44 -10.31 9.19 -7.52
C ARG A 44 -9.22 8.86 -8.54
N LEU A 45 -8.47 7.79 -8.28
CA LEU A 45 -7.40 7.37 -9.18
C LEU A 45 -7.90 6.30 -10.14
N PRO A 46 -7.19 6.16 -11.28
CA PRO A 46 -7.53 5.17 -12.31
C PRO A 46 -7.28 3.74 -11.85
N PRO A 47 -7.86 2.78 -12.57
CA PRO A 47 -7.71 1.34 -12.26
C PRO A 47 -6.30 0.84 -12.54
N MET A 48 -5.48 0.79 -11.50
CA MET A 48 -4.10 0.31 -11.64
C MET A 48 -4.02 -1.20 -11.47
N GLY A 49 -4.98 -1.76 -10.74
CA GLY A 49 -5.00 -3.19 -10.51
C GLY A 49 -4.55 -3.98 -11.72
N LYS A 50 -5.02 -3.56 -12.90
CA LYS A 50 -4.66 -4.24 -14.14
C LYS A 50 -3.17 -4.10 -14.43
N ALA A 51 -2.62 -2.92 -14.13
CA ALA A 51 -1.21 -2.67 -14.35
C ALA A 51 -0.36 -3.25 -13.22
N PHE A 52 -0.99 -3.53 -12.10
CA PHE A 52 -0.30 -4.10 -10.94
C PHE A 52 -0.65 -5.58 -10.77
N GLN A 53 -1.40 -6.11 -11.72
CA GLN A 53 -1.81 -7.52 -11.67
C GLN A 53 -0.61 -8.43 -11.44
N GLU A 54 0.49 -8.13 -12.13
CA GLU A 54 1.70 -8.92 -12.00
C GLU A 54 2.51 -8.50 -10.78
N LEU A 55 2.19 -7.32 -10.25
CA LEU A 55 2.89 -6.80 -9.08
C LEU A 55 2.34 -7.43 -7.80
N ALA A 56 3.20 -7.54 -6.79
CA ALA A 56 2.81 -8.13 -5.51
C ALA A 56 3.25 -7.25 -4.35
N GLY A 57 2.75 -7.55 -3.16
CA GLY A 57 3.11 -6.78 -1.99
C GLY A 57 4.58 -6.39 -1.97
N LYS A 58 5.45 -7.39 -2.10
CA LYS A 58 6.89 -7.13 -2.11
C LYS A 58 7.26 -6.12 -3.18
N GLU A 59 6.93 -6.43 -4.43
CA GLU A 59 7.23 -5.54 -5.55
C GLU A 59 6.87 -4.10 -5.21
N LEU A 60 5.58 -3.86 -4.98
CA LEU A 60 5.11 -2.52 -4.64
C LEU A 60 6.10 -1.80 -3.74
N CYS A 61 6.39 -2.40 -2.59
CA CYS A 61 7.32 -1.81 -1.63
C CYS A 61 8.74 -1.77 -2.22
N ALA A 62 9.02 -2.71 -3.12
CA ALA A 62 10.34 -2.78 -3.75
C ALA A 62 10.46 -1.79 -4.90
N MET A 63 9.32 -1.22 -5.30
CA MET A 63 9.30 -0.26 -6.39
C MET A 63 9.66 1.13 -5.90
N SER A 64 9.60 2.11 -6.80
CA SER A 64 9.92 3.49 -6.46
C SER A 64 8.84 4.45 -6.98
N GLU A 65 8.67 5.56 -6.28
CA GLU A 65 7.67 6.55 -6.66
C GLU A 65 7.55 6.63 -8.18
N GLU A 66 8.65 6.94 -8.85
CA GLU A 66 8.66 7.04 -10.30
C GLU A 66 8.05 5.80 -10.95
N GLN A 67 8.41 4.64 -10.41
CA GLN A 67 7.91 3.37 -10.94
C GLN A 67 6.39 3.34 -10.91
N PHE A 68 5.81 3.74 -9.79
CA PHE A 68 4.36 3.76 -9.63
C PHE A 68 3.72 4.72 -10.63
N ARG A 69 4.49 5.71 -11.07
CA ARG A 69 4.00 6.69 -12.02
C ARG A 69 4.18 6.21 -13.45
N GLN A 70 5.10 5.26 -13.63
CA GLN A 70 5.37 4.71 -14.96
C GLN A 70 4.18 3.90 -15.47
N ARG A 71 3.41 3.34 -14.54
CA ARG A 71 2.24 2.55 -14.90
C ARG A 71 0.95 3.33 -14.66
N SER A 72 0.99 4.25 -13.70
CA SER A 72 -0.17 5.07 -13.37
C SER A 72 0.21 6.54 -13.26
N PRO A 73 0.02 7.28 -14.36
CA PRO A 73 0.33 8.71 -14.41
C PRO A 73 -0.61 9.55 -13.56
N LEU A 74 -1.91 9.29 -13.69
CA LEU A 74 -2.92 10.01 -12.92
C LEU A 74 -2.76 9.77 -11.43
N GLY A 75 -2.13 8.64 -11.08
CA GLY A 75 -1.92 8.31 -9.69
C GLY A 75 -0.45 8.13 -9.35
N GLY A 76 0.05 6.92 -9.56
CA GLY A 76 1.45 6.65 -9.26
C GLY A 76 1.87 7.19 -7.92
N ASP A 77 2.34 8.43 -7.90
CA ASP A 77 2.79 9.07 -6.67
C ASP A 77 1.86 8.73 -5.51
N VAL A 78 0.55 8.74 -5.78
CA VAL A 78 -0.45 8.42 -4.77
C VAL A 78 -0.12 7.10 -4.06
N LEU A 79 0.03 6.04 -4.85
CA LEU A 79 0.34 4.73 -4.30
C LEU A 79 1.64 4.77 -3.50
N HIS A 80 2.71 5.20 -4.14
CA HIS A 80 4.02 5.29 -3.49
C HIS A 80 3.93 6.13 -2.22
N ALA A 81 2.97 7.05 -2.18
CA ALA A 81 2.78 7.92 -1.03
C ALA A 81 1.99 7.21 0.06
N HIS A 82 0.71 6.95 -0.22
CA HIS A 82 -0.16 6.27 0.73
C HIS A 82 0.42 4.92 1.13
N LEU A 83 1.41 4.46 0.38
CA LEU A 83 2.04 3.18 0.66
C LEU A 83 3.16 3.33 1.69
N ASP A 84 3.91 4.42 1.59
CA ASP A 84 5.00 4.68 2.51
C ASP A 84 4.56 4.46 3.95
N ILE A 85 3.36 4.93 4.28
CA ILE A 85 2.82 4.77 5.63
C ILE A 85 2.78 3.31 6.04
N TRP A 86 2.46 2.44 5.09
CA TRP A 86 2.39 1.01 5.34
C TRP A 86 3.79 0.40 5.47
N LYS A 87 4.52 0.40 4.37
CA LYS A 87 5.87 -0.15 4.35
C LYS A 87 6.69 0.38 5.53
N SER A 88 6.53 1.67 5.82
CA SER A 88 7.25 2.29 6.92
C SER A 88 6.88 1.64 8.25
N ALA A 89 5.59 1.44 8.47
CA ALA A 89 5.10 0.83 9.70
C ALA A 89 5.38 -0.68 9.71
N ALA A 90 5.49 -1.26 8.52
CA ALA A 90 5.75 -2.69 8.40
C ALA A 90 7.25 -2.98 8.50
N SER A 91 8.06 -1.94 8.33
CA SER A 91 9.51 -2.08 8.41
C SER A 91 9.99 -2.04 9.86
N GLY A 92 9.19 -2.60 10.75
CA GLY A 92 9.56 -2.61 12.16
C GLY A 92 9.59 -1.23 12.76
N PRO A 93 10.42 -1.04 13.80
CA PRO A 93 10.57 0.24 14.49
C PRO A 93 11.28 1.27 13.63
N SER A 94 11.67 0.87 12.43
CA SER A 94 12.37 1.77 11.50
C SER A 94 13.66 2.30 12.14
N SER A 95 14.46 1.39 12.68
CA SER A 95 15.72 1.77 13.31
C SER A 95 16.67 2.40 12.30
N GLY A 96 17.71 3.04 12.81
CA GLY A 96 18.69 3.69 11.95
C GLY A 96 19.00 5.11 12.37
N GLY A 1 4.56 -4.00 18.96
CA GLY A 1 4.77 -5.20 19.73
C GLY A 1 5.02 -4.91 21.20
N SER A 2 6.11 -5.46 21.74
CA SER A 2 6.45 -5.27 23.13
C SER A 2 6.08 -3.86 23.59
N SER A 3 6.64 -2.85 22.93
CA SER A 3 6.36 -1.47 23.27
C SER A 3 5.17 -0.93 22.47
N GLY A 4 5.33 -0.90 21.15
CA GLY A 4 4.26 -0.42 20.29
C GLY A 4 4.31 1.09 20.09
N SER A 5 3.60 1.57 19.08
CA SER A 5 3.57 3.00 18.77
C SER A 5 2.20 3.43 18.27
N SER A 6 2.05 4.72 18.00
CA SER A 6 0.79 5.26 17.51
C SER A 6 0.90 5.70 16.06
N GLY A 7 0.82 4.74 15.15
CA GLY A 7 0.92 5.06 13.73
C GLY A 7 0.12 4.10 12.86
N LEU A 8 0.60 2.86 12.76
CA LEU A 8 -0.07 1.85 11.96
C LEU A 8 -1.50 1.63 12.45
N LYS A 9 -1.82 2.20 13.61
CA LYS A 9 -3.15 2.06 14.18
C LYS A 9 -4.23 2.38 13.14
N ASP A 10 -3.86 3.21 12.17
CA ASP A 10 -4.79 3.60 11.11
C ASP A 10 -4.73 2.62 9.94
N ILE A 11 -3.57 2.01 9.75
CA ILE A 11 -3.38 1.04 8.67
C ILE A 11 -4.32 -0.14 8.82
N GLU A 12 -4.34 -0.72 10.01
CA GLU A 12 -5.20 -1.87 10.28
C GLU A 12 -6.66 -1.54 9.98
N THR A 13 -7.06 -0.30 10.24
CA THR A 13 -8.42 0.14 10.00
C THR A 13 -8.80 -0.05 8.54
N ALA A 14 -7.82 0.04 7.65
CA ALA A 14 -8.04 -0.11 6.22
C ALA A 14 -7.84 -1.56 5.79
N CYS A 15 -7.27 -2.36 6.68
CA CYS A 15 -7.03 -3.77 6.39
C CYS A 15 -8.16 -4.64 6.93
N LYS A 16 -9.03 -4.04 7.74
CA LYS A 16 -10.17 -4.77 8.31
C LYS A 16 -11.19 -5.12 7.23
N LEU A 17 -11.60 -4.13 6.46
CA LEU A 17 -12.58 -4.34 5.40
C LEU A 17 -11.92 -4.95 4.18
N LEU A 18 -10.59 -5.02 4.19
CA LEU A 18 -9.84 -5.58 3.07
C LEU A 18 -9.42 -7.02 3.38
N ASN A 19 -9.45 -7.39 4.65
CA ASN A 19 -9.09 -8.74 5.07
C ASN A 19 -7.68 -9.09 4.58
N ILE A 20 -6.77 -8.13 4.70
CA ILE A 20 -5.39 -8.34 4.28
C ILE A 20 -4.42 -8.12 5.45
N THR A 21 -3.13 -8.26 5.16
CA THR A 21 -2.10 -8.08 6.19
C THR A 21 -1.59 -6.64 6.21
N ALA A 22 -1.53 -6.06 7.40
CA ALA A 22 -1.06 -4.69 7.55
C ALA A 22 0.24 -4.46 6.77
N ASP A 23 1.02 -5.52 6.62
CA ASP A 23 2.29 -5.45 5.91
C ASP A 23 2.06 -5.47 4.39
N PRO A 24 2.48 -4.40 3.72
CA PRO A 24 2.32 -4.27 2.26
C PRO A 24 3.23 -5.23 1.49
N MET A 25 4.40 -5.52 2.08
CA MET A 25 5.35 -6.43 1.45
C MET A 25 4.87 -7.87 1.55
N ASP A 26 3.77 -8.08 2.25
CA ASP A 26 3.20 -9.41 2.41
C ASP A 26 1.95 -9.58 1.56
N TRP A 27 1.48 -8.48 0.98
CA TRP A 27 0.29 -8.51 0.14
C TRP A 27 0.39 -9.62 -0.90
N SER A 28 -0.35 -10.70 -0.67
CA SER A 28 -0.35 -11.84 -1.59
C SER A 28 -1.53 -12.76 -1.32
N PRO A 29 -1.90 -13.55 -2.34
CA PRO A 29 -1.23 -13.54 -3.63
C PRO A 29 -1.49 -12.26 -4.42
N SER A 30 -2.72 -11.78 -4.38
CA SER A 30 -3.10 -10.57 -5.09
C SER A 30 -3.78 -9.58 -4.14
N ASN A 31 -3.30 -9.53 -2.91
CA ASN A 31 -3.86 -8.63 -1.90
C ASN A 31 -3.68 -7.17 -2.32
N VAL A 32 -2.62 -6.90 -3.09
CA VAL A 32 -2.34 -5.55 -3.55
C VAL A 32 -3.59 -4.89 -4.13
N GLN A 33 -4.30 -5.64 -4.97
CA GLN A 33 -5.52 -5.12 -5.59
C GLN A 33 -6.43 -4.49 -4.54
N LYS A 34 -6.51 -5.11 -3.37
CA LYS A 34 -7.35 -4.61 -2.29
C LYS A 34 -6.86 -3.24 -1.82
N TRP A 35 -5.57 -3.14 -1.55
CA TRP A 35 -4.97 -1.89 -1.09
C TRP A 35 -5.09 -0.81 -2.17
N LEU A 36 -5.32 -1.25 -3.40
CA LEU A 36 -5.45 -0.31 -4.52
C LEU A 36 -6.86 0.26 -4.60
N LEU A 37 -7.81 -0.59 -4.94
CA LEU A 37 -9.21 -0.17 -5.05
C LEU A 37 -9.65 0.59 -3.81
N TRP A 38 -8.91 0.41 -2.72
CA TRP A 38 -9.21 1.09 -1.47
C TRP A 38 -9.00 2.59 -1.59
N THR A 39 -7.73 3.00 -1.64
CA THR A 39 -7.39 4.42 -1.76
C THR A 39 -7.78 4.96 -3.12
N GLU A 40 -7.70 4.11 -4.15
CA GLU A 40 -8.05 4.51 -5.49
C GLU A 40 -9.43 5.16 -5.54
N HIS A 41 -10.29 4.77 -4.60
CA HIS A 41 -11.64 5.31 -4.53
C HIS A 41 -11.69 6.52 -3.60
N GLN A 42 -10.65 6.68 -2.79
CA GLN A 42 -10.58 7.80 -1.85
C GLN A 42 -9.84 8.99 -2.48
N TYR A 43 -9.14 8.73 -3.57
CA TYR A 43 -8.39 9.77 -4.26
C TYR A 43 -8.86 9.93 -5.70
N ARG A 44 -9.87 9.14 -6.08
CA ARG A 44 -10.41 9.20 -7.43
C ARG A 44 -9.34 8.86 -8.46
N LEU A 45 -8.62 7.76 -8.23
CA LEU A 45 -7.56 7.33 -9.13
C LEU A 45 -8.08 6.30 -10.12
N PRO A 46 -7.40 6.18 -11.28
CA PRO A 46 -7.77 5.24 -12.33
C PRO A 46 -7.51 3.79 -11.92
N PRO A 47 -8.01 2.84 -12.73
CA PRO A 47 -7.84 1.41 -12.48
C PRO A 47 -6.39 0.95 -12.67
N MET A 48 -5.66 0.86 -11.56
CA MET A 48 -4.27 0.44 -11.59
C MET A 48 -4.15 -1.07 -11.43
N GLY A 49 -5.14 -1.66 -10.76
CA GLY A 49 -5.13 -3.10 -10.53
C GLY A 49 -4.69 -3.87 -11.76
N LYS A 50 -5.16 -3.44 -12.93
CA LYS A 50 -4.81 -4.10 -14.19
C LYS A 50 -3.33 -3.92 -14.50
N ALA A 51 -2.78 -2.78 -14.11
CA ALA A 51 -1.38 -2.49 -14.34
C ALA A 51 -0.50 -3.03 -13.21
N PHE A 52 -1.14 -3.40 -12.11
CA PHE A 52 -0.42 -3.93 -10.95
C PHE A 52 -0.74 -5.41 -10.76
N GLN A 53 -1.52 -5.97 -11.67
CA GLN A 53 -1.91 -7.38 -11.59
C GLN A 53 -0.68 -8.26 -11.42
N GLU A 54 0.40 -7.93 -12.12
CA GLU A 54 1.63 -8.70 -12.04
C GLU A 54 2.44 -8.29 -10.81
N LEU A 55 2.14 -7.12 -10.27
CA LEU A 55 2.85 -6.61 -9.09
C LEU A 55 2.32 -7.27 -7.82
N ALA A 56 3.20 -7.39 -6.83
CA ALA A 56 2.83 -8.00 -5.56
C ALA A 56 3.29 -7.14 -4.38
N GLY A 57 2.84 -7.50 -3.18
CA GLY A 57 3.22 -6.75 -1.99
C GLY A 57 4.68 -6.36 -1.99
N LYS A 58 5.55 -7.36 -2.10
CA LYS A 58 7.00 -7.11 -2.11
C LYS A 58 7.36 -6.09 -3.18
N GLU A 59 7.01 -6.40 -4.42
CA GLU A 59 7.30 -5.50 -5.54
C GLU A 59 6.93 -4.06 -5.20
N LEU A 60 5.64 -3.83 -4.97
CA LEU A 60 5.16 -2.50 -4.62
C LEU A 60 6.14 -1.77 -3.70
N CYS A 61 6.44 -2.40 -2.57
CA CYS A 61 7.37 -1.83 -1.61
C CYS A 61 8.79 -1.77 -2.17
N ALA A 62 9.08 -2.66 -3.11
CA ALA A 62 10.40 -2.71 -3.73
C ALA A 62 10.50 -1.72 -4.89
N MET A 63 9.35 -1.18 -5.30
CA MET A 63 9.31 -0.22 -6.40
C MET A 63 9.67 1.17 -5.92
N SER A 64 9.64 2.14 -6.84
CA SER A 64 9.98 3.52 -6.50
C SER A 64 8.89 4.47 -7.00
N GLU A 65 8.70 5.56 -6.28
CA GLU A 65 7.69 6.55 -6.65
C GLU A 65 7.56 6.66 -8.16
N GLU A 66 8.68 6.94 -8.83
CA GLU A 66 8.68 7.07 -10.28
C GLU A 66 8.09 5.83 -10.94
N GLN A 67 8.42 4.66 -10.41
CA GLN A 67 7.91 3.41 -10.95
C GLN A 67 6.39 3.37 -10.92
N PHE A 68 5.82 3.81 -9.79
CA PHE A 68 4.36 3.83 -9.63
C PHE A 68 3.72 4.79 -10.63
N ARG A 69 4.48 5.80 -11.03
CA ARG A 69 3.98 6.79 -11.99
C ARG A 69 4.14 6.30 -13.41
N GLN A 70 5.05 5.36 -13.62
CA GLN A 70 5.31 4.80 -14.93
C GLN A 70 4.13 3.97 -15.42
N ARG A 71 3.38 3.41 -14.47
CA ARG A 71 2.23 2.59 -14.80
C ARG A 71 0.93 3.35 -14.53
N SER A 72 0.98 4.31 -13.62
CA SER A 72 -0.19 5.10 -13.28
C SER A 72 0.17 6.58 -13.19
N PRO A 73 -0.05 7.32 -14.29
CA PRO A 73 0.24 8.74 -14.37
C PRO A 73 -0.70 9.58 -13.52
N LEU A 74 -2.00 9.34 -13.68
CA LEU A 74 -3.01 10.07 -12.91
C LEU A 74 -2.88 9.80 -11.43
N GLY A 75 -2.15 8.74 -11.08
CA GLY A 75 -1.96 8.39 -9.68
C GLY A 75 -0.49 8.24 -9.33
N GLY A 76 0.05 7.05 -9.54
CA GLY A 76 1.45 6.80 -9.23
C GLY A 76 1.83 7.29 -7.84
N ASP A 77 2.29 8.53 -7.76
CA ASP A 77 2.70 9.11 -6.49
C ASP A 77 1.75 8.69 -5.38
N VAL A 78 0.45 8.89 -5.60
CA VAL A 78 -0.57 8.52 -4.62
C VAL A 78 -0.27 7.16 -4.00
N LEU A 79 0.04 6.18 -4.84
CA LEU A 79 0.34 4.83 -4.38
C LEU A 79 1.61 4.82 -3.54
N HIS A 80 2.74 5.15 -4.16
CA HIS A 80 4.02 5.18 -3.47
C HIS A 80 3.93 6.03 -2.20
N ALA A 81 2.98 6.96 -2.18
CA ALA A 81 2.79 7.83 -1.03
C ALA A 81 1.98 7.13 0.06
N HIS A 82 0.71 6.87 -0.23
CA HIS A 82 -0.18 6.22 0.73
C HIS A 82 0.39 4.86 1.14
N LEU A 83 1.39 4.40 0.40
CA LEU A 83 2.02 3.11 0.69
C LEU A 83 3.14 3.27 1.72
N ASP A 84 3.93 4.33 1.57
CA ASP A 84 5.03 4.59 2.49
C ASP A 84 4.60 4.38 3.93
N ILE A 85 3.40 4.86 4.26
CA ILE A 85 2.88 4.70 5.62
C ILE A 85 2.83 3.25 6.04
N TRP A 86 2.50 2.37 5.08
CA TRP A 86 2.42 0.94 5.36
C TRP A 86 3.81 0.34 5.48
N LYS A 87 4.56 0.33 4.37
CA LYS A 87 5.91 -0.22 4.37
C LYS A 87 6.71 0.27 5.56
N SER A 88 6.56 1.56 5.88
CA SER A 88 7.27 2.15 7.01
C SER A 88 6.91 1.45 8.31
N ALA A 89 5.61 1.21 8.51
CA ALA A 89 5.13 0.54 9.71
C ALA A 89 5.42 -0.96 9.66
N ALA A 90 5.52 -1.49 8.46
CA ALA A 90 5.80 -2.92 8.27
C ALA A 90 7.30 -3.21 8.34
N SER A 91 8.10 -2.16 8.17
CA SER A 91 9.55 -2.29 8.21
C SER A 91 10.10 -1.86 9.56
N GLY A 92 9.38 -2.22 10.62
CA GLY A 92 9.81 -1.85 11.96
C GLY A 92 10.17 -0.39 12.08
N PRO A 93 10.65 0.02 13.27
CA PRO A 93 11.03 1.41 13.54
C PRO A 93 12.29 1.82 12.79
N SER A 94 12.61 3.10 12.83
CA SER A 94 13.79 3.63 12.14
C SER A 94 13.77 3.24 10.66
N SER A 95 12.61 3.35 10.03
CA SER A 95 12.46 3.01 8.63
C SER A 95 12.40 4.27 7.77
N GLY A 96 13.26 5.24 8.09
CA GLY A 96 13.28 6.48 7.33
C GLY A 96 13.34 6.25 5.83
N GLY A 1 -0.80 0.14 22.22
CA GLY A 1 0.26 -0.68 21.68
C GLY A 1 0.99 -1.47 22.74
N SER A 2 1.91 -2.33 22.31
CA SER A 2 2.67 -3.16 23.25
C SER A 2 3.89 -2.41 23.77
N SER A 3 4.66 -1.83 22.85
CA SER A 3 5.85 -1.08 23.23
C SER A 3 5.86 0.30 22.58
N GLY A 4 5.11 1.23 23.18
CA GLY A 4 5.04 2.58 22.65
C GLY A 4 4.99 2.61 21.14
N SER A 5 3.91 2.09 20.57
CA SER A 5 3.74 2.06 19.12
C SER A 5 2.49 2.82 18.70
N SER A 6 2.66 3.71 17.72
CA SER A 6 1.54 4.51 17.22
C SER A 6 1.72 4.82 15.74
N GLY A 7 0.61 4.89 15.02
CA GLY A 7 0.66 5.18 13.59
C GLY A 7 -0.12 4.17 12.77
N LEU A 8 0.47 2.99 12.57
CA LEU A 8 -0.17 1.95 11.79
C LEU A 8 -1.59 1.66 12.30
N LYS A 9 -1.86 2.13 13.51
CA LYS A 9 -3.18 1.93 14.13
C LYS A 9 -4.29 2.22 13.12
N ASP A 10 -4.01 3.11 12.18
CA ASP A 10 -5.00 3.47 11.17
C ASP A 10 -4.91 2.54 9.97
N ILE A 11 -3.72 2.00 9.74
CA ILE A 11 -3.50 1.08 8.62
C ILE A 11 -4.36 -0.16 8.76
N GLU A 12 -4.27 -0.81 9.92
CA GLU A 12 -5.06 -2.02 10.17
C GLU A 12 -6.55 -1.77 9.93
N THR A 13 -7.01 -0.59 10.32
CA THR A 13 -8.41 -0.23 10.15
C THR A 13 -8.83 -0.34 8.69
N ALA A 14 -7.87 -0.15 7.79
CA ALA A 14 -8.14 -0.23 6.36
C ALA A 14 -7.91 -1.64 5.83
N CYS A 15 -7.27 -2.48 6.64
CA CYS A 15 -6.99 -3.85 6.25
C CYS A 15 -8.08 -4.79 6.75
N LYS A 16 -8.95 -4.28 7.61
CA LYS A 16 -10.04 -5.07 8.15
C LYS A 16 -11.13 -5.31 7.11
N LEU A 17 -11.49 -4.24 6.39
CA LEU A 17 -12.52 -4.33 5.37
C LEU A 17 -11.95 -4.90 4.07
N LEU A 18 -10.63 -5.10 4.04
CA LEU A 18 -9.97 -5.65 2.87
C LEU A 18 -9.53 -7.08 3.12
N ASN A 19 -9.47 -7.47 4.39
CA ASN A 19 -9.06 -8.82 4.76
C ASN A 19 -7.63 -9.10 4.32
N ILE A 20 -6.75 -8.12 4.53
CA ILE A 20 -5.34 -8.27 4.16
C ILE A 20 -4.43 -8.09 5.36
N THR A 21 -3.13 -8.15 5.12
CA THR A 21 -2.14 -7.99 6.18
C THR A 21 -1.61 -6.56 6.24
N ALA A 22 -1.60 -5.98 7.43
CA ALA A 22 -1.11 -4.62 7.62
C ALA A 22 0.18 -4.39 6.85
N ASP A 23 0.97 -5.45 6.68
CA ASP A 23 2.23 -5.37 5.95
C ASP A 23 2.00 -5.42 4.45
N PRO A 24 2.42 -4.35 3.75
CA PRO A 24 2.26 -4.24 2.29
C PRO A 24 3.16 -5.21 1.54
N MET A 25 4.35 -5.46 2.11
CA MET A 25 5.31 -6.36 1.49
C MET A 25 4.84 -7.81 1.59
N ASP A 26 3.73 -8.01 2.30
CA ASP A 26 3.17 -9.35 2.47
C ASP A 26 1.93 -9.54 1.61
N TRP A 27 1.46 -8.45 1.02
CA TRP A 27 0.28 -8.49 0.17
C TRP A 27 0.38 -9.61 -0.86
N SER A 28 -0.43 -10.65 -0.68
CA SER A 28 -0.43 -11.79 -1.59
C SER A 28 -1.60 -12.72 -1.29
N PRO A 29 -2.02 -13.49 -2.31
CA PRO A 29 -1.41 -13.44 -3.64
C PRO A 29 -1.70 -12.13 -4.37
N SER A 30 -2.98 -11.77 -4.42
CA SER A 30 -3.39 -10.54 -5.09
C SER A 30 -4.00 -9.56 -4.10
N ASN A 31 -3.40 -9.49 -2.91
CA ASN A 31 -3.88 -8.59 -1.88
C ASN A 31 -3.67 -7.13 -2.28
N VAL A 32 -2.65 -6.88 -3.08
CA VAL A 32 -2.34 -5.53 -3.54
C VAL A 32 -3.59 -4.85 -4.08
N GLN A 33 -4.27 -5.50 -5.01
CA GLN A 33 -5.47 -4.95 -5.61
C GLN A 33 -6.39 -4.35 -4.55
N LYS A 34 -6.47 -5.02 -3.40
CA LYS A 34 -7.30 -4.56 -2.30
C LYS A 34 -6.84 -3.20 -1.80
N TRP A 35 -5.53 -3.07 -1.57
CA TRP A 35 -4.96 -1.82 -1.09
C TRP A 35 -5.06 -0.73 -2.16
N LEU A 36 -5.35 -1.14 -3.39
CA LEU A 36 -5.48 -0.20 -4.49
C LEU A 36 -6.90 0.34 -4.59
N LEU A 37 -7.85 -0.55 -4.90
CA LEU A 37 -9.25 -0.17 -5.03
C LEU A 37 -9.71 0.60 -3.79
N TRP A 38 -8.98 0.43 -2.70
CA TRP A 38 -9.33 1.10 -1.45
C TRP A 38 -9.07 2.60 -1.54
N THR A 39 -7.78 2.98 -1.59
CA THR A 39 -7.40 4.37 -1.69
C THR A 39 -7.82 4.98 -3.02
N GLU A 40 -7.80 4.15 -4.06
CA GLU A 40 -8.18 4.60 -5.40
C GLU A 40 -9.54 5.30 -5.37
N HIS A 41 -10.44 4.82 -4.51
CA HIS A 41 -11.76 5.40 -4.39
C HIS A 41 -11.75 6.59 -3.44
N GLN A 42 -10.69 6.70 -2.65
CA GLN A 42 -10.56 7.80 -1.69
C GLN A 42 -9.77 8.96 -2.31
N TYR A 43 -9.12 8.69 -3.44
CA TYR A 43 -8.33 9.72 -4.12
C TYR A 43 -8.82 9.90 -5.56
N ARG A 44 -9.83 9.13 -5.94
CA ARG A 44 -10.39 9.21 -7.28
C ARG A 44 -9.33 8.87 -8.33
N LEU A 45 -8.58 7.80 -8.08
CA LEU A 45 -7.53 7.36 -8.99
C LEU A 45 -8.07 6.35 -9.99
N PRO A 46 -7.41 6.25 -11.16
CA PRO A 46 -7.81 5.33 -12.21
C PRO A 46 -7.56 3.86 -11.84
N PRO A 47 -8.07 2.95 -12.66
CA PRO A 47 -7.92 1.50 -12.44
C PRO A 47 -6.48 1.03 -12.65
N MET A 48 -5.73 0.90 -11.55
CA MET A 48 -4.36 0.46 -11.62
C MET A 48 -4.26 -1.06 -11.50
N GLY A 49 -5.26 -1.66 -10.85
CA GLY A 49 -5.26 -3.10 -10.67
C GLY A 49 -4.77 -3.83 -11.90
N LYS A 50 -5.11 -3.32 -13.08
CA LYS A 50 -4.69 -3.94 -14.34
C LYS A 50 -3.19 -3.79 -14.54
N ALA A 51 -2.65 -2.63 -14.19
CA ALA A 51 -1.22 -2.37 -14.32
C ALA A 51 -0.43 -3.04 -13.21
N PHE A 52 -1.06 -3.20 -12.05
CA PHE A 52 -0.41 -3.84 -10.91
C PHE A 52 -0.93 -5.26 -10.70
N GLN A 53 -1.69 -5.75 -11.68
CA GLN A 53 -2.26 -7.09 -11.60
C GLN A 53 -1.17 -8.13 -11.38
N GLU A 54 0.00 -7.90 -11.98
CA GLU A 54 1.12 -8.81 -11.85
C GLU A 54 1.98 -8.45 -10.64
N LEU A 55 1.88 -7.20 -10.21
CA LEU A 55 2.65 -6.73 -9.06
C LEU A 55 2.12 -7.32 -7.77
N ALA A 56 3.00 -7.48 -6.78
CA ALA A 56 2.61 -8.03 -5.49
C ALA A 56 3.02 -7.11 -4.35
N GLY A 57 2.79 -7.55 -3.12
CA GLY A 57 3.14 -6.74 -1.96
C GLY A 57 4.60 -6.35 -1.95
N LYS A 58 5.48 -7.33 -2.02
CA LYS A 58 6.91 -7.09 -2.03
C LYS A 58 7.30 -6.13 -3.15
N GLU A 59 6.90 -6.48 -4.38
CA GLU A 59 7.21 -5.65 -5.54
C GLU A 59 6.86 -4.19 -5.27
N LEU A 60 5.58 -3.93 -4.97
CA LEU A 60 5.12 -2.57 -4.70
C LEU A 60 6.09 -1.85 -3.78
N CYS A 61 6.35 -2.43 -2.62
CA CYS A 61 7.26 -1.83 -1.65
C CYS A 61 8.68 -1.79 -2.19
N ALA A 62 9.00 -2.73 -3.08
CA ALA A 62 10.33 -2.80 -3.68
C ALA A 62 10.47 -1.81 -4.83
N MET A 63 9.33 -1.33 -5.32
CA MET A 63 9.33 -0.37 -6.42
C MET A 63 9.72 1.02 -5.94
N SER A 64 9.65 2.00 -6.85
CA SER A 64 10.01 3.37 -6.51
C SER A 64 8.94 4.34 -7.00
N GLU A 65 8.76 5.43 -6.28
CA GLU A 65 7.77 6.44 -6.64
C GLU A 65 7.64 6.56 -8.15
N GLU A 66 8.75 6.90 -8.80
CA GLU A 66 8.76 7.06 -10.26
C GLU A 66 8.16 5.83 -10.93
N GLN A 67 8.51 4.65 -10.43
CA GLN A 67 8.00 3.40 -10.99
C GLN A 67 6.48 3.37 -10.94
N PHE A 68 5.92 3.77 -9.80
CA PHE A 68 4.48 3.78 -9.62
C PHE A 68 3.81 4.73 -10.60
N ARG A 69 4.56 5.73 -11.06
CA ARG A 69 4.04 6.71 -12.00
C ARG A 69 4.20 6.22 -13.44
N GLN A 70 5.10 5.27 -13.64
CA GLN A 70 5.36 4.71 -14.97
C GLN A 70 4.16 3.91 -15.46
N ARG A 71 3.39 3.37 -14.52
CA ARG A 71 2.21 2.57 -14.85
C ARG A 71 0.94 3.36 -14.61
N SER A 72 0.99 4.29 -13.65
CA SER A 72 -0.17 5.11 -13.31
C SER A 72 0.22 6.59 -13.25
N PRO A 73 -0.01 7.30 -14.35
CA PRO A 73 0.30 8.73 -14.46
C PRO A 73 -0.62 9.59 -13.59
N LEU A 74 -1.93 9.34 -13.71
CA LEU A 74 -2.91 10.09 -12.93
C LEU A 74 -2.74 9.85 -11.44
N GLY A 75 -2.11 8.72 -11.10
CA GLY A 75 -1.90 8.39 -9.70
C GLY A 75 -0.43 8.23 -9.37
N GLY A 76 0.09 7.02 -9.57
CA GLY A 76 1.49 6.76 -9.29
C GLY A 76 1.92 7.30 -7.93
N ASP A 77 2.37 8.54 -7.91
CA ASP A 77 2.82 9.17 -6.67
C ASP A 77 1.87 8.82 -5.52
N VAL A 78 0.57 8.81 -5.81
CA VAL A 78 -0.42 8.49 -4.79
C VAL A 78 -0.12 7.17 -4.11
N LEU A 79 0.07 6.12 -4.91
CA LEU A 79 0.38 4.81 -4.37
C LEU A 79 1.65 4.84 -3.52
N HIS A 80 2.77 5.15 -4.16
CA HIS A 80 4.05 5.21 -3.47
C HIS A 80 3.94 6.05 -2.20
N ALA A 81 3.00 7.01 -2.21
CA ALA A 81 2.79 7.88 -1.07
C ALA A 81 2.00 7.17 0.02
N HIS A 82 0.73 6.88 -0.25
CA HIS A 82 -0.13 6.20 0.70
C HIS A 82 0.47 4.86 1.11
N LEU A 83 1.48 4.41 0.37
CA LEU A 83 2.12 3.14 0.65
C LEU A 83 3.23 3.31 1.68
N ASP A 84 3.98 4.40 1.57
CA ASP A 84 5.07 4.68 2.50
C ASP A 84 4.63 4.45 3.93
N ILE A 85 3.45 4.97 4.28
CA ILE A 85 2.91 4.83 5.63
C ILE A 85 2.86 3.36 6.04
N TRP A 86 2.54 2.49 5.09
CA TRP A 86 2.45 1.06 5.35
C TRP A 86 3.84 0.45 5.47
N LYS A 87 4.57 0.43 4.36
CA LYS A 87 5.92 -0.13 4.35
C LYS A 87 6.74 0.38 5.52
N SER A 88 6.58 1.67 5.82
CA SER A 88 7.32 2.29 6.93
C SER A 88 6.95 1.64 8.25
N ALA A 89 5.65 1.40 8.45
CA ALA A 89 5.18 0.78 9.68
C ALA A 89 5.44 -0.73 9.68
N ALA A 90 5.53 -1.30 8.48
CA ALA A 90 5.79 -2.73 8.35
C ALA A 90 7.28 -3.03 8.46
N SER A 91 8.10 -2.01 8.26
CA SER A 91 9.55 -2.17 8.33
C SER A 91 10.07 -1.78 9.72
N GLY A 92 9.24 -2.00 10.73
CA GLY A 92 9.63 -1.66 12.09
C GLY A 92 9.49 -0.18 12.38
N PRO A 93 9.47 0.17 13.67
CA PRO A 93 9.33 1.57 14.11
C PRO A 93 10.57 2.40 13.79
N SER A 94 11.57 1.77 13.20
CA SER A 94 12.81 2.45 12.84
C SER A 94 12.51 3.85 12.29
N SER A 95 13.50 4.74 12.41
CA SER A 95 13.35 6.11 11.93
C SER A 95 12.54 6.15 10.63
N GLY A 96 13.00 5.39 9.64
CA GLY A 96 12.31 5.35 8.36
C GLY A 96 12.96 6.25 7.33
#